data_9F1G
#
_entry.id   9F1G
#
_entity_poly.entity_id   1
_entity_poly.type   'polypeptide(L)'
_entity_poly.pdbx_seq_one_letter_code
;NKIALLHKEAEEKRAMIEAKRGEDLLKAEELAAKYRATGTAPKKILGIF
;
_entity_poly.pdbx_strand_id   A
#
# COMPACT_ATOMS: atom_id res chain seq x y z
N ASN A 1 -1.69 31.21 3.17
CA ASN A 1 -2.51 31.16 4.41
C ASN A 1 -2.27 29.84 5.13
N LYS A 2 -2.18 29.93 6.45
CA LYS A 2 -1.70 28.84 7.27
C LYS A 2 -2.59 27.63 7.20
N ILE A 3 -3.88 27.83 7.21
CA ILE A 3 -4.80 26.71 7.12
C ILE A 3 -4.59 25.96 5.82
N ALA A 4 -4.30 26.71 4.77
CA ALA A 4 -4.03 26.11 3.47
C ALA A 4 -2.72 25.36 3.51
N LEU A 5 -1.77 25.93 4.26
CA LEU A 5 -0.50 25.29 4.52
C LEU A 5 -0.70 23.99 5.29
N LEU A 6 -1.62 24.02 6.24
CA LEU A 6 -1.92 22.86 7.07
C LEU A 6 -2.81 21.88 6.35
N HIS A 7 -3.68 22.40 5.51
CA HIS A 7 -4.46 21.56 4.61
C HIS A 7 -3.51 20.83 3.69
N LYS A 8 -2.42 21.49 3.39
CA LYS A 8 -1.34 20.92 2.61
C LYS A 8 -0.58 19.93 3.46
N GLU A 9 -0.34 20.29 4.71
CA GLU A 9 0.32 19.42 5.66
C GLU A 9 -0.46 18.12 5.78
N ALA A 10 -1.77 18.27 5.88
CA ALA A 10 -2.68 17.15 5.92
C ALA A 10 -2.61 16.33 4.63
N GLU A 11 -2.44 17.01 3.50
CA GLU A 11 -2.41 16.34 2.23
C GLU A 11 -1.03 15.72 1.99
N GLU A 12 -0.03 16.26 2.65
CA GLU A 12 1.30 15.69 2.64
C GLU A 12 1.30 14.43 3.47
N LYS A 13 0.51 14.45 4.53
CA LYS A 13 0.24 13.26 5.31
C LYS A 13 -0.46 12.23 4.45
N ARG A 14 -1.49 12.68 3.75
CA ARG A 14 -2.17 11.84 2.77
C ARG A 14 -1.17 11.24 1.80
N ALA A 15 -0.34 12.09 1.22
CA ALA A 15 0.65 11.67 0.25
C ALA A 15 1.66 10.73 0.88
N MET A 16 1.91 10.93 2.16
CA MET A 16 2.77 10.06 2.94
C MET A 16 2.09 8.72 3.19
N ILE A 17 0.80 8.78 3.46
CA ILE A 17 -0.01 7.59 3.62
C ILE A 17 -0.08 6.84 2.30
N GLU A 18 -0.36 7.59 1.25
CA GLU A 18 -0.44 7.02 -0.09
C GLU A 18 0.92 6.59 -0.58
N ALA A 19 1.95 7.11 0.06
CA ALA A 19 3.30 6.63 -0.19
C ALA A 19 3.42 5.23 0.37
N LYS A 20 2.98 5.08 1.62
CA LYS A 20 2.88 3.79 2.26
C LYS A 20 1.98 2.88 1.45
N ARG A 21 0.83 3.38 1.07
CA ARG A 21 -0.13 2.58 0.31
C ARG A 21 0.43 2.21 -1.05
N GLY A 22 1.10 3.15 -1.68
CA GLY A 22 1.75 2.87 -2.95
C GLY A 22 2.79 1.80 -2.82
N GLU A 23 3.42 1.75 -1.66
CA GLU A 23 4.39 0.72 -1.37
C GLU A 23 3.69 -0.54 -0.91
N ASP A 24 2.62 -0.37 -0.17
CA ASP A 24 1.83 -1.47 0.37
C ASP A 24 1.23 -2.26 -0.77
N LEU A 25 0.75 -1.51 -1.74
CA LEU A 25 0.27 -2.04 -2.99
C LEU A 25 1.39 -2.82 -3.66
N LEU A 26 2.59 -2.26 -3.64
CA LEU A 26 3.76 -2.93 -4.19
C LEU A 26 4.16 -4.12 -3.34
N LYS A 27 3.91 -4.06 -2.05
CA LYS A 27 4.16 -5.17 -1.17
C LYS A 27 3.18 -6.27 -1.50
N ALA A 28 1.99 -5.86 -1.92
CA ALA A 28 0.97 -6.79 -2.35
C ALA A 28 1.27 -7.24 -3.77
N GLU A 29 2.09 -6.48 -4.46
CA GLU A 29 2.61 -6.86 -5.76
C GLU A 29 3.67 -7.91 -5.56
N GLU A 30 4.50 -7.69 -4.56
CA GLU A 30 5.43 -8.69 -4.09
C GLU A 30 4.67 -9.92 -3.66
N LEU A 31 3.61 -9.72 -2.89
CA LEU A 31 2.78 -10.82 -2.48
C LEU A 31 2.26 -11.53 -3.71
N ALA A 32 1.80 -10.76 -4.67
CA ALA A 32 1.31 -11.34 -5.90
C ALA A 32 2.41 -12.12 -6.61
N ALA A 33 3.65 -11.63 -6.51
CA ALA A 33 4.78 -12.30 -7.13
C ALA A 33 5.18 -13.55 -6.34
N LYS A 34 5.09 -13.47 -5.03
CA LYS A 34 5.46 -14.57 -4.14
C LYS A 34 4.41 -15.64 -4.18
N TYR A 35 3.18 -15.20 -4.11
CA TYR A 35 2.04 -16.07 -4.06
C TYR A 35 1.82 -16.75 -5.40
N ARG A 36 2.03 -16.01 -6.46
CA ARG A 36 2.03 -16.57 -7.80
C ARG A 36 3.10 -17.65 -7.91
N ALA A 37 4.30 -17.32 -7.47
CA ALA A 37 5.40 -18.27 -7.44
C ALA A 37 5.52 -18.86 -6.05
N THR A 38 4.43 -19.48 -5.62
CA THR A 38 4.19 -19.83 -4.23
C THR A 38 5.44 -20.29 -3.48
N GLY A 39 5.92 -21.49 -3.81
CA GLY A 39 7.04 -22.06 -3.07
C GLY A 39 6.83 -22.03 -1.58
N THR A 40 5.58 -22.21 -1.17
CA THR A 40 5.17 -22.05 0.23
C THR A 40 3.88 -22.81 0.50
N ALA A 41 3.39 -22.68 1.72
CA ALA A 41 2.11 -23.23 2.15
C ALA A 41 0.93 -22.60 1.32
N PRO A 42 -0.36 -22.68 1.77
CA PRO A 42 -1.47 -21.99 1.09
C PRO A 42 -1.31 -20.47 1.01
N LYS A 43 -0.14 -19.98 1.41
CA LYS A 43 0.23 -18.56 1.34
C LYS A 43 0.09 -18.02 -0.10
N LYS A 44 -1.15 -17.93 -0.55
CA LYS A 44 -1.49 -17.50 -1.91
C LYS A 44 -2.98 -17.72 -2.20
N ILE A 45 -3.64 -18.58 -1.43
CA ILE A 45 -5.03 -18.90 -1.72
C ILE A 45 -5.99 -17.86 -1.14
N LEU A 46 -6.89 -17.41 -2.00
CA LEU A 46 -8.03 -16.55 -1.66
C LEU A 46 -7.74 -15.48 -0.61
N GLY A 47 -6.54 -14.92 -0.67
CA GLY A 47 -6.19 -13.87 0.25
C GLY A 47 -4.71 -13.84 0.60
N ILE A 48 -4.30 -14.71 1.51
CA ILE A 48 -2.94 -14.66 2.02
C ILE A 48 -2.56 -15.89 2.88
N PHE A 49 -3.26 -16.09 3.99
CA PHE A 49 -2.88 -17.12 4.98
C PHE A 49 -1.50 -16.82 5.56
N ASN A 1 -2.40 31.11 3.52
CA ASN A 1 -2.98 31.09 4.89
C ASN A 1 -2.64 29.78 5.57
N LYS A 2 -2.46 29.87 6.89
CA LYS A 2 -1.88 28.82 7.68
C LYS A 2 -2.71 27.57 7.71
N ILE A 3 -4.01 27.74 7.88
CA ILE A 3 -4.90 26.59 7.90
C ILE A 3 -4.83 25.86 6.58
N ALA A 4 -4.69 26.61 5.50
CA ALA A 4 -4.59 26.03 4.18
C ALA A 4 -3.23 25.36 4.03
N LEU A 5 -2.23 25.95 4.67
CA LEU A 5 -0.91 25.37 4.77
C LEU A 5 -0.97 24.05 5.54
N LEU A 6 -1.78 24.02 6.59
CA LEU A 6 -1.95 22.84 7.41
C LEU A 6 -2.85 21.83 6.74
N HIS A 7 -3.82 22.33 6.00
CA HIS A 7 -4.64 21.48 5.16
C HIS A 7 -3.75 20.79 4.16
N LYS A 8 -2.73 21.52 3.74
CA LYS A 8 -1.70 20.99 2.85
C LYS A 8 -0.83 20.01 3.62
N GLU A 9 -0.55 20.32 4.87
CA GLU A 9 0.23 19.46 5.73
C GLU A 9 -0.47 18.10 5.88
N ALA A 10 -1.78 18.16 6.02
CA ALA A 10 -2.60 16.97 6.06
C ALA A 10 -2.55 16.22 4.74
N GLU A 11 -2.54 16.97 3.64
CA GLU A 11 -2.48 16.39 2.31
C GLU A 11 -1.09 15.84 2.03
N GLU A 12 -0.09 16.46 2.64
CA GLU A 12 1.27 15.96 2.59
C GLU A 12 1.36 14.64 3.33
N LYS A 13 0.63 14.55 4.42
CA LYS A 13 0.50 13.31 5.15
C LYS A 13 -0.20 12.28 4.28
N ARG A 14 -1.29 12.69 3.67
CA ARG A 14 -1.98 11.83 2.72
C ARG A 14 -1.03 11.37 1.64
N ALA A 15 -0.21 12.28 1.17
CA ALA A 15 0.77 11.99 0.13
C ALA A 15 1.79 10.96 0.60
N MET A 16 2.22 11.07 1.85
CA MET A 16 3.14 10.09 2.40
C MET A 16 2.40 8.79 2.71
N ILE A 17 1.10 8.89 2.86
CA ILE A 17 0.26 7.71 3.01
C ILE A 17 0.13 7.03 1.67
N GLU A 18 -0.13 7.82 0.66
CA GLU A 18 -0.19 7.35 -0.72
C GLU A 18 1.14 6.79 -1.14
N ALA A 19 2.20 7.28 -0.53
CA ALA A 19 3.52 6.73 -0.74
C ALA A 19 3.58 5.33 -0.15
N LYS A 20 3.12 5.21 1.08
CA LYS A 20 2.99 3.94 1.76
C LYS A 20 2.09 3.00 0.96
N ARG A 21 0.99 3.52 0.47
CA ARG A 21 0.04 2.73 -0.30
C ARG A 21 0.63 2.34 -1.63
N GLY A 22 1.36 3.26 -2.25
CA GLY A 22 2.04 2.95 -3.50
C GLY A 22 3.07 1.87 -3.30
N GLU A 23 3.65 1.84 -2.12
CA GLU A 23 4.56 0.79 -1.74
C GLU A 23 3.81 -0.45 -1.32
N ASP A 24 2.69 -0.24 -0.64
CA ASP A 24 1.87 -1.33 -0.15
C ASP A 24 1.28 -2.11 -1.29
N LEU A 25 0.89 -1.39 -2.31
CA LEU A 25 0.47 -1.95 -3.56
C LEU A 25 1.57 -2.84 -4.12
N LEU A 26 2.79 -2.36 -4.06
CA LEU A 26 3.95 -3.12 -4.49
C LEU A 26 4.24 -4.25 -3.52
N LYS A 27 3.92 -4.06 -2.26
CA LYS A 27 4.06 -5.11 -1.27
C LYS A 27 3.06 -6.20 -1.57
N ALA A 28 1.91 -5.80 -2.06
CA ALA A 28 0.88 -6.73 -2.48
C ALA A 28 1.29 -7.38 -3.79
N GLU A 29 2.16 -6.69 -4.51
CA GLU A 29 2.77 -7.22 -5.71
C GLU A 29 3.80 -8.26 -5.34
N GLU A 30 4.56 -7.94 -4.30
CA GLU A 30 5.45 -8.89 -3.68
C GLU A 30 4.68 -10.10 -3.22
N LEU A 31 3.56 -9.84 -2.56
CA LEU A 31 2.70 -10.91 -2.11
C LEU A 31 2.26 -11.72 -3.31
N ALA A 32 1.89 -11.03 -4.38
CA ALA A 32 1.42 -11.71 -5.58
C ALA A 32 2.58 -12.36 -6.34
N ALA A 33 3.79 -12.18 -5.83
CA ALA A 33 4.95 -12.87 -6.37
C ALA A 33 5.34 -14.05 -5.48
N LYS A 34 5.23 -13.84 -4.17
CA LYS A 34 5.60 -14.84 -3.18
C LYS A 34 4.52 -15.88 -3.06
N TYR A 35 3.34 -15.37 -2.84
CA TYR A 35 2.15 -16.17 -2.69
C TYR A 35 1.88 -16.92 -3.98
N ARG A 36 2.20 -16.25 -5.08
CA ARG A 36 2.22 -16.85 -6.39
C ARG A 36 3.05 -18.14 -6.38
N ALA A 37 4.17 -18.10 -5.69
CA ALA A 37 5.07 -19.23 -5.62
C ALA A 37 4.80 -20.06 -4.37
N THR A 38 3.63 -19.91 -3.79
CA THR A 38 3.26 -20.66 -2.61
C THR A 38 2.45 -21.91 -2.97
N GLY A 39 1.42 -21.73 -3.78
CA GLY A 39 0.57 -22.84 -4.16
C GLY A 39 -0.47 -23.14 -3.11
N THR A 40 -1.33 -22.16 -2.89
CA THR A 40 -2.34 -22.23 -1.85
C THR A 40 -3.63 -21.58 -2.33
N ALA A 41 -4.61 -21.50 -1.43
CA ALA A 41 -5.83 -20.71 -1.63
C ALA A 41 -5.49 -19.35 -2.25
N PRO A 42 -6.49 -18.62 -2.82
CA PRO A 42 -6.29 -17.35 -3.56
C PRO A 42 -5.60 -16.25 -2.74
N LYS A 43 -5.14 -16.62 -1.55
CA LYS A 43 -4.23 -15.82 -0.77
C LYS A 43 -2.92 -15.60 -1.56
N LYS A 44 -3.08 -14.92 -2.67
CA LYS A 44 -2.00 -14.54 -3.58
C LYS A 44 -2.48 -13.32 -4.35
N ILE A 45 -3.73 -13.43 -4.80
CA ILE A 45 -4.37 -12.37 -5.57
C ILE A 45 -5.30 -11.55 -4.69
N LEU A 46 -5.80 -12.21 -3.65
CA LEU A 46 -6.76 -11.62 -2.75
C LEU A 46 -6.39 -12.01 -1.33
N GLY A 47 -7.12 -11.50 -0.35
CA GLY A 47 -6.87 -11.86 1.03
C GLY A 47 -6.89 -13.37 1.22
N ILE A 48 -8.03 -13.98 0.93
CA ILE A 48 -8.17 -15.43 0.96
C ILE A 48 -9.61 -15.84 0.66
N PHE A 49 -9.78 -16.79 -0.24
CA PHE A 49 -11.09 -17.32 -0.57
C PHE A 49 -11.04 -18.83 -0.69
N ASN A 1 -2.86 30.41 1.39
CA ASN A 1 -3.55 30.69 2.68
C ASN A 1 -3.16 29.66 3.73
N LYS A 2 -3.25 30.04 4.99
CA LYS A 2 -2.73 29.22 6.07
C LYS A 2 -3.42 27.88 6.14
N ILE A 3 -4.73 27.92 6.30
CA ILE A 3 -5.50 26.71 6.41
C ILE A 3 -5.26 25.81 5.21
N ALA A 4 -5.07 26.44 4.07
CA ALA A 4 -4.84 25.73 2.83
C ALA A 4 -3.51 25.00 2.86
N LEU A 5 -2.47 25.67 3.35
CA LEU A 5 -1.16 25.04 3.43
C LEU A 5 -1.13 23.98 4.52
N LEU A 6 -2.04 24.10 5.47
CA LEU A 6 -2.20 23.10 6.52
C LEU A 6 -3.04 21.94 6.03
N HIS A 7 -4.06 22.27 5.26
CA HIS A 7 -4.85 21.28 4.54
C HIS A 7 -3.92 20.49 3.64
N LYS A 8 -2.97 21.21 3.10
CA LYS A 8 -1.97 20.63 2.23
C LYS A 8 -0.93 19.88 3.06
N GLU A 9 -0.68 20.38 4.27
CA GLU A 9 0.23 19.72 5.19
C GLU A 9 -0.32 18.35 5.54
N ALA A 10 -1.61 18.34 5.84
CA ALA A 10 -2.34 17.11 6.08
C ALA A 10 -2.24 16.18 4.88
N GLU A 11 -2.31 16.76 3.69
CA GLU A 11 -2.24 16.00 2.46
C GLU A 11 -0.82 15.61 2.11
N GLU A 12 0.16 16.35 2.63
CA GLU A 12 1.56 15.98 2.49
C GLU A 12 1.84 14.77 3.34
N LYS A 13 1.33 14.80 4.55
CA LYS A 13 1.35 13.66 5.43
C LYS A 13 0.58 12.50 4.80
N ARG A 14 -0.60 12.80 4.30
CA ARG A 14 -1.39 11.84 3.55
C ARG A 14 -0.59 11.23 2.42
N ALA A 15 0.18 12.06 1.75
CA ALA A 15 1.02 11.63 0.64
C ALA A 15 2.14 10.74 1.16
N MET A 16 2.60 11.04 2.36
CA MET A 16 3.58 10.22 3.04
C MET A 16 2.95 8.89 3.44
N ILE A 17 1.68 8.94 3.80
CA ILE A 17 0.91 7.75 4.10
C ILE A 17 0.66 6.96 2.83
N GLU A 18 0.28 7.66 1.78
CA GLU A 18 0.09 7.07 0.47
C GLU A 18 1.38 6.47 -0.04
N ALA A 19 2.49 6.97 0.47
CA ALA A 19 3.77 6.40 0.17
C ALA A 19 3.83 4.99 0.75
N LYS A 20 3.49 4.89 2.03
CA LYS A 20 3.39 3.61 2.70
C LYS A 20 2.35 2.73 2.04
N ARG A 21 1.18 3.29 1.77
CA ARG A 21 0.10 2.53 1.19
C ARG A 21 0.43 2.10 -0.22
N GLY A 22 1.13 2.95 -0.95
CA GLY A 22 1.61 2.58 -2.26
C GLY A 22 2.62 1.47 -2.18
N GLU A 23 3.37 1.45 -1.10
CA GLU A 23 4.30 0.39 -0.84
C GLU A 23 3.57 -0.83 -0.34
N ASP A 24 2.51 -0.60 0.43
CA ASP A 24 1.68 -1.68 0.95
C ASP A 24 1.02 -2.39 -0.20
N LEU A 25 0.59 -1.60 -1.16
CA LEU A 25 0.05 -2.10 -2.40
C LEU A 25 1.13 -2.87 -3.14
N LEU A 26 2.31 -2.28 -3.18
CA LEU A 26 3.46 -2.92 -3.79
C LEU A 26 3.87 -4.17 -3.03
N LYS A 27 3.54 -4.21 -1.74
CA LYS A 27 3.76 -5.40 -0.93
C LYS A 27 2.78 -6.47 -1.33
N ALA A 28 1.62 -6.04 -1.77
CA ALA A 28 0.63 -6.95 -2.31
C ALA A 28 0.99 -7.29 -3.75
N GLU A 29 1.80 -6.43 -4.35
CA GLU A 29 2.37 -6.66 -5.66
C GLU A 29 3.49 -7.67 -5.54
N GLU A 30 4.25 -7.52 -4.47
CA GLU A 30 5.22 -8.53 -4.08
C GLU A 30 4.51 -9.84 -3.88
N LEU A 31 3.41 -9.79 -3.16
CA LEU A 31 2.61 -10.98 -2.95
C LEU A 31 2.17 -11.50 -4.30
N ALA A 32 1.69 -10.63 -5.15
CA ALA A 32 1.27 -11.03 -6.49
C ALA A 32 2.42 -11.63 -7.26
N ALA A 33 3.64 -11.19 -6.96
CA ALA A 33 4.83 -11.71 -7.61
C ALA A 33 5.22 -13.07 -7.02
N LYS A 34 5.07 -13.21 -5.72
CA LYS A 34 5.42 -14.42 -5.01
C LYS A 34 4.39 -15.48 -5.27
N TYR A 35 3.17 -15.05 -5.29
CA TYR A 35 2.04 -15.90 -5.52
C TYR A 35 1.98 -16.31 -6.99
N ARG A 36 2.48 -15.43 -7.84
CA ARG A 36 2.70 -15.75 -9.24
C ARG A 36 3.68 -16.92 -9.35
N ALA A 37 4.63 -16.95 -8.41
CA ALA A 37 5.50 -18.09 -8.26
C ALA A 37 4.78 -19.13 -7.41
N THR A 38 3.77 -19.75 -8.00
CA THR A 38 2.82 -20.60 -7.29
C THR A 38 3.42 -21.96 -6.89
N GLY A 39 4.74 -22.03 -6.86
CA GLY A 39 5.39 -23.23 -6.39
C GLY A 39 5.50 -23.23 -4.88
N THR A 40 4.38 -22.90 -4.25
CA THR A 40 4.33 -22.72 -2.81
C THR A 40 3.09 -23.40 -2.23
N ALA A 41 2.93 -23.25 -0.93
CA ALA A 41 1.73 -23.66 -0.22
C ALA A 41 0.53 -22.80 -0.70
N PRO A 42 -0.64 -22.76 -0.01
CA PRO A 42 -1.68 -21.79 -0.35
C PRO A 42 -1.21 -20.33 -0.26
N LYS A 43 0.06 -20.14 0.11
CA LYS A 43 0.72 -18.85 0.06
C LYS A 43 0.85 -18.41 -1.40
N LYS A 44 -0.30 -18.15 -2.00
CA LYS A 44 -0.43 -17.83 -3.40
C LYS A 44 -1.89 -17.57 -3.74
N ILE A 45 -2.79 -17.99 -2.86
CA ILE A 45 -4.20 -17.67 -2.98
C ILE A 45 -4.67 -16.91 -1.76
N LEU A 46 -3.88 -17.01 -0.70
CA LEU A 46 -4.11 -16.31 0.54
C LEU A 46 -2.87 -16.48 1.41
N GLY A 47 -2.93 -16.04 2.66
CA GLY A 47 -1.84 -16.27 3.58
C GLY A 47 -1.50 -17.74 3.69
N ILE A 48 -2.48 -18.54 4.12
CA ILE A 48 -2.30 -19.97 4.25
C ILE A 48 -3.52 -20.59 4.95
N PHE A 49 -3.77 -21.86 4.69
CA PHE A 49 -4.83 -22.58 5.38
C PHE A 49 -4.37 -24.00 5.69
N ASN A 1 -4.25 30.46 2.35
CA ASN A 1 -4.63 30.63 3.78
C ASN A 1 -4.07 29.50 4.62
N LYS A 2 -3.85 29.75 5.90
CA LYS A 2 -3.10 28.83 6.73
C LYS A 2 -3.75 27.47 6.78
N ILE A 3 -5.04 27.43 7.03
CA ILE A 3 -5.75 26.17 7.10
C ILE A 3 -5.57 25.36 5.84
N ALA A 4 -5.51 26.06 4.71
CA ALA A 4 -5.31 25.41 3.43
C ALA A 4 -3.88 24.92 3.31
N LEU A 5 -2.96 25.69 3.88
CA LEU A 5 -1.56 25.30 3.98
C LEU A 5 -1.42 24.07 4.86
N LEU A 6 -2.21 24.03 5.92
CA LEU A 6 -2.18 22.93 6.87
C LEU A 6 -2.97 21.74 6.34
N HIS A 7 -4.01 22.03 5.59
CA HIS A 7 -4.72 20.99 4.86
C HIS A 7 -3.80 20.39 3.82
N LYS A 8 -2.84 21.20 3.40
CA LYS A 8 -1.80 20.75 2.51
C LYS A 8 -0.78 19.95 3.29
N GLU A 9 -0.49 20.40 4.50
CA GLU A 9 0.40 19.68 5.39
C GLU A 9 -0.19 18.31 5.65
N ALA A 10 -1.50 18.30 5.86
CA ALA A 10 -2.27 17.09 5.99
C ALA A 10 -2.22 16.26 4.72
N GLU A 11 -2.20 16.92 3.57
CA GLU A 11 -2.19 16.21 2.29
C GLU A 11 -0.77 15.72 2.00
N GLU A 12 0.22 16.33 2.65
CA GLU A 12 1.59 15.87 2.57
C GLU A 12 1.74 14.62 3.42
N LYS A 13 1.14 14.66 4.59
CA LYS A 13 0.98 13.49 5.42
C LYS A 13 0.24 12.41 4.66
N ARG A 14 -0.87 12.81 4.06
CA ARG A 14 -1.63 11.94 3.19
C ARG A 14 -0.75 11.34 2.11
N ALA A 15 0.07 12.19 1.51
CA ALA A 15 0.98 11.78 0.46
C ALA A 15 2.03 10.83 1.02
N MET A 16 2.38 11.04 2.27
CA MET A 16 3.28 10.16 2.99
C MET A 16 2.59 8.82 3.25
N ILE A 17 1.29 8.89 3.48
CA ILE A 17 0.47 7.69 3.62
C ILE A 17 0.35 7.00 2.28
N GLU A 18 0.09 7.79 1.25
CA GLU A 18 0.03 7.31 -0.11
C GLU A 18 1.36 6.73 -0.53
N ALA A 19 2.42 7.23 0.07
CA ALA A 19 3.74 6.68 -0.14
C ALA A 19 3.80 5.27 0.42
N LYS A 20 3.33 5.14 1.65
CA LYS A 20 3.20 3.85 2.29
C LYS A 20 2.29 2.95 1.49
N ARG A 21 1.19 3.51 0.99
CA ARG A 21 0.23 2.75 0.22
C ARG A 21 0.78 2.33 -1.11
N GLY A 22 1.53 3.21 -1.75
CA GLY A 22 2.21 2.84 -2.98
C GLY A 22 3.19 1.70 -2.76
N GLU A 23 3.76 1.68 -1.57
CA GLU A 23 4.66 0.61 -1.17
C GLU A 23 3.87 -0.58 -0.68
N ASP A 24 2.72 -0.31 -0.10
CA ASP A 24 1.83 -1.35 0.40
C ASP A 24 1.29 -2.13 -0.78
N LEU A 25 1.00 -1.38 -1.83
CA LEU A 25 0.57 -1.94 -3.08
C LEU A 25 1.69 -2.78 -3.64
N LEU A 26 2.91 -2.25 -3.58
CA LEU A 26 4.08 -2.98 -4.01
C LEU A 26 4.29 -4.23 -3.16
N LYS A 27 3.98 -4.13 -1.88
CA LYS A 27 4.05 -5.28 -0.99
C LYS A 27 2.99 -6.29 -1.39
N ALA A 28 1.86 -5.79 -1.85
CA ALA A 28 0.81 -6.64 -2.36
C ALA A 28 1.17 -7.14 -3.76
N GLU A 29 2.09 -6.43 -4.39
CA GLU A 29 2.64 -6.83 -5.67
C GLU A 29 3.64 -7.93 -5.45
N GLU A 30 4.42 -7.77 -4.40
CA GLU A 30 5.30 -8.81 -3.92
C GLU A 30 4.48 -10.03 -3.55
N LEU A 31 3.40 -9.80 -2.81
CA LEU A 31 2.51 -10.88 -2.47
C LEU A 31 1.98 -11.51 -3.73
N ALA A 32 1.58 -10.68 -4.68
CA ALA A 32 1.08 -11.17 -5.95
C ALA A 32 2.16 -11.97 -6.68
N ALA A 33 3.41 -11.59 -6.48
CA ALA A 33 4.53 -12.30 -7.09
C ALA A 33 4.80 -13.62 -6.38
N LYS A 34 4.65 -13.64 -5.07
CA LYS A 34 4.88 -14.82 -4.27
C LYS A 34 3.76 -15.80 -4.47
N TYR A 35 2.57 -15.26 -4.39
CA TYR A 35 1.35 -16.02 -4.52
C TYR A 35 1.20 -16.57 -5.92
N ARG A 36 1.65 -15.79 -6.89
CA ARG A 36 1.73 -16.26 -8.27
C ARG A 36 2.62 -17.50 -8.36
N ALA A 37 3.73 -17.46 -7.65
CA ALA A 37 4.61 -18.60 -7.53
C ALA A 37 4.23 -19.38 -6.29
N THR A 38 2.95 -19.78 -6.25
CA THR A 38 2.27 -20.22 -5.05
C THR A 38 3.14 -21.06 -4.12
N GLY A 39 3.42 -22.30 -4.52
CA GLY A 39 4.17 -23.20 -3.66
C GLY A 39 3.65 -23.23 -2.23
N THR A 40 2.35 -23.04 -2.08
CA THR A 40 1.73 -22.86 -0.77
C THR A 40 0.28 -23.31 -0.80
N ALA A 41 -0.38 -23.14 0.35
CA ALA A 41 -1.81 -23.37 0.48
C ALA A 41 -2.60 -22.36 -0.40
N PRO A 42 -3.94 -22.19 -0.23
CA PRO A 42 -4.70 -21.09 -0.88
C PRO A 42 -4.13 -19.69 -0.60
N LYS A 43 -2.98 -19.64 0.06
CA LYS A 43 -2.21 -18.42 0.28
C LYS A 43 -1.81 -17.79 -1.06
N LYS A 44 -2.82 -17.35 -1.79
CA LYS A 44 -2.66 -16.78 -3.11
C LYS A 44 -4.00 -16.30 -3.66
N ILE A 45 -5.10 -16.84 -3.13
CA ILE A 45 -6.43 -16.40 -3.53
C ILE A 45 -7.11 -15.68 -2.39
N LEU A 46 -6.52 -15.83 -1.22
CA LEU A 46 -6.96 -15.18 -0.01
C LEU A 46 -5.93 -15.50 1.06
N GLY A 47 -6.16 -15.05 2.30
CA GLY A 47 -5.30 -15.42 3.39
C GLY A 47 -5.11 -16.93 3.46
N ILE A 48 -6.21 -17.64 3.60
CA ILE A 48 -6.23 -19.10 3.62
C ILE A 48 -7.62 -19.57 4.01
N PHE A 49 -7.96 -20.79 3.63
CA PHE A 49 -9.25 -21.36 4.01
C PHE A 49 -9.22 -21.76 5.48
N ASN A 1 -2.99 31.97 4.02
CA ASN A 1 -3.83 31.34 5.06
C ASN A 1 -3.19 30.07 5.58
N LYS A 2 -3.04 30.00 6.90
CA LYS A 2 -2.41 28.88 7.55
C LYS A 2 -3.17 27.61 7.32
N ILE A 3 -4.48 27.72 7.28
CA ILE A 3 -5.32 26.57 7.00
C ILE A 3 -4.91 25.93 5.68
N ALA A 4 -4.52 26.77 4.72
CA ALA A 4 -4.09 26.29 3.43
C ALA A 4 -2.77 25.54 3.55
N LEU A 5 -1.90 26.04 4.44
CA LEU A 5 -0.67 25.35 4.76
C LEU A 5 -0.98 24.00 5.37
N LEU A 6 -1.97 23.99 6.25
CA LEU A 6 -2.37 22.77 6.94
C LEU A 6 -3.12 21.83 6.03
N HIS A 7 -3.86 22.40 5.10
CA HIS A 7 -4.49 21.62 4.04
C HIS A 7 -3.41 20.87 3.29
N LYS A 8 -2.27 21.51 3.18
CA LYS A 8 -1.10 20.95 2.55
C LYS A 8 -0.44 19.94 3.48
N GLU A 9 -0.36 20.29 4.76
CA GLU A 9 0.22 19.41 5.75
C GLU A 9 -0.56 18.11 5.80
N ALA A 10 -1.88 18.27 5.78
CA ALA A 10 -2.80 17.14 5.74
C ALA A 10 -2.59 16.30 4.50
N GLU A 11 -2.45 16.95 3.36
CA GLU A 11 -2.34 16.24 2.11
C GLU A 11 -0.94 15.64 1.95
N GLU A 12 0.02 16.19 2.69
CA GLU A 12 1.36 15.63 2.72
C GLU A 12 1.41 14.45 3.66
N LYS A 13 0.61 14.50 4.71
CA LYS A 13 0.40 13.36 5.56
C LYS A 13 -0.28 12.27 4.76
N ARG A 14 -1.33 12.65 4.05
CA ARG A 14 -1.95 11.76 3.10
C ARG A 14 -0.91 11.20 2.15
N ALA A 15 -0.01 12.07 1.71
CA ALA A 15 1.05 11.69 0.80
C ALA A 15 1.99 10.67 1.43
N MET A 16 2.26 10.81 2.72
CA MET A 16 3.09 9.84 3.42
C MET A 16 2.31 8.56 3.65
N ILE A 17 0.99 8.67 3.64
CA ILE A 17 0.12 7.52 3.69
C ILE A 17 0.11 6.84 2.34
N GLU A 18 -0.04 7.64 1.31
CA GLU A 18 0.03 7.20 -0.06
C GLU A 18 1.39 6.61 -0.37
N ALA A 19 2.39 7.10 0.36
CA ALA A 19 3.73 6.57 0.25
C ALA A 19 3.77 5.16 0.78
N LYS A 20 3.07 4.96 1.89
CA LYS A 20 2.93 3.64 2.46
C LYS A 20 2.05 2.78 1.57
N ARG A 21 0.93 3.33 1.13
CA ARG A 21 -0.05 2.56 0.37
C ARG A 21 0.44 2.23 -1.01
N GLY A 22 1.07 3.18 -1.67
CA GLY A 22 1.61 2.93 -3.00
C GLY A 22 2.68 1.85 -2.96
N GLU A 23 3.38 1.79 -1.85
CA GLU A 23 4.35 0.75 -1.62
C GLU A 23 3.65 -0.51 -1.15
N ASP A 24 2.63 -0.34 -0.33
CA ASP A 24 1.89 -1.47 0.22
C ASP A 24 1.25 -2.24 -0.90
N LEU A 25 0.80 -1.50 -1.89
CA LEU A 25 0.21 -2.07 -3.08
C LEU A 25 1.27 -2.85 -3.84
N LEU A 26 2.42 -2.23 -4.01
CA LEU A 26 3.52 -2.88 -4.69
C LEU A 26 4.05 -4.05 -3.88
N LYS A 27 3.95 -3.94 -2.56
CA LYS A 27 4.30 -5.03 -1.67
C LYS A 27 3.29 -6.14 -1.81
N ALA A 28 2.05 -5.77 -2.03
CA ALA A 28 0.99 -6.74 -2.28
C ALA A 28 1.17 -7.34 -3.66
N GLU A 29 1.80 -6.56 -4.53
CA GLU A 29 2.20 -7.01 -5.85
C GLU A 29 3.34 -7.99 -5.74
N GLU A 30 4.30 -7.64 -4.90
CA GLU A 30 5.37 -8.54 -4.52
C GLU A 30 4.79 -9.79 -3.91
N LEU A 31 3.84 -9.62 -3.02
CA LEU A 31 3.18 -10.75 -2.41
C LEU A 31 2.52 -11.57 -3.50
N ALA A 32 1.85 -10.90 -4.42
CA ALA A 32 1.18 -11.59 -5.50
C ALA A 32 2.18 -12.29 -6.40
N ALA A 33 3.41 -11.82 -6.42
CA ALA A 33 4.47 -12.46 -7.18
C ALA A 33 5.07 -13.63 -6.42
N LYS A 34 5.29 -13.43 -5.13
CA LYS A 34 5.92 -14.43 -4.29
C LYS A 34 4.96 -15.52 -3.97
N TYR A 35 3.80 -15.11 -3.52
CA TYR A 35 2.74 -16.00 -3.10
C TYR A 35 2.28 -16.86 -4.26
N ARG A 36 2.33 -16.27 -5.44
CA ARG A 36 2.11 -17.01 -6.67
C ARG A 36 3.05 -18.23 -6.71
N ALA A 37 4.30 -18.01 -6.33
CA ALA A 37 5.32 -19.04 -6.42
C ALA A 37 5.56 -19.71 -5.06
N THR A 38 4.65 -19.51 -4.12
CA THR A 38 4.80 -20.10 -2.81
C THR A 38 4.29 -21.54 -2.80
N GLY A 39 3.07 -21.75 -3.28
CA GLY A 39 2.50 -23.08 -3.26
C GLY A 39 2.17 -23.53 -1.86
N THR A 40 1.19 -22.86 -1.27
CA THR A 40 0.82 -23.07 0.12
C THR A 40 -0.68 -22.86 0.31
N ALA A 41 -1.12 -22.96 1.56
CA ALA A 41 -2.47 -22.56 1.98
C ALA A 41 -2.87 -21.23 1.32
N PRO A 42 -4.18 -20.87 1.34
CA PRO A 42 -4.69 -19.63 0.73
C PRO A 42 -3.99 -18.35 1.17
N LYS A 43 -2.97 -18.49 2.00
CA LYS A 43 -2.06 -17.41 2.32
C LYS A 43 -1.19 -17.10 1.10
N LYS A 44 -1.86 -16.99 -0.01
CA LYS A 44 -1.23 -16.74 -1.30
C LYS A 44 -2.27 -16.26 -2.31
N ILE A 45 -3.53 -16.16 -1.88
CA ILE A 45 -4.59 -15.67 -2.76
C ILE A 45 -5.44 -14.60 -2.08
N LEU A 46 -5.72 -14.76 -0.80
CA LEU A 46 -6.54 -13.80 -0.08
C LEU A 46 -6.35 -13.94 1.43
N GLY A 47 -5.18 -14.41 1.81
CA GLY A 47 -4.89 -14.60 3.21
C GLY A 47 -5.33 -15.96 3.71
N ILE A 48 -6.63 -16.19 3.72
CA ILE A 48 -7.19 -17.46 4.20
C ILE A 48 -8.72 -17.44 4.10
N PHE A 49 -9.29 -18.58 3.74
CA PHE A 49 -10.74 -18.74 3.74
C PHE A 49 -11.08 -20.17 4.11
N ASN A 1 -3.11 30.81 3.10
CA ASN A 1 -3.45 31.00 4.54
C ASN A 1 -3.15 29.75 5.35
N LYS A 2 -3.08 29.90 6.65
CA LYS A 2 -2.58 28.87 7.53
C LYS A 2 -3.32 27.56 7.38
N ILE A 3 -4.63 27.61 7.41
CA ILE A 3 -5.42 26.40 7.34
C ILE A 3 -5.14 25.66 6.05
N ALA A 4 -4.93 26.40 4.97
CA ALA A 4 -4.62 25.80 3.69
C ALA A 4 -3.22 25.18 3.74
N LEU A 5 -2.34 25.85 4.46
CA LEU A 5 -1.01 25.35 4.74
C LEU A 5 -1.11 24.03 5.50
N LEU A 6 -2.08 23.95 6.39
CA LEU A 6 -2.35 22.74 7.16
C LEU A 6 -3.09 21.71 6.34
N HIS A 7 -3.97 22.17 5.49
CA HIS A 7 -4.63 21.31 4.52
C HIS A 7 -3.56 20.65 3.67
N LYS A 8 -2.50 21.41 3.46
CA LYS A 8 -1.35 20.95 2.73
C LYS A 8 -0.55 19.99 3.58
N GLU A 9 -0.38 20.32 4.85
CA GLU A 9 0.30 19.47 5.80
C GLU A 9 -0.41 18.12 5.86
N ALA A 10 -1.72 18.19 5.90
CA ALA A 10 -2.59 17.04 5.87
C ALA A 10 -2.42 16.24 4.59
N GLU A 11 -2.31 16.94 3.47
CA GLU A 11 -2.22 16.28 2.18
C GLU A 11 -0.80 15.76 1.96
N GLU A 12 0.15 16.33 2.70
CA GLU A 12 1.51 15.81 2.70
C GLU A 12 1.56 14.55 3.53
N LYS A 13 0.77 14.53 4.60
CA LYS A 13 0.52 13.32 5.33
C LYS A 13 -0.11 12.30 4.42
N ARG A 14 -1.16 12.72 3.74
CA ARG A 14 -1.79 11.91 2.71
C ARG A 14 -0.77 11.39 1.73
N ALA A 15 0.14 12.27 1.34
CA ALA A 15 1.20 11.93 0.39
C ALA A 15 2.15 10.91 0.99
N MET A 16 2.41 10.99 2.29
CA MET A 16 3.25 10.00 2.95
C MET A 16 2.44 8.73 3.19
N ILE A 17 1.12 8.86 3.15
CA ILE A 17 0.23 7.72 3.21
C ILE A 17 0.22 7.05 1.85
N GLU A 18 0.11 7.86 0.81
CA GLU A 18 0.19 7.39 -0.55
C GLU A 18 1.55 6.79 -0.83
N ALA A 19 2.54 7.25 -0.10
CA ALA A 19 3.87 6.67 -0.15
C ALA A 19 3.82 5.26 0.42
N LYS A 20 3.15 5.14 1.56
CA LYS A 20 2.88 3.85 2.16
C LYS A 20 2.05 2.98 1.25
N ARG A 21 0.99 3.56 0.69
CA ARG A 21 0.08 2.83 -0.17
C ARG A 21 0.75 2.39 -1.45
N GLY A 22 1.57 3.27 -2.01
CA GLY A 22 2.34 2.91 -3.18
C GLY A 22 3.25 1.73 -2.91
N GLU A 23 3.68 1.63 -1.67
CA GLU A 23 4.47 0.51 -1.21
C GLU A 23 3.58 -0.65 -0.84
N ASP A 24 2.43 -0.35 -0.28
CA ASP A 24 1.49 -1.36 0.18
C ASP A 24 0.96 -2.14 -1.01
N LEU A 25 0.64 -1.39 -2.04
CA LEU A 25 0.22 -1.93 -3.31
C LEU A 25 1.34 -2.78 -3.90
N LEU A 26 2.55 -2.25 -3.86
CA LEU A 26 3.71 -2.97 -4.37
C LEU A 26 4.02 -4.19 -3.50
N LYS A 27 3.77 -4.06 -2.21
CA LYS A 27 3.91 -5.18 -1.30
C LYS A 27 2.87 -6.23 -1.60
N ALA A 28 1.69 -5.78 -1.98
CA ALA A 28 0.63 -6.69 -2.39
C ALA A 28 0.95 -7.27 -3.75
N GLU A 29 1.82 -6.58 -4.47
CA GLU A 29 2.35 -7.05 -5.72
C GLU A 29 3.42 -8.08 -5.46
N GLU A 30 4.26 -7.78 -4.48
CA GLU A 30 5.22 -8.75 -3.98
C GLU A 30 4.50 -9.97 -3.48
N LEU A 31 3.41 -9.76 -2.77
CA LEU A 31 2.60 -10.86 -2.32
C LEU A 31 2.15 -11.65 -3.54
N ALA A 32 1.67 -10.95 -4.54
CA ALA A 32 1.20 -11.60 -5.76
C ALA A 32 2.35 -12.25 -6.51
N ALA A 33 3.57 -11.86 -6.20
CA ALA A 33 4.75 -12.48 -6.78
C ALA A 33 5.20 -13.68 -5.96
N LYS A 34 5.17 -13.54 -4.64
CA LYS A 34 5.62 -14.56 -3.72
C LYS A 34 4.63 -15.70 -3.67
N TYR A 35 3.39 -15.31 -3.55
CA TYR A 35 2.29 -16.24 -3.48
C TYR A 35 2.18 -16.99 -4.80
N ARG A 36 2.50 -16.28 -5.87
CA ARG A 36 2.62 -16.88 -7.18
C ARG A 36 3.79 -17.87 -7.21
N ALA A 37 4.88 -17.51 -6.53
CA ALA A 37 6.07 -18.35 -6.48
C ALA A 37 5.82 -19.62 -5.67
N THR A 38 4.90 -19.53 -4.73
CA THR A 38 4.46 -20.69 -3.98
C THR A 38 3.70 -21.66 -4.88
N GLY A 39 2.96 -21.08 -5.82
CA GLY A 39 2.09 -21.85 -6.68
C GLY A 39 0.66 -21.55 -6.35
N THR A 40 0.31 -21.83 -5.11
CA THR A 40 -0.90 -21.34 -4.50
C THR A 40 -0.51 -20.51 -3.30
N ALA A 41 -1.11 -19.34 -3.16
CA ALA A 41 -0.76 -18.40 -2.11
C ALA A 41 -0.62 -19.09 -0.76
N PRO A 42 0.47 -18.84 -0.01
CA PRO A 42 0.71 -19.50 1.27
C PRO A 42 -0.36 -19.19 2.31
N LYS A 43 -1.39 -18.48 1.87
CA LYS A 43 -2.60 -18.29 2.63
C LYS A 43 -3.25 -19.64 2.91
N LYS A 44 -2.77 -20.64 2.18
CA LYS A 44 -3.18 -22.02 2.37
C LYS A 44 -2.59 -22.53 3.68
N ILE A 45 -1.40 -22.06 3.99
CA ILE A 45 -0.64 -22.63 5.11
C ILE A 45 -0.51 -21.66 6.29
N LEU A 46 -0.04 -20.44 6.04
CA LEU A 46 0.26 -19.53 7.15
C LEU A 46 0.16 -18.08 6.71
N GLY A 47 -0.40 -17.85 5.54
CA GLY A 47 -0.52 -16.50 5.01
C GLY A 47 0.65 -16.13 4.14
N ILE A 48 1.83 -16.14 4.73
CA ILE A 48 3.05 -15.79 4.01
C ILE A 48 4.27 -16.28 4.78
N PHE A 49 5.25 -16.79 4.05
CA PHE A 49 6.49 -17.25 4.66
C PHE A 49 7.68 -16.58 3.98
N ASN A 1 -3.02 31.02 3.06
CA ASN A 1 -3.87 30.90 4.27
C ASN A 1 -3.54 29.61 5.01
N LYS A 2 -3.67 29.69 6.33
CA LYS A 2 -3.15 28.69 7.23
C LYS A 2 -3.87 27.37 7.10
N ILE A 3 -5.19 27.40 7.02
CA ILE A 3 -5.93 26.16 6.90
C ILE A 3 -5.57 25.46 5.62
N ALA A 4 -5.32 26.22 4.57
CA ALA A 4 -4.89 25.66 3.30
C ALA A 4 -3.49 25.08 3.44
N LEU A 5 -2.68 25.78 4.22
CA LEU A 5 -1.35 25.33 4.57
C LEU A 5 -1.41 24.03 5.36
N LEU A 6 -2.40 23.94 6.24
CA LEU A 6 -2.60 22.76 7.07
C LEU A 6 -3.29 21.65 6.30
N HIS A 7 -4.19 22.05 5.41
CA HIS A 7 -4.79 21.09 4.49
C HIS A 7 -3.69 20.49 3.64
N LYS A 8 -2.69 21.31 3.40
CA LYS A 8 -1.52 20.88 2.69
C LYS A 8 -0.69 19.97 3.58
N GLU A 9 -0.61 20.33 4.86
CA GLU A 9 0.09 19.53 5.84
C GLU A 9 -0.55 18.15 5.91
N ALA A 10 -1.88 18.17 5.94
CA ALA A 10 -2.67 16.97 5.90
C ALA A 10 -2.43 16.17 4.64
N GLU A 11 -2.30 16.88 3.51
CA GLU A 11 -2.12 16.21 2.24
C GLU A 11 -0.68 15.76 2.06
N GLU A 12 0.23 16.35 2.85
CA GLU A 12 1.60 15.91 2.89
C GLU A 12 1.69 14.61 3.67
N LYS A 13 0.93 14.55 4.74
CA LYS A 13 0.73 13.32 5.48
C LYS A 13 0.10 12.28 4.57
N ARG A 14 -0.95 12.70 3.88
CA ARG A 14 -1.60 11.87 2.89
C ARG A 14 -0.60 11.36 1.86
N ALA A 15 0.25 12.26 1.41
CA ALA A 15 1.27 11.93 0.42
C ALA A 15 2.27 10.96 1.01
N MET A 16 2.55 11.14 2.29
CA MET A 16 3.39 10.23 3.03
C MET A 16 2.69 8.87 3.16
N ILE A 17 1.38 8.92 3.35
CA ILE A 17 0.57 7.72 3.40
C ILE A 17 0.54 7.05 2.04
N GLU A 18 0.38 7.85 1.01
CA GLU A 18 0.42 7.38 -0.36
C GLU A 18 1.79 6.83 -0.69
N ALA A 19 2.81 7.32 -0.01
CA ALA A 19 4.15 6.82 -0.17
C ALA A 19 4.22 5.41 0.40
N LYS A 20 3.57 5.22 1.53
CA LYS A 20 3.43 3.91 2.13
C LYS A 20 2.54 3.04 1.25
N ARG A 21 1.39 3.57 0.85
CA ARG A 21 0.41 2.81 0.09
C ARG A 21 0.92 2.42 -1.28
N GLY A 22 1.59 3.35 -1.94
CA GLY A 22 2.16 3.04 -3.24
C GLY A 22 3.13 1.89 -3.16
N GLU A 23 3.78 1.78 -2.03
CA GLU A 23 4.68 0.69 -1.77
C GLU A 23 3.95 -0.50 -1.19
N ASP A 24 2.88 -0.22 -0.44
CA ASP A 24 2.08 -1.27 0.17
C ASP A 24 1.40 -2.08 -0.90
N LEU A 25 0.96 -1.36 -1.91
CA LEU A 25 0.40 -1.96 -3.10
C LEU A 25 1.45 -2.85 -3.72
N LEU A 26 2.66 -2.33 -3.82
CA LEU A 26 3.78 -3.07 -4.36
C LEU A 26 4.16 -4.24 -3.44
N LYS A 27 3.94 -4.08 -2.14
CA LYS A 27 4.16 -5.16 -1.21
C LYS A 27 3.15 -6.24 -1.47
N ALA A 28 1.95 -5.81 -1.82
CA ALA A 28 0.88 -6.73 -2.16
C ALA A 28 1.14 -7.30 -3.54
N GLU A 29 1.93 -6.58 -4.32
CA GLU A 29 2.36 -7.02 -5.63
C GLU A 29 3.44 -8.07 -5.47
N GLU A 30 4.34 -7.81 -4.52
CA GLU A 30 5.31 -8.81 -4.11
C GLU A 30 4.60 -10.04 -3.60
N LEU A 31 3.56 -9.82 -2.81
CA LEU A 31 2.75 -10.90 -2.34
C LEU A 31 2.10 -11.60 -3.51
N ALA A 32 1.68 -10.84 -4.50
CA ALA A 32 1.08 -11.40 -5.69
C ALA A 32 2.12 -12.18 -6.50
N ALA A 33 3.38 -11.84 -6.30
CA ALA A 33 4.48 -12.58 -6.93
C ALA A 33 4.78 -13.85 -6.14
N LYS A 34 4.63 -13.77 -4.83
CA LYS A 34 4.91 -14.89 -3.94
C LYS A 34 3.77 -15.87 -3.94
N TYR A 35 2.58 -15.33 -3.81
CA TYR A 35 1.37 -16.12 -3.77
C TYR A 35 1.04 -16.64 -5.15
N ARG A 36 1.61 -16.01 -6.17
CA ARG A 36 1.64 -16.58 -7.50
C ARG A 36 2.25 -17.98 -7.41
N ALA A 37 3.26 -18.10 -6.57
CA ALA A 37 3.76 -19.40 -6.17
C ALA A 37 2.89 -19.88 -5.02
N THR A 38 1.75 -20.47 -5.38
CA THR A 38 0.65 -20.73 -4.46
C THR A 38 0.95 -21.82 -3.42
N GLY A 39 2.21 -21.97 -3.07
CA GLY A 39 2.56 -22.72 -1.89
C GLY A 39 2.09 -21.97 -0.65
N THR A 40 1.72 -20.72 -0.87
CA THR A 40 1.13 -19.86 0.14
C THR A 40 -0.38 -19.96 0.11
N ALA A 41 -1.04 -19.18 0.95
CA ALA A 41 -2.48 -19.05 0.91
C ALA A 41 -2.94 -18.57 -0.48
N PRO A 42 -4.21 -18.82 -0.86
CA PRO A 42 -4.78 -18.37 -2.14
C PRO A 42 -4.90 -16.86 -2.26
N LYS A 43 -4.34 -16.13 -1.29
CA LYS A 43 -4.35 -14.68 -1.28
C LYS A 43 -3.65 -14.10 -2.51
N LYS A 44 -4.34 -14.20 -3.62
CA LYS A 44 -3.87 -13.76 -4.92
C LYS A 44 -4.96 -14.01 -5.96
N ILE A 45 -5.88 -14.93 -5.63
CA ILE A 45 -7.07 -15.14 -6.43
C ILE A 45 -8.31 -14.75 -5.64
N LEU A 46 -8.20 -14.86 -4.33
CA LEU A 46 -9.28 -14.51 -3.42
C LEU A 46 -8.74 -14.60 -2.00
N GLY A 47 -9.58 -14.33 -1.01
CA GLY A 47 -9.16 -14.47 0.37
C GLY A 47 -8.63 -15.86 0.68
N ILE A 48 -9.43 -16.86 0.38
CA ILE A 48 -9.03 -18.25 0.60
C ILE A 48 -10.17 -19.19 0.17
N PHE A 49 -9.80 -20.39 -0.23
CA PHE A 49 -10.79 -21.40 -0.57
C PHE A 49 -10.37 -22.73 0.04
N ASN A 1 -2.05 31.16 2.31
CA ASN A 1 -2.94 31.13 3.51
C ASN A 1 -2.69 29.87 4.31
N LYS A 2 -2.85 29.99 5.61
CA LYS A 2 -2.44 28.97 6.56
C LYS A 2 -3.29 27.73 6.46
N ILE A 3 -4.58 27.89 6.30
CA ILE A 3 -5.46 26.75 6.22
C ILE A 3 -5.16 25.92 4.99
N ALA A 4 -4.80 26.60 3.92
CA ALA A 4 -4.42 25.94 2.69
C ALA A 4 -3.07 25.25 2.86
N LEU A 5 -2.20 25.93 3.61
CA LEU A 5 -0.93 25.37 4.02
C LEU A 5 -1.16 24.11 4.85
N LEU A 6 -2.19 24.16 5.69
CA LEU A 6 -2.55 23.08 6.57
C LEU A 6 -3.28 21.98 5.82
N HIS A 7 -4.12 22.37 4.88
CA HIS A 7 -4.74 21.44 3.95
C HIS A 7 -3.64 20.66 3.26
N LYS A 8 -2.57 21.36 2.98
CA LYS A 8 -1.38 20.80 2.38
C LYS A 8 -0.65 19.92 3.40
N GLU A 9 -0.60 20.38 4.64
CA GLU A 9 0.03 19.65 5.72
C GLU A 9 -0.62 18.28 5.84
N ALA A 10 -1.95 18.30 5.85
CA ALA A 10 -2.74 17.09 5.88
C ALA A 10 -2.47 16.22 4.66
N GLU A 11 -2.31 16.86 3.51
CA GLU A 11 -2.06 16.15 2.27
C GLU A 11 -0.64 15.63 2.20
N GLU A 12 0.28 16.32 2.85
CA GLU A 12 1.66 15.86 2.95
C GLU A 12 1.71 14.59 3.77
N LYS A 13 0.97 14.60 4.87
CA LYS A 13 0.79 13.41 5.66
C LYS A 13 0.16 12.32 4.83
N ARG A 14 -0.92 12.67 4.15
CA ARG A 14 -1.58 11.75 3.23
C ARG A 14 -0.60 11.17 2.23
N ALA A 15 0.23 12.02 1.68
CA ALA A 15 1.22 11.62 0.69
C ALA A 15 2.26 10.70 1.33
N MET A 16 2.57 10.98 2.58
CA MET A 16 3.46 10.15 3.36
C MET A 16 2.79 8.82 3.70
N ILE A 17 1.47 8.87 3.84
CA ILE A 17 0.67 7.67 4.04
C ILE A 17 0.56 6.89 2.75
N GLU A 18 0.32 7.60 1.66
CA GLU A 18 0.29 7.02 0.34
C GLU A 18 1.65 6.45 -0.03
N ALA A 19 2.68 6.98 0.58
CA ALA A 19 4.02 6.43 0.42
C ALA A 19 4.07 5.02 0.98
N LYS A 20 3.43 4.86 2.13
CA LYS A 20 3.29 3.56 2.75
C LYS A 20 2.29 2.70 1.99
N ARG A 21 1.15 3.26 1.65
CA ARG A 21 0.09 2.51 1.01
C ARG A 21 0.44 2.11 -0.40
N GLY A 22 1.12 3.00 -1.11
CA GLY A 22 1.61 2.66 -2.42
C GLY A 22 2.60 1.53 -2.35
N GLU A 23 3.33 1.47 -1.26
CA GLU A 23 4.25 0.38 -0.99
C GLU A 23 3.49 -0.82 -0.47
N ASP A 24 2.42 -0.57 0.25
CA ASP A 24 1.59 -1.64 0.77
C ASP A 24 0.96 -2.38 -0.39
N LEU A 25 0.54 -1.60 -1.36
CA LEU A 25 -0.02 -2.12 -2.59
C LEU A 25 1.07 -2.85 -3.36
N LEU A 26 2.21 -2.22 -3.49
CA LEU A 26 3.35 -2.81 -4.19
C LEU A 26 3.85 -4.05 -3.47
N LYS A 27 3.68 -4.08 -2.16
CA LYS A 27 4.00 -5.25 -1.37
C LYS A 27 2.98 -6.34 -1.64
N ALA A 28 1.76 -5.94 -1.91
CA ALA A 28 0.72 -6.88 -2.31
C ALA A 28 0.95 -7.29 -3.75
N GLU A 29 1.68 -6.46 -4.47
CA GLU A 29 2.11 -6.75 -5.81
C GLU A 29 3.26 -7.73 -5.77
N GLU A 30 4.15 -7.49 -4.80
CA GLU A 30 5.18 -8.45 -4.47
C GLU A 30 4.56 -9.76 -4.09
N LEU A 31 3.56 -9.71 -3.23
CA LEU A 31 2.87 -10.91 -2.82
C LEU A 31 2.30 -11.59 -4.04
N ALA A 32 1.68 -10.80 -4.90
CA ALA A 32 1.09 -11.35 -6.11
C ALA A 32 2.17 -11.89 -7.05
N ALA A 33 3.39 -11.41 -6.90
CA ALA A 33 4.51 -11.89 -7.68
C ALA A 33 5.11 -13.16 -7.09
N LYS A 34 5.12 -13.23 -5.77
CA LYS A 34 5.73 -14.33 -5.05
C LYS A 34 4.78 -15.49 -4.96
N TYR A 35 3.55 -15.13 -4.66
CA TYR A 35 2.47 -16.09 -4.52
C TYR A 35 2.07 -16.62 -5.88
N ARG A 36 2.42 -15.83 -6.91
CA ARG A 36 2.36 -16.31 -8.29
C ARG A 36 3.26 -17.53 -8.44
N ALA A 37 4.39 -17.49 -7.74
CA ALA A 37 5.28 -18.63 -7.63
C ALA A 37 4.89 -19.42 -6.39
N THR A 38 5.85 -20.00 -5.71
CA THR A 38 5.58 -20.57 -4.41
C THR A 38 6.03 -19.63 -3.31
N GLY A 39 7.34 -19.54 -3.12
CA GLY A 39 7.92 -18.64 -2.13
C GLY A 39 7.63 -19.01 -0.69
N THR A 40 6.38 -19.33 -0.41
CA THR A 40 5.91 -19.54 0.95
C THR A 40 5.02 -20.77 1.07
N ALA A 41 4.52 -20.96 2.29
CA ALA A 41 3.49 -21.95 2.60
C ALA A 41 2.23 -21.74 1.73
N PRO A 42 1.05 -22.38 2.02
CA PRO A 42 -0.20 -22.06 1.31
C PRO A 42 -0.56 -20.58 1.33
N LYS A 43 0.25 -19.77 1.99
CA LYS A 43 0.19 -18.32 1.88
C LYS A 43 0.60 -17.91 0.47
N LYS A 44 -0.26 -18.29 -0.47
CA LYS A 44 -0.07 -18.07 -1.89
C LYS A 44 -1.25 -18.67 -2.66
N ILE A 45 -2.04 -19.51 -1.99
CA ILE A 45 -3.24 -20.08 -2.59
C ILE A 45 -4.50 -19.69 -1.83
N LEU A 46 -4.39 -19.64 -0.51
CA LEU A 46 -5.55 -19.37 0.34
C LEU A 46 -5.12 -19.01 1.76
N GLY A 47 -3.92 -18.49 1.89
CA GLY A 47 -3.41 -18.10 3.19
C GLY A 47 -2.83 -19.27 3.95
N ILE A 48 -3.68 -20.25 4.21
CA ILE A 48 -3.27 -21.44 4.93
C ILE A 48 -4.43 -22.44 4.93
N PHE A 49 -4.11 -23.72 4.93
CA PHE A 49 -5.13 -24.76 4.90
C PHE A 49 -5.87 -24.83 6.23
N ASN A 1 -5.28 30.22 1.08
CA ASN A 1 -5.09 30.72 2.47
C ASN A 1 -4.42 29.67 3.34
N LYS A 2 -4.12 30.01 4.58
CA LYS A 2 -3.32 29.16 5.44
C LYS A 2 -3.94 27.81 5.66
N ILE A 3 -5.23 27.77 5.92
CA ILE A 3 -5.90 26.51 6.18
C ILE A 3 -5.72 25.57 4.99
N ALA A 4 -5.72 26.13 3.80
CA ALA A 4 -5.48 25.36 2.60
C ALA A 4 -4.05 24.84 2.58
N LEU A 5 -3.13 25.69 3.02
CA LEU A 5 -1.73 25.34 3.17
C LEU A 5 -1.58 24.21 4.19
N LEU A 6 -2.37 24.29 5.26
CA LEU A 6 -2.34 23.31 6.32
C LEU A 6 -3.10 22.05 5.95
N HIS A 7 -4.15 22.24 5.18
CA HIS A 7 -4.86 21.12 4.59
C HIS A 7 -3.93 20.37 3.66
N LYS A 8 -3.03 21.14 3.08
CA LYS A 8 -2.00 20.59 2.22
C LYS A 8 -0.89 19.99 3.07
N GLU A 9 -0.66 20.57 4.23
CA GLU A 9 0.30 20.05 5.18
C GLU A 9 -0.17 18.67 5.65
N ALA A 10 -1.45 18.60 5.93
CA ALA A 10 -2.11 17.35 6.27
C ALA A 10 -2.05 16.37 5.10
N GLU A 11 -2.20 16.88 3.89
CA GLU A 11 -2.22 16.04 2.71
C GLU A 11 -0.81 15.58 2.34
N GLU A 12 0.19 16.34 2.78
CA GLU A 12 1.58 15.93 2.63
C GLU A 12 1.85 14.73 3.51
N LYS A 13 1.29 14.77 4.70
CA LYS A 13 1.29 13.64 5.60
C LYS A 13 0.55 12.48 4.97
N ARG A 14 -0.64 12.77 4.45
CA ARG A 14 -1.41 11.80 3.69
C ARG A 14 -0.57 11.19 2.58
N ALA A 15 0.17 12.03 1.87
CA ALA A 15 1.02 11.60 0.78
C ALA A 15 2.13 10.69 1.30
N MET A 16 2.60 11.01 2.49
CA MET A 16 3.58 10.17 3.17
C MET A 16 2.95 8.85 3.58
N ILE A 17 1.67 8.90 3.90
CA ILE A 17 0.89 7.71 4.18
C ILE A 17 0.69 6.91 2.90
N GLU A 18 0.34 7.63 1.84
CA GLU A 18 0.18 7.04 0.52
C GLU A 18 1.48 6.45 0.03
N ALA A 19 2.58 6.95 0.57
CA ALA A 19 3.88 6.37 0.29
C ALA A 19 3.92 4.96 0.87
N LYS A 20 3.54 4.84 2.13
CA LYS A 20 3.41 3.56 2.79
C LYS A 20 2.39 2.68 2.08
N ARG A 21 1.26 3.26 1.73
CA ARG A 21 0.20 2.52 1.08
C ARG A 21 0.61 2.08 -0.31
N GLY A 22 1.33 2.95 -0.99
CA GLY A 22 1.86 2.59 -2.29
C GLY A 22 2.86 1.47 -2.19
N GLU A 23 3.56 1.44 -1.07
CA GLU A 23 4.49 0.36 -0.79
C GLU A 23 3.74 -0.86 -0.31
N ASP A 24 2.68 -0.63 0.44
CA ASP A 24 1.85 -1.70 0.96
C ASP A 24 1.23 -2.46 -0.19
N LEU A 25 0.80 -1.68 -1.16
CA LEU A 25 0.32 -2.20 -2.42
C LEU A 25 1.42 -2.96 -3.13
N LEU A 26 2.59 -2.34 -3.22
CA LEU A 26 3.73 -2.95 -3.89
C LEU A 26 4.17 -4.22 -3.18
N LYS A 27 4.06 -4.24 -1.86
CA LYS A 27 4.34 -5.43 -1.09
C LYS A 27 3.33 -6.50 -1.41
N ALA A 28 2.12 -6.07 -1.71
CA ALA A 28 1.06 -6.97 -2.12
C ALA A 28 1.22 -7.30 -3.60
N GLU A 29 1.97 -6.46 -4.29
CA GLU A 29 2.34 -6.69 -5.67
C GLU A 29 3.45 -7.72 -5.71
N GLU A 30 4.33 -7.62 -4.74
CA GLU A 30 5.30 -8.65 -4.47
C GLU A 30 4.59 -9.95 -4.16
N LEU A 31 3.58 -9.86 -3.30
CA LEU A 31 2.77 -11.00 -2.98
C LEU A 31 2.13 -11.52 -4.25
N ALA A 32 1.60 -10.60 -5.05
CA ALA A 32 0.95 -10.97 -6.29
C ALA A 32 1.97 -11.38 -7.36
N ALA A 33 3.24 -11.27 -7.02
CA ALA A 33 4.30 -11.77 -7.88
C ALA A 33 4.76 -13.16 -7.44
N LYS A 34 4.78 -13.37 -6.13
CA LYS A 34 5.20 -14.63 -5.56
C LYS A 34 4.05 -15.60 -5.54
N TYR A 35 2.95 -15.12 -5.03
CA TYR A 35 1.74 -15.88 -4.90
C TYR A 35 1.14 -16.17 -6.26
N ARG A 36 1.50 -15.32 -7.22
CA ARG A 36 1.20 -15.57 -8.62
C ARG A 36 1.78 -16.92 -9.03
N ALA A 37 2.99 -17.19 -8.55
CA ALA A 37 3.61 -18.48 -8.70
C ALA A 37 3.22 -19.36 -7.52
N THR A 38 1.91 -19.51 -7.38
CA THR A 38 1.27 -20.01 -6.17
C THR A 38 1.98 -21.23 -5.57
N GLY A 39 1.87 -22.38 -6.23
CA GLY A 39 2.44 -23.60 -5.68
C GLY A 39 2.01 -23.86 -4.25
N THR A 40 0.82 -23.38 -3.90
CA THR A 40 0.33 -23.41 -2.54
C THR A 40 -1.19 -23.42 -2.52
N ALA A 41 -1.75 -23.36 -1.32
CA ALA A 41 -3.18 -23.19 -1.10
C ALA A 41 -3.68 -21.87 -1.76
N PRO A 42 -4.92 -21.36 -1.48
CA PRO A 42 -5.38 -20.07 -2.02
C PRO A 42 -4.54 -18.89 -1.55
N LYS A 43 -3.42 -19.18 -0.90
CA LYS A 43 -2.44 -18.18 -0.50
C LYS A 43 -1.94 -17.42 -1.72
N LYS A 44 -2.81 -16.54 -2.19
CA LYS A 44 -2.62 -15.76 -3.41
C LYS A 44 -3.80 -14.80 -3.58
N ILE A 45 -4.91 -15.11 -2.91
CA ILE A 45 -6.07 -14.22 -2.92
C ILE A 45 -5.70 -12.96 -2.14
N LEU A 46 -5.09 -13.19 -0.99
CA LEU A 46 -4.63 -12.15 -0.08
C LEU A 46 -4.08 -12.85 1.16
N GLY A 47 -4.57 -14.06 1.33
CA GLY A 47 -4.12 -14.93 2.38
C GLY A 47 -4.51 -16.35 2.03
N ILE A 48 -4.68 -17.19 3.03
CA ILE A 48 -5.10 -18.56 2.77
C ILE A 48 -6.56 -18.76 3.19
N PHE A 49 -7.42 -18.98 2.22
CA PHE A 49 -8.85 -19.16 2.47
C PHE A 49 -9.39 -20.30 1.63
N ASN A 1 -3.10 30.98 3.24
CA ASN A 1 -3.80 30.88 4.54
C ASN A 1 -3.39 29.61 5.25
N LYS A 2 -3.35 29.68 6.57
CA LYS A 2 -2.71 28.65 7.37
C LYS A 2 -3.50 27.37 7.38
N ILE A 3 -4.81 27.47 7.39
CA ILE A 3 -5.64 26.28 7.31
C ILE A 3 -5.37 25.54 6.02
N ALA A 4 -5.13 26.31 4.96
CA ALA A 4 -4.82 25.74 3.67
C ALA A 4 -3.43 25.13 3.71
N LEU A 5 -2.54 25.77 4.44
CA LEU A 5 -1.20 25.26 4.70
C LEU A 5 -1.30 23.92 5.45
N LEU A 6 -2.25 23.86 6.38
CA LEU A 6 -2.47 22.65 7.15
C LEU A 6 -3.24 21.61 6.37
N HIS A 7 -4.12 22.08 5.51
CA HIS A 7 -4.77 21.20 4.54
C HIS A 7 -3.72 20.59 3.66
N LYS A 8 -2.67 21.37 3.44
CA LYS A 8 -1.53 20.94 2.68
C LYS A 8 -0.67 20.01 3.52
N GLU A 9 -0.54 20.34 4.79
CA GLU A 9 0.19 19.52 5.73
C GLU A 9 -0.48 18.15 5.79
N ALA A 10 -1.80 18.18 5.83
CA ALA A 10 -2.62 16.98 5.79
C ALA A 10 -2.43 16.24 4.47
N GLU A 11 -2.27 16.99 3.39
CA GLU A 11 -2.12 16.38 2.08
C GLU A 11 -0.68 15.91 1.87
N GLU A 12 0.23 16.48 2.65
CA GLU A 12 1.61 16.02 2.70
C GLU A 12 1.66 14.71 3.45
N LYS A 13 0.89 14.65 4.52
CA LYS A 13 0.67 13.43 5.26
C LYS A 13 0.01 12.40 4.37
N ARG A 14 -1.01 12.84 3.65
CA ARG A 14 -1.68 12.02 2.65
C ARG A 14 -0.68 11.48 1.64
N ALA A 15 0.22 12.35 1.22
CA ALA A 15 1.27 11.98 0.30
C ALA A 15 2.23 10.99 0.93
N MET A 16 2.43 11.15 2.23
CA MET A 16 3.19 10.21 3.02
C MET A 16 2.44 8.88 3.13
N ILE A 17 1.12 8.98 3.18
CA ILE A 17 0.27 7.81 3.19
C ILE A 17 0.33 7.12 1.84
N GLU A 18 0.23 7.91 0.79
CA GLU A 18 0.37 7.40 -0.57
C GLU A 18 1.76 6.85 -0.80
N ALA A 19 2.73 7.38 -0.08
CA ALA A 19 4.07 6.84 -0.13
C ALA A 19 4.07 5.43 0.42
N LYS A 20 3.39 5.26 1.55
CA LYS A 20 3.18 3.96 2.14
C LYS A 20 2.35 3.08 1.22
N ARG A 21 1.20 3.59 0.79
CA ARG A 21 0.26 2.81 0.01
C ARG A 21 0.85 2.34 -1.30
N GLY A 22 1.58 3.23 -1.97
CA GLY A 22 2.22 2.85 -3.20
C GLY A 22 3.18 1.70 -3.01
N GLU A 23 3.76 1.63 -1.83
CA GLU A 23 4.68 0.57 -1.49
C GLU A 23 3.95 -0.60 -0.88
N ASP A 24 2.85 -0.31 -0.21
CA ASP A 24 2.04 -1.33 0.42
C ASP A 24 1.34 -2.15 -0.64
N LEU A 25 0.85 -1.43 -1.64
CA LEU A 25 0.35 -2.03 -2.83
C LEU A 25 1.41 -2.91 -3.45
N LEU A 26 2.61 -2.36 -3.55
CA LEU A 26 3.74 -3.08 -4.11
C LEU A 26 4.11 -4.27 -3.23
N LYS A 27 3.87 -4.15 -1.94
CA LYS A 27 4.08 -5.26 -1.02
C LYS A 27 3.09 -6.35 -1.32
N ALA A 28 1.87 -5.95 -1.65
CA ALA A 28 0.82 -6.88 -2.01
C ALA A 28 1.03 -7.36 -3.43
N GLU A 29 1.76 -6.57 -4.21
CA GLU A 29 2.19 -6.95 -5.54
C GLU A 29 3.26 -8.00 -5.42
N GLU A 30 4.19 -7.75 -4.50
CA GLU A 30 5.18 -8.75 -4.13
C GLU A 30 4.49 -10.00 -3.68
N LEU A 31 3.47 -9.85 -2.86
CA LEU A 31 2.71 -11.00 -2.42
C LEU A 31 2.11 -11.70 -3.63
N ALA A 32 1.60 -10.91 -4.56
CA ALA A 32 0.99 -11.48 -5.75
C ALA A 32 2.04 -11.96 -6.74
N ALA A 33 3.30 -11.68 -6.43
CA ALA A 33 4.40 -12.22 -7.21
C ALA A 33 4.98 -13.47 -6.55
N LYS A 34 5.09 -13.42 -5.22
CA LYS A 34 5.66 -14.50 -4.45
C LYS A 34 4.70 -15.65 -4.38
N TYR A 35 3.52 -15.34 -3.91
CA TYR A 35 2.47 -16.30 -3.73
C TYR A 35 2.14 -16.95 -5.06
N ARG A 36 2.10 -16.12 -6.08
CA ARG A 36 1.90 -16.55 -7.46
C ARG A 36 2.88 -17.66 -7.82
N ALA A 37 4.09 -17.57 -7.30
CA ALA A 37 5.15 -18.51 -7.64
C ALA A 37 5.51 -19.41 -6.45
N THR A 38 4.61 -19.55 -5.49
CA THR A 38 4.87 -20.39 -4.34
C THR A 38 4.56 -21.85 -4.64
N GLY A 39 3.43 -22.09 -5.26
CA GLY A 39 2.97 -23.45 -5.49
C GLY A 39 2.29 -23.98 -4.25
N THR A 40 1.19 -23.33 -3.88
CA THR A 40 0.53 -23.59 -2.61
C THR A 40 -0.98 -23.43 -2.72
N ALA A 41 -1.64 -23.58 -1.57
CA ALA A 41 -3.07 -23.31 -1.39
C ALA A 41 -3.48 -21.92 -1.93
N PRO A 42 -4.74 -21.44 -1.73
CA PRO A 42 -5.17 -20.10 -2.19
C PRO A 42 -4.34 -18.95 -1.62
N LYS A 43 -3.27 -19.28 -0.91
CA LYS A 43 -2.30 -18.30 -0.47
C LYS A 43 -1.55 -17.74 -1.70
N LYS A 44 -2.33 -17.04 -2.51
CA LYS A 44 -1.91 -16.44 -3.78
C LYS A 44 -3.09 -15.73 -4.42
N ILE A 45 -4.28 -16.05 -3.91
CA ILE A 45 -5.49 -15.33 -4.23
C ILE A 45 -6.14 -14.88 -2.93
N LEU A 46 -5.26 -14.72 -1.94
CA LEU A 46 -5.63 -14.38 -0.58
C LEU A 46 -6.67 -13.27 -0.58
N GLY A 47 -7.86 -13.59 -0.13
CA GLY A 47 -8.93 -12.62 -0.11
C GLY A 47 -10.16 -13.11 -0.84
N ILE A 48 -9.95 -13.90 -1.88
CA ILE A 48 -11.07 -14.44 -2.65
C ILE A 48 -10.74 -15.83 -3.19
N PHE A 49 -11.19 -16.85 -2.46
CA PHE A 49 -10.99 -18.23 -2.86
C PHE A 49 -12.25 -19.06 -2.65
N ASN A 1 -2.72 30.67 1.82
CA ASN A 1 -3.30 30.89 3.17
C ASN A 1 -2.86 29.79 4.11
N LYS A 2 -2.70 30.08 5.39
CA LYS A 2 -2.07 29.16 6.31
C LYS A 2 -2.82 27.85 6.39
N ILE A 3 -4.12 27.93 6.61
CA ILE A 3 -4.93 26.74 6.75
C ILE A 3 -4.84 25.88 5.50
N ALA A 4 -4.75 26.52 4.35
CA ALA A 4 -4.61 25.82 3.09
C ALA A 4 -3.24 25.17 3.01
N LEU A 5 -2.25 25.87 3.53
CA LEU A 5 -0.89 25.35 3.66
C LEU A 5 -0.89 24.12 4.58
N LEU A 6 -1.68 24.19 5.63
CA LEU A 6 -1.77 23.12 6.61
C LEU A 6 -2.67 22.00 6.13
N HIS A 7 -3.70 22.37 5.39
CA HIS A 7 -4.52 21.40 4.68
C HIS A 7 -3.66 20.65 3.70
N LYS A 8 -2.68 21.36 3.17
CA LYS A 8 -1.69 20.78 2.30
C LYS A 8 -0.78 19.89 3.11
N GLU A 9 -0.39 20.37 4.29
CA GLU A 9 0.43 19.61 5.21
C GLU A 9 -0.26 18.29 5.51
N ALA A 10 -1.55 18.38 5.77
CA ALA A 10 -2.40 17.23 5.99
C ALA A 10 -2.36 16.27 4.82
N GLU A 11 -2.43 16.82 3.61
CA GLU A 11 -2.48 16.01 2.42
C GLU A 11 -1.08 15.52 2.03
N GLU A 12 -0.06 16.19 2.55
CA GLU A 12 1.31 15.75 2.38
C GLU A 12 1.60 14.59 3.31
N LYS A 13 1.05 14.70 4.51
CA LYS A 13 1.03 13.60 5.45
C LYS A 13 0.23 12.45 4.86
N ARG A 14 -0.95 12.76 4.37
CA ARG A 14 -1.75 11.81 3.63
C ARG A 14 -0.92 11.18 2.54
N ALA A 15 -0.15 12.00 1.87
CA ALA A 15 0.72 11.58 0.78
C ALA A 15 1.83 10.67 1.28
N MET A 16 2.31 10.92 2.49
CA MET A 16 3.32 10.06 3.08
C MET A 16 2.67 8.76 3.57
N ILE A 17 1.36 8.83 3.76
CA ILE A 17 0.58 7.65 4.07
C ILE A 17 0.30 6.88 2.80
N GLU A 18 -0.06 7.63 1.77
CA GLU A 18 -0.23 7.08 0.44
C GLU A 18 1.07 6.51 -0.08
N ALA A 19 2.16 7.01 0.47
CA ALA A 19 3.46 6.45 0.19
C ALA A 19 3.51 5.03 0.73
N LYS A 20 3.09 4.88 1.97
CA LYS A 20 2.98 3.59 2.61
C LYS A 20 1.97 2.72 1.90
N ARG A 21 0.83 3.29 1.56
CA ARG A 21 -0.24 2.55 0.90
C ARG A 21 0.20 2.14 -0.49
N GLY A 22 0.84 3.05 -1.20
CA GLY A 22 1.36 2.73 -2.51
C GLY A 22 2.41 1.65 -2.45
N GLU A 23 3.14 1.62 -1.36
CA GLU A 23 4.11 0.58 -1.12
C GLU A 23 3.43 -0.68 -0.62
N ASP A 24 2.35 -0.51 0.13
CA ASP A 24 1.61 -1.62 0.66
C ASP A 24 0.95 -2.40 -0.46
N LEU A 25 0.40 -1.65 -1.38
CA LEU A 25 -0.13 -2.18 -2.61
C LEU A 25 1.00 -2.88 -3.37
N LEU A 26 2.17 -2.26 -3.36
CA LEU A 26 3.34 -2.83 -3.99
C LEU A 26 3.82 -4.07 -3.23
N LYS A 27 3.55 -4.12 -1.93
CA LYS A 27 3.86 -5.28 -1.14
C LYS A 27 2.90 -6.39 -1.49
N ALA A 28 1.70 -6.01 -1.87
CA ALA A 28 0.73 -6.96 -2.35
C ALA A 28 1.05 -7.34 -3.79
N GLU A 29 1.90 -6.53 -4.40
CA GLU A 29 2.43 -6.81 -5.71
C GLU A 29 3.62 -7.75 -5.58
N GLU A 30 4.42 -7.48 -4.57
CA GLU A 30 5.47 -8.41 -4.17
C GLU A 30 4.86 -9.74 -3.82
N LEU A 31 3.79 -9.69 -3.04
CA LEU A 31 3.06 -10.90 -2.71
C LEU A 31 2.58 -11.54 -3.99
N ALA A 32 1.99 -10.75 -4.87
CA ALA A 32 1.51 -11.26 -6.14
C ALA A 32 2.64 -11.90 -6.94
N ALA A 33 3.83 -11.33 -6.81
CA ALA A 33 5.01 -11.86 -7.50
C ALA A 33 5.51 -13.14 -6.84
N LYS A 34 5.39 -13.22 -5.53
CA LYS A 34 5.80 -14.39 -4.77
C LYS A 34 4.81 -15.49 -4.97
N TYR A 35 3.57 -15.12 -4.80
CA TYR A 35 2.44 -16.01 -4.93
C TYR A 35 2.36 -16.57 -6.34
N ARG A 36 2.85 -15.78 -7.27
CA ARG A 36 3.00 -16.20 -8.66
C ARG A 36 3.97 -17.39 -8.76
N ALA A 37 4.99 -17.40 -7.90
CA ALA A 37 6.01 -18.44 -7.94
C ALA A 37 6.34 -18.97 -6.55
N THR A 38 5.34 -19.48 -5.85
CA THR A 38 5.55 -20.02 -4.52
C THR A 38 5.64 -21.54 -4.53
N GLY A 39 4.57 -22.19 -4.94
CA GLY A 39 4.52 -23.63 -4.84
C GLY A 39 4.36 -24.07 -3.41
N THR A 40 3.28 -23.60 -2.81
CA THR A 40 3.05 -23.73 -1.38
C THR A 40 1.57 -23.91 -1.09
N ALA A 41 1.22 -23.93 0.18
CA ALA A 41 -0.16 -23.76 0.62
C ALA A 41 -0.82 -22.61 -0.15
N PRO A 42 -2.18 -22.54 -0.19
CA PRO A 42 -2.92 -21.56 -1.01
C PRO A 42 -2.62 -20.10 -0.71
N LYS A 43 -1.66 -19.87 0.17
CA LYS A 43 -1.12 -18.52 0.43
C LYS A 43 -0.38 -18.02 -0.81
N LYS A 44 -1.08 -18.04 -1.93
CA LYS A 44 -0.51 -17.72 -3.22
C LYS A 44 -1.59 -17.65 -4.30
N ILE A 45 -2.78 -18.14 -3.97
CA ILE A 45 -3.92 -17.99 -4.86
C ILE A 45 -4.99 -17.14 -4.18
N LEU A 46 -5.07 -17.28 -2.88
CA LEU A 46 -5.98 -16.54 -2.04
C LEU A 46 -5.29 -16.24 -0.73
N GLY A 47 -6.00 -15.63 0.21
CA GLY A 47 -5.48 -15.48 1.55
C GLY A 47 -5.50 -16.80 2.30
N ILE A 48 -4.81 -17.80 1.72
CA ILE A 48 -4.77 -19.19 2.21
C ILE A 48 -6.17 -19.70 2.60
N PHE A 49 -7.17 -19.29 1.81
CA PHE A 49 -8.57 -19.67 2.04
C PHE A 49 -9.01 -19.28 3.44
N ASN A 1 -2.69 31.04 2.18
CA ASN A 1 -3.75 30.92 3.21
C ASN A 1 -3.42 29.75 4.12
N LYS A 2 -3.66 29.94 5.41
CA LYS A 2 -3.17 29.02 6.41
C LYS A 2 -3.88 27.70 6.40
N ILE A 3 -5.18 27.73 6.21
CA ILE A 3 -5.93 26.49 6.15
C ILE A 3 -5.47 25.68 4.96
N ALA A 4 -5.15 26.35 3.88
CA ALA A 4 -4.66 25.69 2.69
C ALA A 4 -3.30 25.08 2.97
N LEU A 5 -2.51 25.80 3.76
CA LEU A 5 -1.23 25.31 4.24
C LEU A 5 -1.43 24.06 5.09
N LEU A 6 -2.49 24.06 5.88
CA LEU A 6 -2.82 22.94 6.74
C LEU A 6 -3.48 21.82 5.95
N HIS A 7 -4.24 22.21 4.93
CA HIS A 7 -4.78 21.25 3.99
C HIS A 7 -3.63 20.56 3.29
N LYS A 8 -2.57 21.32 3.11
CA LYS A 8 -1.33 20.80 2.58
C LYS A 8 -0.69 19.89 3.60
N GLU A 9 -0.69 20.34 4.86
CA GLU A 9 -0.15 19.57 5.97
C GLU A 9 -0.84 18.21 6.02
N ALA A 10 -2.15 18.26 5.90
CA ALA A 10 -2.97 17.05 5.86
C ALA A 10 -2.61 16.16 4.68
N GLU A 11 -2.45 16.77 3.52
CA GLU A 11 -2.19 16.00 2.31
C GLU A 11 -0.73 15.54 2.25
N GLU A 12 0.13 16.20 3.04
CA GLU A 12 1.51 15.77 3.17
C GLU A 12 1.55 14.51 4.02
N LYS A 13 0.71 14.49 5.03
CA LYS A 13 0.49 13.29 5.81
C LYS A 13 -0.03 12.19 4.92
N ARG A 14 -1.09 12.50 4.20
CA ARG A 14 -1.65 11.60 3.21
C ARG A 14 -0.57 11.14 2.24
N ALA A 15 0.29 12.06 1.85
CA ALA A 15 1.36 11.79 0.92
C ALA A 15 2.38 10.83 1.53
N MET A 16 2.67 11.00 2.82
CA MET A 16 3.57 10.10 3.49
C MET A 16 2.89 8.75 3.73
N ILE A 17 1.57 8.76 3.68
CA ILE A 17 0.80 7.54 3.72
C ILE A 17 0.84 6.89 2.36
N GLU A 18 0.60 7.70 1.33
CA GLU A 18 0.69 7.28 -0.05
C GLU A 18 2.08 6.77 -0.37
N ALA A 19 3.05 7.27 0.35
CA ALA A 19 4.41 6.79 0.22
C ALA A 19 4.48 5.34 0.65
N LYS A 20 3.98 5.07 1.84
CA LYS A 20 3.92 3.72 2.37
C LYS A 20 2.95 2.87 1.58
N ARG A 21 1.78 3.42 1.32
CA ARG A 21 0.71 2.72 0.63
C ARG A 21 1.09 2.38 -0.80
N GLY A 22 1.70 3.32 -1.50
CA GLY A 22 2.15 3.06 -2.85
C GLY A 22 3.15 1.93 -2.89
N GLU A 23 3.91 1.79 -1.82
CA GLU A 23 4.85 0.71 -1.68
C GLU A 23 4.16 -0.53 -1.13
N ASP A 24 3.17 -0.31 -0.29
CA ASP A 24 2.42 -1.40 0.34
C ASP A 24 1.63 -2.14 -0.71
N LEU A 25 1.07 -1.36 -1.61
CA LEU A 25 0.39 -1.88 -2.78
C LEU A 25 1.38 -2.71 -3.59
N LEU A 26 2.58 -2.19 -3.75
CA LEU A 26 3.64 -2.91 -4.45
C LEU A 26 4.09 -4.12 -3.63
N LYS A 27 3.99 -4.03 -2.32
CA LYS A 27 4.29 -5.16 -1.46
C LYS A 27 3.26 -6.23 -1.67
N ALA A 28 2.04 -5.80 -1.90
CA ALA A 28 0.96 -6.71 -2.19
C ALA A 28 1.08 -7.23 -3.61
N GLU A 29 1.79 -6.46 -4.43
CA GLU A 29 2.12 -6.88 -5.78
C GLU A 29 3.20 -7.94 -5.73
N GLU A 30 4.20 -7.69 -4.89
CA GLU A 30 5.22 -8.67 -4.59
C GLU A 30 4.59 -9.91 -4.03
N LEU A 31 3.65 -9.72 -3.11
CA LEU A 31 2.92 -10.83 -2.56
C LEU A 31 2.17 -11.51 -3.68
N ALA A 32 1.55 -10.73 -4.55
CA ALA A 32 0.82 -11.29 -5.67
C ALA A 32 1.74 -12.04 -6.62
N ALA A 33 3.02 -11.70 -6.60
CA ALA A 33 4.03 -12.40 -7.38
C ALA A 33 4.44 -13.70 -6.69
N LYS A 34 4.56 -13.65 -5.37
CA LYS A 34 4.96 -14.81 -4.59
C LYS A 34 3.82 -15.79 -4.48
N TYR A 35 2.70 -15.22 -4.12
CA TYR A 35 1.47 -15.95 -3.89
C TYR A 35 0.95 -16.50 -5.20
N ARG A 36 1.33 -15.86 -6.29
CA ARG A 36 1.09 -16.39 -7.63
C ARG A 36 1.68 -17.79 -7.72
N ALA A 37 2.86 -17.95 -7.15
CA ALA A 37 3.50 -19.25 -7.01
C ALA A 37 3.26 -19.76 -5.61
N THR A 38 1.98 -19.94 -5.30
CA THR A 38 1.49 -20.14 -3.94
C THR A 38 2.40 -21.05 -3.11
N GLY A 39 2.39 -22.35 -3.39
CA GLY A 39 3.15 -23.28 -2.58
C GLY A 39 2.86 -23.14 -1.10
N THR A 40 1.63 -22.74 -0.79
CA THR A 40 1.23 -22.41 0.58
C THR A 40 -0.27 -22.61 0.75
N ALA A 41 -0.76 -22.30 1.94
CA ALA A 41 -2.19 -22.28 2.24
C ALA A 41 -2.87 -21.13 1.46
N PRO A 42 -4.16 -20.76 1.75
CA PRO A 42 -4.84 -19.61 1.09
C PRO A 42 -4.10 -18.27 1.21
N LYS A 43 -2.89 -18.30 1.76
CA LYS A 43 -2.01 -17.16 1.76
C LYS A 43 -1.63 -16.79 0.33
N LYS A 44 -2.64 -16.33 -0.40
CA LYS A 44 -2.52 -16.00 -1.81
C LYS A 44 -3.79 -15.35 -2.33
N ILE A 45 -4.91 -15.62 -1.66
CA ILE A 45 -6.18 -14.99 -2.02
C ILE A 45 -6.59 -13.98 -0.97
N LEU A 46 -5.94 -14.07 0.17
CA LEU A 46 -6.16 -13.19 1.29
C LEU A 46 -5.14 -13.55 2.37
N GLY A 47 -5.23 -12.91 3.53
CA GLY A 47 -4.34 -13.23 4.62
C GLY A 47 -4.65 -14.57 5.26
N ILE A 48 -4.54 -15.63 4.46
CA ILE A 48 -4.75 -17.02 4.90
C ILE A 48 -5.96 -17.17 5.85
N PHE A 49 -7.11 -16.66 5.39
CA PHE A 49 -8.36 -16.72 6.15
C PHE A 49 -8.20 -16.17 7.56
N ASN A 1 -4.02 30.47 2.66
CA ASN A 1 -4.56 30.60 4.04
C ASN A 1 -4.14 29.41 4.89
N LYS A 2 -4.03 29.63 6.20
CA LYS A 2 -3.41 28.66 7.08
C LYS A 2 -4.08 27.31 7.01
N ILE A 3 -5.39 27.30 7.12
CA ILE A 3 -6.14 26.05 7.10
C ILE A 3 -5.86 25.27 5.83
N ALA A 4 -5.71 26.00 4.73
CA ALA A 4 -5.40 25.38 3.45
C ALA A 4 -3.98 24.87 3.45
N LEU A 5 -3.10 25.63 4.07
CA LEU A 5 -1.73 25.24 4.30
C LEU A 5 -1.68 23.96 5.13
N LEU A 6 -2.59 23.86 6.10
CA LEU A 6 -2.69 22.70 6.95
C LEU A 6 -3.40 21.56 6.25
N HIS A 7 -4.35 21.92 5.40
CA HIS A 7 -4.97 20.96 4.50
C HIS A 7 -3.90 20.36 3.61
N LYS A 8 -2.93 21.20 3.30
CA LYS A 8 -1.78 20.78 2.53
C LYS A 8 -0.87 19.92 3.40
N GLU A 9 -0.72 20.31 4.65
CA GLU A 9 0.05 19.57 5.61
C GLU A 9 -0.54 18.17 5.75
N ALA A 10 -1.86 18.14 5.77
CA ALA A 10 -2.62 16.90 5.79
C ALA A 10 -2.44 16.13 4.49
N GLU A 11 -2.39 16.84 3.37
CA GLU A 11 -2.26 16.21 2.08
C GLU A 11 -0.81 15.74 1.87
N GLU A 12 0.12 16.38 2.57
CA GLU A 12 1.49 15.94 2.59
C GLU A 12 1.61 14.69 3.45
N LYS A 13 0.81 14.66 4.50
CA LYS A 13 0.66 13.46 5.31
C LYS A 13 0.08 12.35 4.46
N ARG A 14 -0.99 12.66 3.75
CA ARG A 14 -1.54 11.74 2.77
C ARG A 14 -0.46 11.22 1.85
N ALA A 15 0.36 12.13 1.38
CA ALA A 15 1.46 11.81 0.49
C ALA A 15 2.49 10.95 1.18
N MET A 16 2.74 11.20 2.46
CA MET A 16 3.68 10.39 3.23
C MET A 16 3.03 9.03 3.54
N ILE A 17 1.71 8.99 3.50
CA ILE A 17 0.98 7.75 3.64
C ILE A 17 1.05 6.98 2.34
N GLU A 18 0.85 7.68 1.26
CA GLU A 18 0.96 7.11 -0.07
C GLU A 18 2.39 6.70 -0.36
N ALA A 19 3.32 7.36 0.31
CA ALA A 19 4.72 6.98 0.23
C ALA A 19 4.90 5.58 0.79
N LYS A 20 4.05 5.24 1.74
CA LYS A 20 4.00 3.92 2.31
C LYS A 20 3.08 3.04 1.49
N ARG A 21 1.85 3.48 1.28
CA ARG A 21 0.83 2.66 0.68
C ARG A 21 1.16 2.31 -0.77
N GLY A 22 1.87 3.20 -1.46
CA GLY A 22 2.30 2.88 -2.81
C GLY A 22 3.30 1.76 -2.83
N GLU A 23 4.08 1.68 -1.78
CA GLU A 23 5.05 0.62 -1.62
C GLU A 23 4.39 -0.59 -1.00
N ASP A 24 3.39 -0.33 -0.18
CA ASP A 24 2.63 -1.38 0.48
C ASP A 24 1.81 -2.12 -0.55
N LEU A 25 1.34 -1.35 -1.51
CA LEU A 25 0.65 -1.90 -2.66
C LEU A 25 1.62 -2.78 -3.43
N LEU A 26 2.83 -2.29 -3.59
CA LEU A 26 3.89 -3.05 -4.22
C LEU A 26 4.25 -4.27 -3.38
N LYS A 27 4.08 -4.17 -2.07
CA LYS A 27 4.26 -5.31 -1.19
C LYS A 27 3.18 -6.33 -1.47
N ALA A 28 2.00 -5.82 -1.80
CA ALA A 28 0.89 -6.67 -2.18
C ALA A 28 1.05 -7.15 -3.60
N GLU A 29 1.89 -6.45 -4.35
CA GLU A 29 2.28 -6.85 -5.67
C GLU A 29 3.28 -7.99 -5.57
N GLU A 30 4.20 -7.84 -4.64
CA GLU A 30 5.09 -8.92 -4.26
C GLU A 30 4.29 -10.08 -3.76
N LEU A 31 3.29 -9.80 -2.94
CA LEU A 31 2.40 -10.84 -2.46
C LEU A 31 1.75 -11.52 -3.63
N ALA A 32 1.31 -10.73 -4.59
CA ALA A 32 0.69 -11.29 -5.78
C ALA A 32 1.66 -12.18 -6.53
N ALA A 33 2.94 -11.82 -6.49
CA ALA A 33 3.99 -12.62 -7.13
C ALA A 33 4.32 -13.88 -6.32
N LYS A 34 4.27 -13.76 -5.00
CA LYS A 34 4.58 -14.85 -4.10
C LYS A 34 3.43 -15.84 -4.08
N TYR A 35 2.27 -15.27 -3.97
CA TYR A 35 1.04 -16.04 -3.90
C TYR A 35 0.76 -16.68 -5.24
N ARG A 36 1.22 -16.04 -6.29
CA ARG A 36 1.24 -16.63 -7.62
C ARG A 36 2.03 -17.94 -7.56
N ALA A 37 3.13 -17.91 -6.81
CA ALA A 37 3.95 -19.10 -6.61
C ALA A 37 3.25 -20.09 -5.68
N THR A 38 2.51 -19.54 -4.72
CA THR A 38 1.68 -20.34 -3.83
C THR A 38 0.70 -21.20 -4.62
N GLY A 39 0.10 -20.59 -5.63
CA GLY A 39 -0.92 -21.24 -6.41
C GLY A 39 -2.25 -20.55 -6.21
N THR A 40 -2.50 -20.18 -4.97
CA THR A 40 -3.66 -19.39 -4.62
C THR A 40 -3.23 -17.96 -4.33
N ALA A 41 -4.06 -17.03 -4.80
CA ALA A 41 -3.82 -15.60 -4.66
C ALA A 41 -3.96 -15.18 -3.18
N PRO A 42 -3.90 -13.88 -2.81
CA PRO A 42 -4.14 -13.47 -1.41
C PRO A 42 -5.52 -13.87 -0.91
N LYS A 43 -6.25 -14.55 -1.75
CA LYS A 43 -7.51 -15.15 -1.38
C LYS A 43 -7.26 -16.22 -0.32
N LYS A 44 -6.02 -16.68 -0.25
CA LYS A 44 -5.62 -17.66 0.75
C LYS A 44 -5.27 -16.99 2.08
N ILE A 45 -5.03 -15.68 2.08
CA ILE A 45 -4.86 -14.94 3.32
C ILE A 45 -6.15 -14.25 3.69
N LEU A 46 -7.00 -14.08 2.69
CA LEU A 46 -8.29 -13.41 2.81
C LEU A 46 -8.17 -12.18 3.69
N GLY A 47 -7.58 -11.14 3.14
CA GLY A 47 -7.36 -9.94 3.88
C GLY A 47 -6.80 -8.81 3.04
N ILE A 48 -5.48 -8.69 3.01
CA ILE A 48 -4.86 -7.58 2.32
C ILE A 48 -4.63 -7.91 0.84
N PHE A 49 -5.58 -7.47 0.03
CA PHE A 49 -5.48 -7.55 -1.43
C PHE A 49 -6.60 -6.73 -2.05
N ASN A 1 -2.00 30.46 2.06
CA ASN A 1 -2.72 30.76 3.32
C ASN A 1 -2.40 29.70 4.38
N LYS A 2 -2.52 30.06 5.65
CA LYS A 2 -2.08 29.20 6.73
C LYS A 2 -2.82 27.88 6.74
N ILE A 3 -4.13 27.96 6.84
CA ILE A 3 -4.95 26.76 6.88
C ILE A 3 -4.69 25.91 5.67
N ALA A 4 -4.45 26.56 4.55
CA ALA A 4 -4.21 25.87 3.30
C ALA A 4 -2.89 25.12 3.33
N LEU A 5 -1.85 25.73 3.91
CA LEU A 5 -0.56 25.07 4.01
C LEU A 5 -0.62 23.96 5.05
N LEU A 6 -1.56 24.09 5.98
CA LEU A 6 -1.81 23.04 6.96
C LEU A 6 -2.65 21.95 6.34
N HIS A 7 -3.59 22.35 5.52
CA HIS A 7 -4.39 21.41 4.74
C HIS A 7 -3.47 20.67 3.78
N LYS A 8 -2.39 21.34 3.41
CA LYS A 8 -1.37 20.76 2.58
C LYS A 8 -0.44 19.92 3.43
N GLU A 9 -0.25 20.33 4.67
CA GLU A 9 0.53 19.57 5.62
C GLU A 9 -0.19 18.25 5.86
N ALA A 10 -1.50 18.36 5.94
CA ALA A 10 -2.38 17.21 6.01
C ALA A 10 -2.32 16.38 4.74
N GLU A 11 -2.25 17.05 3.59
CA GLU A 11 -2.23 16.36 2.32
C GLU A 11 -0.87 15.70 2.09
N GLU A 12 0.16 16.24 2.73
CA GLU A 12 1.48 15.63 2.69
C GLU A 12 1.47 14.38 3.55
N LYS A 13 0.77 14.47 4.67
CA LYS A 13 0.51 13.31 5.50
C LYS A 13 -0.25 12.27 4.69
N ARG A 14 -1.32 12.70 4.05
CA ARG A 14 -2.08 11.83 3.16
C ARG A 14 -1.18 11.24 2.09
N ALA A 15 -0.35 12.09 1.51
CA ALA A 15 0.58 11.68 0.47
C ALA A 15 1.58 10.68 0.99
N MET A 16 2.04 10.87 2.22
CA MET A 16 2.98 9.93 2.82
C MET A 16 2.25 8.66 3.23
N ILE A 17 0.94 8.77 3.38
CA ILE A 17 0.10 7.62 3.61
C ILE A 17 -0.13 6.89 2.31
N GLU A 18 -0.43 7.64 1.27
CA GLU A 18 -0.58 7.09 -0.06
C GLU A 18 0.74 6.57 -0.58
N ALA A 19 1.82 7.07 -0.01
CA ALA A 19 3.13 6.52 -0.28
C ALA A 19 3.19 5.11 0.30
N LYS A 20 2.80 5.01 1.56
CA LYS A 20 2.67 3.72 2.23
C LYS A 20 1.71 2.82 1.48
N ARG A 21 0.55 3.34 1.13
CA ARG A 21 -0.47 2.56 0.45
C ARG A 21 -0.02 2.14 -0.92
N GLY A 22 0.59 3.06 -1.64
CA GLY A 22 1.14 2.73 -2.94
C GLY A 22 2.21 1.69 -2.86
N GLU A 23 2.94 1.70 -1.75
CA GLU A 23 3.95 0.70 -1.49
C GLU A 23 3.32 -0.57 -0.95
N ASP A 24 2.29 -0.42 -0.16
CA ASP A 24 1.60 -1.55 0.44
C ASP A 24 0.96 -2.38 -0.64
N LEU A 25 0.35 -1.69 -1.56
CA LEU A 25 -0.21 -2.29 -2.75
C LEU A 25 0.88 -3.00 -3.54
N LEU A 26 2.04 -2.35 -3.65
CA LEU A 26 3.17 -2.93 -4.35
C LEU A 26 3.77 -4.08 -3.56
N LYS A 27 3.67 -4.02 -2.25
CA LYS A 27 4.09 -5.11 -1.39
C LYS A 27 3.13 -6.27 -1.54
N ALA A 28 1.88 -5.95 -1.81
CA ALA A 28 0.89 -6.97 -2.11
C ALA A 28 1.15 -7.50 -3.51
N GLU A 29 1.76 -6.67 -4.33
CA GLU A 29 2.22 -7.06 -5.65
C GLU A 29 3.42 -7.97 -5.53
N GLU A 30 4.31 -7.60 -4.61
CA GLU A 30 5.41 -8.45 -4.23
C GLU A 30 4.90 -9.77 -3.72
N LEU A 31 3.90 -9.71 -2.86
CA LEU A 31 3.26 -10.91 -2.37
C LEU A 31 2.77 -11.72 -3.55
N ALA A 32 2.13 -11.05 -4.50
CA ALA A 32 1.64 -11.71 -5.69
C ALA A 32 2.79 -12.29 -6.50
N ALA A 33 3.95 -11.63 -6.43
CA ALA A 33 5.14 -12.10 -7.15
C ALA A 33 5.81 -13.26 -6.41
N LYS A 34 5.76 -13.22 -5.08
CA LYS A 34 6.37 -14.23 -4.25
C LYS A 34 5.52 -15.46 -4.22
N TYR A 35 4.25 -15.22 -4.05
CA TYR A 35 3.26 -16.26 -3.97
C TYR A 35 3.11 -16.92 -5.34
N ARG A 36 3.35 -16.13 -6.37
CA ARG A 36 3.50 -16.66 -7.72
C ARG A 36 4.57 -17.74 -7.73
N ALA A 37 5.65 -17.48 -7.01
CA ALA A 37 6.75 -18.42 -6.92
C ALA A 37 6.38 -19.57 -5.98
N THR A 38 5.58 -19.26 -4.97
CA THR A 38 5.03 -20.25 -4.07
C THR A 38 4.18 -21.26 -4.83
N GLY A 39 3.34 -20.74 -5.71
CA GLY A 39 2.48 -21.57 -6.52
C GLY A 39 1.01 -21.31 -6.26
N THR A 40 0.75 -20.75 -5.09
CA THR A 40 -0.61 -20.45 -4.69
C THR A 40 -0.83 -18.95 -4.57
N ALA A 41 -2.06 -18.57 -4.32
CA ALA A 41 -2.41 -17.17 -4.08
C ALA A 41 -2.14 -16.82 -2.61
N PRO A 42 -2.43 -15.58 -2.14
CA PRO A 42 -2.31 -15.25 -0.72
C PRO A 42 -3.26 -16.05 0.15
N LYS A 43 -3.97 -16.98 -0.46
CA LYS A 43 -4.78 -17.95 0.24
C LYS A 43 -3.96 -18.72 1.26
N LYS A 44 -2.64 -18.63 1.15
CA LYS A 44 -1.74 -19.29 2.07
C LYS A 44 -1.47 -18.41 3.31
N ILE A 45 -1.92 -17.16 3.26
CA ILE A 45 -1.89 -16.30 4.45
C ILE A 45 -3.30 -15.98 4.91
N LEU A 46 -4.19 -15.68 3.95
CA LEU A 46 -5.54 -15.22 4.26
C LEU A 46 -5.53 -14.19 5.38
N GLY A 47 -4.65 -13.24 5.22
CA GLY A 47 -4.45 -12.21 6.22
C GLY A 47 -4.77 -10.84 5.69
N ILE A 48 -3.76 -10.17 5.17
CA ILE A 48 -3.96 -8.87 4.54
C ILE A 48 -3.01 -8.69 3.36
N PHE A 49 -3.60 -8.52 2.19
CA PHE A 49 -2.84 -8.38 0.96
C PHE A 49 -3.54 -7.42 0.01
N ASN A 1 -3.77 30.98 2.77
CA ASN A 1 -4.66 30.77 3.95
C ASN A 1 -4.22 29.52 4.69
N LYS A 2 -4.29 29.59 6.01
CA LYS A 2 -3.66 28.62 6.86
C LYS A 2 -4.35 27.28 6.84
N ILE A 3 -5.67 27.30 6.82
CA ILE A 3 -6.41 26.06 6.75
C ILE A 3 -6.10 25.32 5.48
N ALA A 4 -5.91 26.07 4.41
CA ALA A 4 -5.55 25.50 3.12
C ALA A 4 -4.14 24.94 3.19
N LEU A 5 -3.29 25.66 3.90
CA LEU A 5 -1.92 25.23 4.17
C LEU A 5 -1.92 23.95 4.97
N LEU A 6 -2.82 23.87 5.95
CA LEU A 6 -2.96 22.71 6.81
C LEU A 6 -3.67 21.58 6.10
N HIS A 7 -4.59 21.94 5.23
CA HIS A 7 -5.22 20.97 4.34
C HIS A 7 -4.15 20.34 3.48
N LYS A 8 -3.14 21.13 3.18
CA LYS A 8 -2.01 20.68 2.41
C LYS A 8 -1.04 19.95 3.33
N GLU A 9 -0.98 20.35 4.58
CA GLU A 9 -0.21 19.66 5.59
C GLU A 9 -0.73 18.25 5.71
N ALA A 10 -2.04 18.15 5.78
CA ALA A 10 -2.74 16.88 5.79
C ALA A 10 -2.41 16.07 4.56
N GLU A 11 -2.33 16.73 3.42
CA GLU A 11 -2.08 16.05 2.17
C GLU A 11 -0.60 15.69 2.05
N GLU A 12 0.24 16.40 2.80
CA GLU A 12 1.65 16.06 2.90
C GLU A 12 1.83 14.80 3.72
N LYS A 13 1.04 14.71 4.77
CA LYS A 13 0.95 13.48 5.54
C LYS A 13 0.47 12.36 4.63
N ARG A 14 -0.61 12.62 3.92
CA ARG A 14 -1.12 11.70 2.92
C ARG A 14 -0.02 11.28 1.96
N ALA A 15 0.79 12.23 1.55
CA ALA A 15 1.87 11.98 0.62
C ALA A 15 2.90 11.02 1.22
N MET A 16 3.17 11.18 2.51
CA MET A 16 4.11 10.29 3.19
C MET A 16 3.43 8.98 3.56
N ILE A 17 2.11 8.99 3.51
CA ILE A 17 1.33 7.78 3.70
C ILE A 17 1.28 7.01 2.40
N GLU A 18 1.04 7.72 1.32
CA GLU A 18 1.05 7.14 -0.01
C GLU A 18 2.46 6.70 -0.39
N ALA A 19 3.43 7.22 0.33
CA ALA A 19 4.79 6.72 0.21
C ALA A 19 4.83 5.29 0.73
N LYS A 20 4.25 5.10 1.91
CA LYS A 20 4.09 3.80 2.51
C LYS A 20 3.16 2.92 1.69
N ARG A 21 2.01 3.46 1.31
CA ARG A 21 1.00 2.69 0.62
C ARG A 21 1.43 2.34 -0.79
N GLY A 22 2.21 3.22 -1.40
CA GLY A 22 2.77 2.90 -2.70
C GLY A 22 3.71 1.73 -2.62
N GLU A 23 4.36 1.59 -1.48
CA GLU A 23 5.22 0.46 -1.22
C GLU A 23 4.41 -0.71 -0.72
N ASP A 24 3.35 -0.40 0.00
CA ASP A 24 2.43 -1.41 0.50
C ASP A 24 1.74 -2.07 -0.66
N LEU A 25 1.44 -1.25 -1.65
CA LEU A 25 0.88 -1.70 -2.90
C LEU A 25 1.87 -2.61 -3.58
N LEU A 26 3.13 -2.21 -3.56
CA LEU A 26 4.20 -3.03 -4.10
C LEU A 26 4.38 -4.30 -3.28
N LYS A 27 4.04 -4.22 -2.00
CA LYS A 27 4.03 -5.40 -1.16
C LYS A 27 2.86 -6.29 -1.53
N ALA A 28 1.79 -5.67 -1.98
CA ALA A 28 0.65 -6.40 -2.49
C ALA A 28 0.96 -6.90 -3.89
N GLU A 29 1.95 -6.27 -4.51
CA GLU A 29 2.49 -6.71 -5.77
C GLU A 29 3.37 -7.92 -5.54
N GLU A 30 4.14 -7.85 -4.45
CA GLU A 30 4.87 -9.00 -3.95
C GLU A 30 3.92 -10.11 -3.62
N LEU A 31 2.81 -9.76 -2.97
CA LEU A 31 1.79 -10.72 -2.66
C LEU A 31 1.26 -11.32 -3.95
N ALA A 32 1.03 -10.46 -4.93
CA ALA A 32 0.55 -10.91 -6.22
C ALA A 32 1.61 -11.77 -6.91
N ALA A 33 2.86 -11.60 -6.53
CA ALA A 33 3.94 -12.41 -7.06
C ALA A 33 4.05 -13.74 -6.29
N LYS A 34 3.84 -13.66 -4.99
CA LYS A 34 3.95 -14.80 -4.11
C LYS A 34 2.79 -15.73 -4.31
N TYR A 35 1.62 -15.14 -4.32
CA TYR A 35 0.38 -15.87 -4.46
C TYR A 35 0.30 -16.43 -5.87
N ARG A 36 0.88 -15.70 -6.82
CA ARG A 36 1.06 -16.21 -8.16
C ARG A 36 1.93 -17.46 -8.13
N ALA A 37 2.98 -17.40 -7.31
CA ALA A 37 3.85 -18.56 -7.09
C ALA A 37 3.21 -19.47 -6.05
N THR A 38 1.98 -19.85 -6.33
CA THR A 38 1.14 -20.56 -5.39
C THR A 38 1.81 -21.80 -4.82
N GLY A 39 2.19 -22.71 -5.70
CA GLY A 39 2.52 -24.04 -5.27
C GLY A 39 1.32 -24.63 -4.58
N THR A 40 1.39 -24.72 -3.26
CA THR A 40 0.19 -24.83 -2.46
C THR A 40 0.49 -24.46 -1.01
N ALA A 41 0.33 -23.18 -0.75
CA ALA A 41 0.27 -22.64 0.58
C ALA A 41 -1.11 -22.01 0.74
N PRO A 42 -1.49 -21.44 1.89
CA PRO A 42 -2.73 -20.66 1.99
C PRO A 42 -2.64 -19.35 1.21
N LYS A 43 -1.51 -19.16 0.53
CA LYS A 43 -1.28 -18.00 -0.31
C LYS A 43 -2.07 -18.12 -1.60
N LYS A 44 -3.36 -18.28 -1.41
CA LYS A 44 -4.32 -18.45 -2.50
C LYS A 44 -5.74 -18.40 -1.95
N ILE A 45 -5.85 -18.35 -0.62
CA ILE A 45 -7.13 -18.20 0.04
C ILE A 45 -7.10 -17.00 0.98
N LEU A 46 -5.97 -16.82 1.63
CA LEU A 46 -5.76 -15.70 2.53
C LEU A 46 -4.36 -15.15 2.29
N GLY A 47 -3.96 -14.15 3.06
CA GLY A 47 -2.55 -13.82 3.14
C GLY A 47 -1.78 -15.02 3.61
N ILE A 48 -2.36 -15.69 4.59
CA ILE A 48 -1.90 -16.98 5.07
C ILE A 48 -2.95 -17.55 6.03
N PHE A 49 -3.09 -16.92 7.19
CA PHE A 49 -4.11 -17.28 8.15
C PHE A 49 -4.38 -16.09 9.07
N ASN A 1 -1.97 30.51 2.36
CA ASN A 1 -2.57 30.79 3.68
C ASN A 1 -2.33 29.62 4.62
N LYS A 2 -2.20 29.90 5.91
CA LYS A 2 -1.71 28.91 6.85
C LYS A 2 -2.58 27.68 6.89
N ILE A 3 -3.88 27.88 7.05
CA ILE A 3 -4.80 26.76 7.14
C ILE A 3 -4.73 25.91 5.89
N ALA A 4 -4.56 26.57 4.75
CA ALA A 4 -4.45 25.88 3.48
C ALA A 4 -3.11 25.15 3.41
N LEU A 5 -2.09 25.78 3.97
CA LEU A 5 -0.78 25.18 4.12
C LEU A 5 -0.88 23.93 4.99
N LEU A 6 -1.63 24.03 6.08
CA LEU A 6 -1.81 22.94 7.02
C LEU A 6 -2.72 21.88 6.44
N HIS A 7 -3.73 22.32 5.73
CA HIS A 7 -4.60 21.42 4.98
C HIS A 7 -3.74 20.64 4.00
N LYS A 8 -2.72 21.32 3.51
CA LYS A 8 -1.77 20.74 2.60
C LYS A 8 -0.81 19.83 3.36
N GLU A 9 -0.50 20.21 4.59
CA GLU A 9 0.36 19.40 5.44
C GLU A 9 -0.35 18.08 5.74
N ALA A 10 -1.64 18.20 6.01
CA ALA A 10 -2.49 17.05 6.22
C ALA A 10 -2.55 16.17 4.98
N GLU A 11 -2.70 16.80 3.82
CA GLU A 11 -2.83 16.07 2.57
C GLU A 11 -1.46 15.59 2.08
N GLU A 12 -0.41 16.23 2.58
CA GLU A 12 0.95 15.82 2.28
C GLU A 12 1.30 14.61 3.14
N LYS A 13 0.81 14.65 4.37
CA LYS A 13 0.84 13.50 5.24
C LYS A 13 0.09 12.35 4.58
N ARG A 14 -1.12 12.65 4.13
CA ARG A 14 -1.89 11.70 3.35
C ARG A 14 -1.08 11.18 2.18
N ALA A 15 -0.37 12.08 1.52
CA ALA A 15 0.46 11.74 0.38
C ALA A 15 1.57 10.78 0.78
N MET A 16 2.16 11.00 1.94
CA MET A 16 3.20 10.10 2.43
C MET A 16 2.58 8.81 2.97
N ILE A 17 1.27 8.87 3.21
CA ILE A 17 0.51 7.68 3.54
C ILE A 17 0.22 6.91 2.27
N GLU A 18 -0.17 7.64 1.25
CA GLU A 18 -0.37 7.10 -0.08
C GLU A 18 0.94 6.58 -0.64
N ALA A 19 2.03 7.08 -0.09
CA ALA A 19 3.34 6.57 -0.41
C ALA A 19 3.48 5.18 0.19
N LYS A 20 3.20 5.08 1.48
CA LYS A 20 3.18 3.82 2.18
C LYS A 20 2.23 2.83 1.51
N ARG A 21 1.05 3.31 1.16
CA ARG A 21 0.04 2.47 0.54
C ARG A 21 0.39 2.16 -0.90
N GLY A 22 0.96 3.13 -1.59
CA GLY A 22 1.47 2.88 -2.93
C GLY A 22 2.56 1.85 -2.93
N GLU A 23 3.32 1.83 -1.84
CA GLU A 23 4.34 0.83 -1.64
C GLU A 23 3.71 -0.44 -1.11
N ASP A 24 2.64 -0.31 -0.35
CA ASP A 24 1.94 -1.48 0.18
C ASP A 24 1.30 -2.24 -0.95
N LEU A 25 0.89 -1.49 -1.94
CA LEU A 25 0.42 -2.04 -3.19
C LEU A 25 1.55 -2.84 -3.83
N LEU A 26 2.75 -2.28 -3.80
CA LEU A 26 3.94 -2.96 -4.29
C LEU A 26 4.28 -4.15 -3.39
N LYS A 27 3.94 -4.04 -2.11
CA LYS A 27 4.11 -5.14 -1.17
C LYS A 27 3.11 -6.24 -1.51
N ALA A 28 1.94 -5.81 -1.96
CA ALA A 28 0.91 -6.72 -2.41
C ALA A 28 1.28 -7.27 -3.78
N GLU A 29 2.19 -6.57 -4.43
CA GLU A 29 2.77 -7.02 -5.67
C GLU A 29 3.83 -8.07 -5.38
N GLU A 30 4.56 -7.82 -4.31
CA GLU A 30 5.45 -8.83 -3.75
C GLU A 30 4.65 -10.04 -3.36
N LEU A 31 3.55 -9.81 -2.67
CA LEU A 31 2.68 -10.89 -2.27
C LEU A 31 2.15 -11.59 -3.51
N ALA A 32 1.89 -10.82 -4.54
CA ALA A 32 1.46 -11.39 -5.80
C ALA A 32 2.58 -12.21 -6.42
N ALA A 33 3.82 -11.75 -6.24
CA ALA A 33 4.99 -12.46 -6.76
C ALA A 33 5.29 -13.71 -5.94
N LYS A 34 5.03 -13.63 -4.64
CA LYS A 34 5.25 -14.73 -3.73
C LYS A 34 4.21 -15.79 -3.94
N TYR A 35 2.98 -15.35 -3.93
CA TYR A 35 1.85 -16.22 -4.10
C TYR A 35 1.77 -16.74 -5.52
N ARG A 36 2.34 -15.97 -6.43
CA ARG A 36 2.60 -16.46 -7.78
C ARG A 36 3.40 -17.75 -7.71
N ALA A 37 4.36 -17.79 -6.79
CA ALA A 37 5.19 -18.96 -6.60
C ALA A 37 4.49 -19.98 -5.68
N THR A 38 3.62 -19.48 -4.82
CA THR A 38 2.81 -20.34 -3.97
C THR A 38 1.88 -21.20 -4.82
N GLY A 39 1.28 -20.58 -5.82
CA GLY A 39 0.39 -21.29 -6.71
C GLY A 39 -1.05 -20.93 -6.47
N THR A 40 -1.34 -20.52 -5.24
CA THR A 40 -2.67 -20.15 -4.83
C THR A 40 -2.79 -18.65 -4.61
N ALA A 41 -4.00 -18.20 -4.38
CA ALA A 41 -4.28 -16.81 -4.04
C ALA A 41 -3.69 -16.48 -2.65
N PRO A 42 -3.69 -15.19 -2.24
CA PRO A 42 -3.31 -14.76 -0.87
C PRO A 42 -4.06 -15.47 0.25
N LYS A 43 -4.83 -16.48 -0.12
CA LYS A 43 -5.59 -17.31 0.82
C LYS A 43 -4.74 -17.78 1.99
N LYS A 44 -3.43 -17.82 1.77
CA LYS A 44 -2.49 -18.27 2.79
C LYS A 44 -2.45 -17.26 3.94
N ILE A 45 -2.69 -16.00 3.63
CA ILE A 45 -2.80 -14.95 4.64
C ILE A 45 -4.15 -14.27 4.53
N LEU A 46 -5.12 -15.04 4.05
CA LEU A 46 -6.48 -14.56 3.82
C LEU A 46 -6.94 -13.68 4.96
N GLY A 47 -7.21 -12.42 4.65
CA GLY A 47 -7.60 -11.48 5.67
C GLY A 47 -6.71 -10.25 5.70
N ILE A 48 -5.41 -10.46 5.55
CA ILE A 48 -4.47 -9.35 5.63
C ILE A 48 -3.49 -9.35 4.44
N PHE A 49 -4.02 -8.99 3.29
CA PHE A 49 -3.21 -8.86 2.09
C PHE A 49 -3.66 -7.64 1.29
N ASN A 1 -2.99 29.95 0.10
CA ASN A 1 -3.33 30.47 1.45
C ASN A 1 -2.84 29.50 2.51
N LYS A 2 -2.56 30.01 3.71
CA LYS A 2 -1.87 29.22 4.71
C LYS A 2 -2.67 27.99 5.11
N ILE A 3 -3.94 28.20 5.44
CA ILE A 3 -4.78 27.10 5.86
C ILE A 3 -4.84 26.02 4.80
N ALA A 4 -4.84 26.45 3.54
CA ALA A 4 -4.87 25.53 2.43
C ALA A 4 -3.53 24.82 2.30
N LEU A 5 -2.47 25.56 2.63
CA LEU A 5 -1.13 25.03 2.70
C LEU A 5 -1.03 23.98 3.79
N LEU A 6 -1.71 24.24 4.90
CA LEU A 6 -1.72 23.33 6.04
C LEU A 6 -2.69 22.19 5.82
N HIS A 7 -3.77 22.49 5.14
CA HIS A 7 -4.71 21.47 4.69
C HIS A 7 -3.99 20.56 3.72
N LYS A 8 -3.02 21.15 3.03
CA LYS A 8 -2.16 20.41 2.14
C LYS A 8 -1.13 19.65 2.96
N GLU A 9 -0.64 20.29 4.02
CA GLU A 9 0.31 19.67 4.92
C GLU A 9 -0.31 18.38 5.47
N ALA A 10 -1.57 18.49 5.84
CA ALA A 10 -2.34 17.35 6.30
C ALA A 10 -2.40 16.27 5.23
N GLU A 11 -2.57 16.68 3.98
CA GLU A 11 -2.68 15.73 2.89
C GLU A 11 -1.30 15.23 2.46
N GLU A 12 -0.26 15.95 2.88
CA GLU A 12 1.10 15.53 2.64
C GLU A 12 1.47 14.43 3.60
N LYS A 13 0.99 14.55 4.82
CA LYS A 13 1.06 13.46 5.79
C LYS A 13 0.32 12.26 5.23
N ARG A 14 -0.90 12.50 4.78
CA ARG A 14 -1.68 11.50 4.10
C ARG A 14 -0.91 10.90 2.93
N ALA A 15 -0.24 11.77 2.19
CA ALA A 15 0.52 11.35 1.02
C ALA A 15 1.74 10.55 1.45
N MET A 16 2.29 10.90 2.60
CA MET A 16 3.37 10.15 3.21
C MET A 16 2.87 8.78 3.64
N ILE A 17 1.63 8.74 4.08
CA ILE A 17 0.97 7.49 4.42
C ILE A 17 0.66 6.71 3.16
N GLU A 18 0.14 7.42 2.17
CA GLU A 18 -0.14 6.85 0.86
C GLU A 18 1.12 6.35 0.21
N ALA A 19 2.24 6.91 0.62
CA ALA A 19 3.53 6.43 0.17
C ALA A 19 3.75 5.04 0.73
N LYS A 20 3.54 4.91 2.04
CA LYS A 20 3.65 3.64 2.73
C LYS A 20 2.63 2.66 2.17
N ARG A 21 1.41 3.13 1.99
CA ARG A 21 0.33 2.29 1.48
C ARG A 21 0.55 1.93 0.03
N GLY A 22 1.07 2.88 -0.73
CA GLY A 22 1.42 2.60 -2.10
C GLY A 22 2.52 1.56 -2.19
N GLU A 23 3.38 1.56 -1.19
CA GLU A 23 4.42 0.57 -1.08
C GLU A 23 3.86 -0.71 -0.49
N ASP A 24 2.88 -0.57 0.39
CA ASP A 24 2.23 -1.72 1.00
C ASP A 24 1.47 -2.47 -0.06
N LEU A 25 0.84 -1.69 -0.93
CA LEU A 25 0.17 -2.22 -2.08
C LEU A 25 1.17 -2.90 -2.97
N LEU A 26 2.32 -2.26 -3.15
CA LEU A 26 3.41 -2.82 -3.92
C LEU A 26 3.95 -4.08 -3.25
N LYS A 27 3.89 -4.13 -1.93
CA LYS A 27 4.25 -5.33 -1.20
C LYS A 27 3.26 -6.42 -1.51
N ALA A 28 2.01 -6.01 -1.67
CA ALA A 28 0.95 -6.93 -2.03
C ALA A 28 1.07 -7.28 -3.50
N GLU A 29 1.76 -6.42 -4.23
CA GLU A 29 2.08 -6.65 -5.63
C GLU A 29 3.22 -7.62 -5.74
N GLU A 30 4.21 -7.46 -4.87
CA GLU A 30 5.29 -8.41 -4.74
C GLU A 30 4.74 -9.74 -4.30
N LEU A 31 3.81 -9.71 -3.37
CA LEU A 31 3.13 -10.91 -2.96
C LEU A 31 2.38 -11.49 -4.14
N ALA A 32 1.77 -10.63 -4.93
CA ALA A 32 1.06 -11.08 -6.12
C ALA A 32 2.04 -11.44 -7.24
N ALA A 33 3.32 -11.27 -6.97
CA ALA A 33 4.37 -11.72 -7.88
C ALA A 33 4.98 -13.02 -7.38
N LYS A 34 5.12 -13.13 -6.06
CA LYS A 34 5.72 -14.28 -5.43
C LYS A 34 4.74 -15.42 -5.37
N TYR A 35 3.57 -15.08 -4.90
CA TYR A 35 2.48 -16.01 -4.75
C TYR A 35 2.01 -16.46 -6.12
N ARG A 36 2.13 -15.54 -7.06
CA ARG A 36 1.95 -15.85 -8.46
C ARG A 36 2.93 -16.92 -8.89
N ALA A 37 4.18 -16.79 -8.43
CA ALA A 37 5.22 -17.75 -8.73
C ALA A 37 4.92 -19.09 -8.08
N THR A 38 4.25 -19.03 -6.93
CA THR A 38 3.76 -20.22 -6.26
C THR A 38 2.87 -21.02 -7.21
N GLY A 39 2.10 -20.29 -8.00
CA GLY A 39 1.27 -20.92 -9.01
C GLY A 39 -0.21 -20.65 -8.82
N THR A 40 -0.54 -19.71 -7.96
CA THR A 40 -1.91 -19.38 -7.64
C THR A 40 -2.08 -17.90 -7.32
N ALA A 41 -3.30 -17.50 -6.99
CA ALA A 41 -3.57 -16.16 -6.51
C ALA A 41 -2.83 -15.94 -5.19
N PRO A 42 -2.79 -14.70 -4.64
CA PRO A 42 -2.09 -14.42 -3.37
C PRO A 42 -2.70 -15.13 -2.18
N LYS A 43 -3.66 -16.01 -2.46
CA LYS A 43 -4.32 -16.81 -1.45
C LYS A 43 -3.35 -17.73 -0.73
N LYS A 44 -2.51 -17.12 0.06
CA LYS A 44 -1.64 -17.79 1.01
C LYS A 44 -1.72 -16.99 2.29
N ILE A 45 -1.55 -15.68 2.14
CA ILE A 45 -1.86 -14.72 3.19
C ILE A 45 -2.34 -13.42 2.58
N LEU A 46 -2.20 -13.32 1.25
CA LEU A 46 -2.47 -12.08 0.52
C LEU A 46 -1.65 -10.95 1.09
N GLY A 47 -1.94 -9.72 0.70
CA GLY A 47 -1.45 -8.58 1.44
C GLY A 47 -2.16 -8.48 2.77
N ILE A 48 -1.87 -9.46 3.64
CA ILE A 48 -2.55 -9.67 4.94
C ILE A 48 -4.07 -9.69 4.77
N PHE A 49 -4.53 -10.17 3.61
CA PHE A 49 -5.95 -10.21 3.24
C PHE A 49 -6.66 -8.90 3.60
N ASN A 1 -3.75 29.81 0.83
CA ASN A 1 -3.87 30.46 2.16
C ASN A 1 -3.46 29.50 3.27
N LYS A 2 -3.35 30.02 4.48
CA LYS A 2 -2.75 29.28 5.58
C LYS A 2 -3.45 27.97 5.84
N ILE A 3 -4.76 28.00 5.93
CA ILE A 3 -5.50 26.78 6.21
C ILE A 3 -5.27 25.77 5.12
N ALA A 4 -5.15 26.24 3.89
CA ALA A 4 -4.90 25.37 2.75
C ALA A 4 -3.49 24.80 2.84
N LEU A 5 -2.60 25.60 3.42
CA LEU A 5 -1.24 25.18 3.71
C LEU A 5 -1.26 24.03 4.73
N LEU A 6 -2.16 24.13 5.70
CA LEU A 6 -2.33 23.11 6.71
C LEU A 6 -3.10 21.92 6.18
N HIS A 7 -4.11 22.21 5.38
CA HIS A 7 -4.84 21.16 4.65
C HIS A 7 -3.86 20.43 3.75
N LYS A 8 -2.85 21.18 3.33
CA LYS A 8 -1.77 20.65 2.52
C LYS A 8 -0.85 19.82 3.38
N GLU A 9 -0.57 20.29 4.58
CA GLU A 9 0.22 19.57 5.54
C GLU A 9 -0.40 18.21 5.78
N ALA A 10 -1.72 18.22 5.96
CA ALA A 10 -2.50 17.02 6.13
C ALA A 10 -2.43 16.13 4.90
N GLU A 11 -2.53 16.74 3.72
CA GLU A 11 -2.55 16.00 2.48
C GLU A 11 -1.15 15.50 2.12
N GLU A 12 -0.14 16.18 2.66
CA GLU A 12 1.25 15.75 2.52
C GLU A 12 1.50 14.57 3.44
N LYS A 13 0.88 14.61 4.60
CA LYS A 13 0.86 13.48 5.50
C LYS A 13 0.20 12.31 4.80
N ARG A 14 -0.98 12.56 4.26
CA ARG A 14 -1.69 11.59 3.47
C ARG A 14 -0.80 11.05 2.35
N ALA A 15 -0.08 11.95 1.71
CA ALA A 15 0.80 11.61 0.62
C ALA A 15 1.97 10.76 1.10
N MET A 16 2.47 11.07 2.30
CA MET A 16 3.55 10.28 2.87
C MET A 16 3.02 8.94 3.34
N ILE A 17 1.73 8.89 3.59
CA ILE A 17 1.06 7.65 3.93
C ILE A 17 0.82 6.84 2.68
N GLU A 18 0.35 7.51 1.64
CA GLU A 18 0.14 6.89 0.34
C GLU A 18 1.47 6.53 -0.31
N ALA A 19 2.53 7.07 0.24
CA ALA A 19 3.86 6.66 -0.15
C ALA A 19 4.13 5.27 0.42
N LYS A 20 3.84 5.12 1.71
CA LYS A 20 3.93 3.85 2.40
C LYS A 20 2.93 2.86 1.84
N ARG A 21 1.70 3.31 1.64
CA ARG A 21 0.66 2.46 1.10
C ARG A 21 0.92 2.15 -0.35
N GLY A 22 1.55 3.08 -1.05
CA GLY A 22 2.00 2.81 -2.39
C GLY A 22 3.03 1.70 -2.41
N GLU A 23 3.80 1.62 -1.34
CA GLU A 23 4.75 0.55 -1.15
C GLU A 23 4.05 -0.69 -0.64
N ASP A 24 3.04 -0.48 0.18
CA ASP A 24 2.23 -1.57 0.73
C ASP A 24 1.51 -2.28 -0.40
N LEU A 25 0.99 -1.48 -1.30
CA LEU A 25 0.40 -1.96 -2.52
C LEU A 25 1.44 -2.74 -3.32
N LEU A 26 2.66 -2.24 -3.33
CA LEU A 26 3.77 -2.92 -3.99
C LEU A 26 4.17 -4.18 -3.21
N LYS A 27 3.92 -4.17 -1.91
CA LYS A 27 4.13 -5.37 -1.11
C LYS A 27 3.07 -6.38 -1.45
N ALA A 28 1.90 -5.88 -1.81
CA ALA A 28 0.82 -6.72 -2.27
C ALA A 28 1.07 -7.13 -3.72
N GLU A 29 1.94 -6.38 -4.37
CA GLU A 29 2.43 -6.71 -5.69
C GLU A 29 3.47 -7.80 -5.57
N GLU A 30 4.33 -7.65 -4.59
CA GLU A 30 5.25 -8.70 -4.21
C GLU A 30 4.49 -9.95 -3.87
N LEU A 31 3.45 -9.78 -3.06
CA LEU A 31 2.58 -10.88 -2.75
C LEU A 31 1.99 -11.46 -4.01
N ALA A 32 1.58 -10.59 -4.91
CA ALA A 32 0.99 -11.04 -6.16
C ALA A 32 2.04 -11.73 -7.04
N ALA A 33 3.29 -11.38 -6.84
CA ALA A 33 4.39 -12.00 -7.57
C ALA A 33 4.81 -13.31 -6.93
N LYS A 34 4.75 -13.37 -5.61
CA LYS A 34 5.11 -14.54 -4.86
C LYS A 34 4.00 -15.54 -4.91
N TYR A 35 2.81 -15.05 -4.69
CA TYR A 35 1.61 -15.86 -4.69
C TYR A 35 1.21 -16.23 -6.10
N ARG A 36 1.82 -15.58 -7.07
CA ARG A 36 1.79 -16.04 -8.44
C ARG A 36 2.36 -17.45 -8.50
N ALA A 37 3.42 -17.65 -7.74
CA ALA A 37 3.96 -18.98 -7.48
C ALA A 37 3.53 -19.40 -6.09
N THR A 38 2.21 -19.56 -5.94
CA THR A 38 1.55 -19.54 -4.64
C THR A 38 2.31 -20.29 -3.56
N GLY A 39 2.30 -21.62 -3.62
CA GLY A 39 2.92 -22.42 -2.56
C GLY A 39 2.50 -21.95 -1.17
N THR A 40 1.30 -21.39 -1.09
CA THR A 40 0.80 -20.74 0.11
C THR A 40 -0.72 -20.76 0.11
N ALA A 41 -1.30 -20.14 1.12
CA ALA A 41 -2.73 -19.91 1.16
C ALA A 41 -3.20 -19.17 -0.11
N PRO A 42 -4.45 -19.38 -0.54
CA PRO A 42 -5.05 -18.71 -1.70
C PRO A 42 -5.12 -17.19 -1.59
N LYS A 43 -4.46 -16.63 -0.57
CA LYS A 43 -4.44 -15.19 -0.33
C LYS A 43 -3.85 -14.44 -1.53
N LYS A 44 -4.61 -14.46 -2.60
CA LYS A 44 -4.24 -13.92 -3.90
C LYS A 44 -5.46 -13.99 -4.82
N ILE A 45 -6.39 -14.90 -4.49
CA ILE A 45 -7.69 -14.97 -5.17
C ILE A 45 -8.80 -15.23 -4.17
N LEU A 46 -8.39 -15.71 -2.99
CA LEU A 46 -9.31 -16.13 -1.93
C LEU A 46 -10.26 -17.19 -2.46
N GLY A 47 -9.69 -18.10 -3.24
CA GLY A 47 -10.47 -19.13 -3.90
C GLY A 47 -11.13 -20.08 -2.93
N ILE A 48 -10.35 -20.93 -2.30
CA ILE A 48 -10.91 -21.88 -1.34
C ILE A 48 -11.01 -21.27 0.06
N PHE A 49 -11.25 -19.96 0.10
CA PHE A 49 -11.53 -19.28 1.35
C PHE A 49 -13.04 -19.25 1.59
N ASN A 1 -3.03 30.63 1.61
CA ASN A 1 -3.42 30.76 3.03
C ASN A 1 -2.88 29.58 3.81
N LYS A 2 -2.47 29.85 5.05
CA LYS A 2 -1.70 28.91 5.83
C LYS A 2 -2.51 27.69 6.22
N ILE A 3 -3.76 27.89 6.57
CA ILE A 3 -4.61 26.76 6.92
C ILE A 3 -4.75 25.82 5.74
N ALA A 4 -4.82 26.40 4.56
CA ALA A 4 -4.91 25.62 3.34
C ALA A 4 -3.59 24.91 3.09
N LEU A 5 -2.51 25.61 3.41
CA LEU A 5 -1.17 25.05 3.37
C LEU A 5 -1.06 23.88 4.33
N LEU A 6 -1.69 24.01 5.48
CA LEU A 6 -1.67 22.97 6.50
C LEU A 6 -2.66 21.87 6.17
N HIS A 7 -3.76 22.23 5.55
CA HIS A 7 -4.68 21.25 5.00
C HIS A 7 -3.94 20.42 3.98
N LYS A 8 -3.07 21.10 3.24
CA LYS A 8 -2.23 20.47 2.25
C LYS A 8 -1.11 19.71 2.94
N GLU A 9 -0.69 20.21 4.11
CA GLU A 9 0.34 19.55 4.90
C GLU A 9 -0.21 18.22 5.41
N ALA A 10 -1.46 18.28 5.86
CA ALA A 10 -2.19 17.08 6.24
C ALA A 10 -2.32 16.12 5.06
N GLU A 11 -2.42 16.69 3.86
CA GLU A 11 -2.50 15.89 2.66
C GLU A 11 -1.14 15.45 2.18
N GLU A 12 -0.10 16.16 2.59
CA GLU A 12 1.26 15.71 2.36
C GLU A 12 1.54 14.53 3.27
N LYS A 13 1.02 14.63 4.48
CA LYS A 13 1.03 13.53 5.42
C LYS A 13 0.26 12.35 4.86
N ARG A 14 -0.94 12.62 4.38
CA ARG A 14 -1.75 11.58 3.76
C ARG A 14 -1.06 11.02 2.52
N ALA A 15 -0.23 11.85 1.90
CA ALA A 15 0.51 11.46 0.71
C ALA A 15 1.71 10.63 1.13
N MET A 16 2.23 10.95 2.30
CA MET A 16 3.24 10.14 2.94
C MET A 16 2.64 8.80 3.35
N ILE A 17 1.37 8.82 3.68
CA ILE A 17 0.62 7.62 3.95
C ILE A 17 0.39 6.85 2.66
N GLU A 18 0.00 7.58 1.63
CA GLU A 18 -0.17 7.01 0.30
C GLU A 18 1.16 6.53 -0.26
N ALA A 19 2.23 7.05 0.28
CA ALA A 19 3.55 6.56 -0.06
C ALA A 19 3.71 5.17 0.51
N LYS A 20 3.34 5.01 1.77
CA LYS A 20 3.35 3.73 2.42
C LYS A 20 2.35 2.80 1.75
N ARG A 21 1.14 3.28 1.52
CA ARG A 21 0.09 2.46 0.93
C ARG A 21 0.43 2.10 -0.51
N GLY A 22 1.00 3.05 -1.23
CA GLY A 22 1.45 2.76 -2.57
C GLY A 22 2.52 1.70 -2.58
N GLU A 23 3.31 1.66 -1.52
CA GLU A 23 4.30 0.63 -1.35
C GLU A 23 3.69 -0.61 -0.76
N ASP A 24 2.64 -0.42 0.02
CA ASP A 24 1.90 -1.54 0.61
C ASP A 24 1.22 -2.31 -0.50
N LEU A 25 0.74 -1.55 -1.47
CA LEU A 25 0.19 -2.10 -2.68
C LEU A 25 1.29 -2.84 -3.42
N LEU A 26 2.46 -2.24 -3.46
CA LEU A 26 3.63 -2.86 -4.05
C LEU A 26 4.05 -4.09 -3.26
N LYS A 27 3.76 -4.08 -1.96
CA LYS A 27 3.99 -5.24 -1.12
C LYS A 27 2.99 -6.32 -1.47
N ALA A 28 1.81 -5.88 -1.86
CA ALA A 28 0.78 -6.80 -2.33
C ALA A 28 1.15 -7.27 -3.73
N GLU A 29 1.94 -6.46 -4.41
CA GLU A 29 2.50 -6.80 -5.69
C GLU A 29 3.61 -7.81 -5.51
N GLU A 30 4.41 -7.58 -4.48
CA GLU A 30 5.37 -8.56 -4.03
C GLU A 30 4.66 -9.84 -3.67
N LEU A 31 3.54 -9.70 -2.99
CA LEU A 31 2.74 -10.84 -2.65
C LEU A 31 2.27 -11.51 -3.93
N ALA A 32 1.84 -10.72 -4.89
CA ALA A 32 1.40 -11.26 -6.17
C ALA A 32 2.57 -11.92 -6.91
N ALA A 33 3.78 -11.49 -6.59
CA ALA A 33 4.98 -12.07 -7.20
C ALA A 33 5.41 -13.34 -6.46
N LYS A 34 5.21 -13.36 -5.16
CA LYS A 34 5.58 -14.49 -4.32
C LYS A 34 4.51 -15.55 -4.37
N TYR A 35 3.30 -15.08 -4.27
CA TYR A 35 2.15 -15.94 -4.28
C TYR A 35 1.93 -16.51 -5.67
N ARG A 36 2.53 -15.85 -6.64
CA ARG A 36 2.70 -16.42 -7.96
C ARG A 36 3.38 -17.78 -7.84
N ALA A 37 4.35 -17.86 -6.93
CA ALA A 37 5.04 -19.11 -6.65
C ALA A 37 4.20 -19.98 -5.72
N THR A 38 3.45 -19.34 -4.83
CA THR A 38 2.50 -20.03 -3.97
C THR A 38 1.51 -20.84 -4.79
N GLY A 39 1.08 -20.25 -5.90
CA GLY A 39 0.11 -20.87 -6.77
C GLY A 39 -1.18 -20.09 -6.76
N THR A 40 -1.50 -19.56 -5.60
CA THR A 40 -2.66 -18.70 -5.42
C THR A 40 -2.21 -17.29 -5.04
N ALA A 41 -2.83 -16.31 -5.68
CA ALA A 41 -2.54 -14.90 -5.44
C ALA A 41 -2.90 -14.52 -4.00
N PRO A 42 -2.52 -13.30 -3.51
CA PRO A 42 -2.95 -12.81 -2.19
C PRO A 42 -4.46 -12.77 -2.01
N LYS A 43 -5.16 -13.26 -3.00
CA LYS A 43 -6.58 -13.46 -2.91
C LYS A 43 -6.88 -14.60 -1.96
N LYS A 44 -5.82 -15.32 -1.61
CA LYS A 44 -5.90 -16.41 -0.65
C LYS A 44 -5.64 -15.92 0.77
N ILE A 45 -5.15 -14.69 0.92
CA ILE A 45 -4.90 -14.15 2.26
C ILE A 45 -6.04 -13.22 2.69
N LEU A 46 -6.02 -12.80 3.95
CA LEU A 46 -7.04 -11.89 4.47
C LEU A 46 -7.10 -10.60 3.66
N GLY A 47 -5.97 -10.20 3.10
CA GLY A 47 -5.91 -8.98 2.33
C GLY A 47 -6.68 -9.05 1.02
N ILE A 48 -6.87 -10.29 0.55
CA ILE A 48 -7.53 -10.58 -0.74
C ILE A 48 -7.21 -9.52 -1.80
N PHE A 49 -5.96 -9.51 -2.23
CA PHE A 49 -5.53 -8.57 -3.26
C PHE A 49 -5.65 -9.23 -4.63
N ASN A 1 -1.54 30.93 4.44
CA ASN A 1 -2.08 30.99 5.81
C ASN A 1 -1.91 29.65 6.50
N LYS A 2 -1.75 29.66 7.82
CA LYS A 2 -1.32 28.47 8.54
C LYS A 2 -2.26 27.31 8.34
N ILE A 3 -3.54 27.57 8.51
CA ILE A 3 -4.53 26.52 8.38
C ILE A 3 -4.47 25.89 7.00
N ALA A 4 -4.22 26.71 6.00
CA ALA A 4 -4.12 26.24 4.64
C ALA A 4 -2.81 25.47 4.45
N LEU A 5 -1.78 25.96 5.13
CA LEU A 5 -0.49 25.30 5.19
C LEU A 5 -0.63 23.92 5.84
N LEU A 6 -1.48 23.85 6.86
CA LEU A 6 -1.73 22.61 7.58
C LEU A 6 -2.71 21.73 6.84
N HIS A 7 -3.66 22.34 6.16
CA HIS A 7 -4.54 21.61 5.26
C HIS A 7 -3.69 20.99 4.16
N LYS A 8 -2.60 21.68 3.86
CA LYS A 8 -1.61 21.20 2.93
C LYS A 8 -0.78 20.11 3.58
N GLU A 9 -0.45 20.30 4.84
CA GLU A 9 0.28 19.31 5.61
C GLU A 9 -0.52 18.02 5.61
N ALA A 10 -1.82 18.17 5.81
CA ALA A 10 -2.76 17.06 5.77
C ALA A 10 -2.71 16.34 4.43
N GLU A 11 -2.60 17.11 3.35
CA GLU A 11 -2.61 16.54 2.01
C GLU A 11 -1.22 16.00 1.64
N GLU A 12 -0.20 16.55 2.28
CA GLU A 12 1.16 16.05 2.13
C GLU A 12 1.29 14.74 2.85
N LYS A 13 0.67 14.67 4.02
CA LYS A 13 0.55 13.44 4.76
C LYS A 13 -0.16 12.40 3.92
N ARG A 14 -1.28 12.79 3.35
CA ARG A 14 -2.00 11.93 2.42
C ARG A 14 -1.10 11.43 1.32
N ALA A 15 -0.27 12.32 0.82
CA ALA A 15 0.68 11.99 -0.22
C ALA A 15 1.72 11.00 0.29
N MET A 16 2.07 11.12 1.57
CA MET A 16 2.98 10.16 2.20
C MET A 16 2.26 8.84 2.41
N ILE A 17 1.01 8.92 2.80
CA ILE A 17 0.20 7.75 3.03
C ILE A 17 -0.05 7.02 1.74
N GLU A 18 -0.40 7.77 0.71
CA GLU A 18 -0.57 7.21 -0.62
C GLU A 18 0.73 6.65 -1.14
N ALA A 19 1.83 7.26 -0.75
CA ALA A 19 3.13 6.72 -1.07
C ALA A 19 3.28 5.35 -0.43
N LYS A 20 2.93 5.29 0.84
CA LYS A 20 2.92 4.06 1.60
C LYS A 20 1.96 3.05 0.99
N ARG A 21 0.76 3.50 0.65
CA ARG A 21 -0.27 2.60 0.13
C ARG A 21 0.09 2.09 -1.25
N GLY A 22 0.68 2.95 -2.06
CA GLY A 22 1.18 2.51 -3.33
C GLY A 22 2.29 1.50 -3.17
N GLU A 23 3.04 1.63 -2.09
CA GLU A 23 4.08 0.69 -1.77
C GLU A 23 3.51 -0.53 -1.08
N ASP A 24 2.42 -0.34 -0.36
CA ASP A 24 1.73 -1.44 0.29
C ASP A 24 1.12 -2.32 -0.77
N LEU A 25 0.68 -1.67 -1.83
CA LEU A 25 0.20 -2.34 -3.01
C LEU A 25 1.35 -3.10 -3.66
N LEU A 26 2.50 -2.45 -3.73
CA LEU A 26 3.71 -3.07 -4.23
C LEU A 26 4.13 -4.24 -3.36
N LYS A 27 3.89 -4.11 -2.06
CA LYS A 27 4.13 -5.19 -1.13
C LYS A 27 3.13 -6.31 -1.34
N ALA A 28 1.95 -5.94 -1.83
CA ALA A 28 0.95 -6.92 -2.21
C ALA A 28 1.34 -7.53 -3.55
N GLU A 29 2.10 -6.76 -4.32
CA GLU A 29 2.68 -7.23 -5.57
C GLU A 29 3.80 -8.21 -5.25
N GLU A 30 4.54 -7.87 -4.21
CA GLU A 30 5.51 -8.78 -3.64
C GLU A 30 4.82 -10.04 -3.17
N LEU A 31 3.71 -9.87 -2.47
CA LEU A 31 2.93 -10.99 -2.00
C LEU A 31 2.53 -11.83 -3.20
N ALA A 32 2.09 -11.15 -4.24
CA ALA A 32 1.73 -11.82 -5.46
C ALA A 32 2.92 -12.59 -6.03
N ALA A 33 4.11 -12.01 -5.89
CA ALA A 33 5.32 -12.63 -6.40
C ALA A 33 5.90 -13.64 -5.40
N LYS A 34 5.28 -13.74 -4.24
CA LYS A 34 5.66 -14.73 -3.26
C LYS A 34 4.80 -15.96 -3.40
N TYR A 35 3.51 -15.71 -3.29
CA TYR A 35 2.48 -16.72 -3.29
C TYR A 35 2.74 -17.83 -4.30
N ARG A 36 2.39 -17.59 -5.54
CA ARG A 36 2.77 -18.48 -6.62
C ARG A 36 4.07 -18.00 -7.26
N ALA A 37 4.54 -16.85 -6.79
CA ALA A 37 5.36 -15.98 -7.61
C ALA A 37 4.52 -15.64 -8.84
N THR A 38 3.26 -15.33 -8.52
CA THR A 38 2.20 -15.15 -9.48
C THR A 38 2.46 -13.98 -10.41
N GLY A 39 2.91 -12.89 -9.83
CA GLY A 39 3.06 -11.66 -10.56
C GLY A 39 1.76 -10.89 -10.55
N THR A 40 0.68 -11.59 -10.87
CA THR A 40 -0.65 -11.07 -10.74
C THR A 40 -1.12 -11.20 -9.30
N ALA A 41 -2.07 -10.35 -8.92
CA ALA A 41 -2.61 -10.32 -7.56
C ALA A 41 -3.09 -11.71 -7.11
N PRO A 42 -3.16 -11.95 -5.78
CA PRO A 42 -3.71 -13.19 -5.20
C PRO A 42 -5.18 -13.39 -5.54
N LYS A 43 -5.68 -12.54 -6.41
CA LYS A 43 -7.05 -12.58 -6.90
C LYS A 43 -7.27 -13.81 -7.77
N LYS A 44 -6.90 -14.95 -7.21
CA LYS A 44 -7.00 -16.23 -7.88
C LYS A 44 -6.80 -17.35 -6.87
N ILE A 45 -6.28 -17.02 -5.68
CA ILE A 45 -6.11 -18.00 -4.63
C ILE A 45 -7.27 -17.96 -3.64
N LEU A 46 -7.24 -18.85 -2.65
CA LEU A 46 -8.23 -18.84 -1.58
C LEU A 46 -8.18 -17.50 -0.83
N GLY A 47 -7.01 -16.91 -0.81
CA GLY A 47 -6.83 -15.61 -0.20
C GLY A 47 -6.94 -14.52 -1.24
N ILE A 48 -8.16 -14.28 -1.70
CA ILE A 48 -8.42 -13.27 -2.73
C ILE A 48 -7.85 -11.90 -2.33
N PHE A 49 -7.91 -11.60 -1.04
CA PHE A 49 -7.43 -10.33 -0.48
C PHE A 49 -8.00 -9.13 -1.27
N ASN A 1 -1.50 30.90 2.15
CA ASN A 1 -2.33 31.00 3.37
C ASN A 1 -2.16 29.75 4.21
N LYS A 2 -2.15 29.96 5.52
CA LYS A 2 -1.76 28.95 6.47
C LYS A 2 -2.70 27.77 6.48
N ILE A 3 -3.99 28.04 6.39
CA ILE A 3 -4.96 26.97 6.41
C ILE A 3 -4.78 26.10 5.19
N ALA A 4 -4.44 26.70 4.07
CA ALA A 4 -4.18 25.97 2.84
C ALA A 4 -2.89 25.19 2.99
N LEU A 5 -1.94 25.78 3.69
CA LEU A 5 -0.68 25.15 4.04
C LEU A 5 -0.94 23.93 4.93
N LEU A 6 -1.88 24.07 5.86
CA LEU A 6 -2.23 23.01 6.79
C LEU A 6 -3.12 21.99 6.13
N HIS A 7 -3.97 22.46 5.23
CA HIS A 7 -4.75 21.57 4.39
C HIS A 7 -3.80 20.75 3.55
N LYS A 8 -2.68 21.36 3.23
CA LYS A 8 -1.62 20.70 2.51
C LYS A 8 -0.87 19.77 3.45
N GLU A 9 -0.69 20.21 4.68
CA GLU A 9 0.01 19.42 5.67
C GLU A 9 -0.72 18.11 5.89
N ALA A 10 -2.04 18.22 5.97
CA ALA A 10 -2.91 17.06 6.09
C ALA A 10 -2.78 16.12 4.90
N GLU A 11 -2.80 16.69 3.70
CA GLU A 11 -2.82 15.89 2.49
C GLU A 11 -1.41 15.42 2.13
N GLU A 12 -0.41 16.16 2.58
CA GLU A 12 0.98 15.78 2.37
C GLU A 12 1.29 14.60 3.27
N LYS A 13 0.75 14.63 4.47
CA LYS A 13 0.80 13.49 5.37
C LYS A 13 0.13 12.29 4.72
N ARG A 14 -1.08 12.50 4.22
CA ARG A 14 -1.79 11.47 3.49
C ARG A 14 -0.94 10.92 2.35
N ALA A 15 -0.32 11.82 1.61
CA ALA A 15 0.53 11.44 0.50
C ALA A 15 1.75 10.68 0.99
N MET A 16 2.22 11.05 2.17
CA MET A 16 3.30 10.34 2.82
C MET A 16 2.85 8.96 3.25
N ILE A 17 1.60 8.87 3.67
CA ILE A 17 1.01 7.60 4.04
C ILE A 17 0.78 6.75 2.81
N GLU A 18 0.23 7.38 1.79
CA GLU A 18 -0.03 6.72 0.53
C GLU A 18 1.26 6.46 -0.23
N ALA A 19 2.33 7.07 0.22
CA ALA A 19 3.65 6.73 -0.25
C ALA A 19 4.00 5.35 0.27
N LYS A 20 3.76 5.16 1.56
CA LYS A 20 3.92 3.88 2.20
C LYS A 20 2.94 2.87 1.63
N ARG A 21 1.68 3.26 1.51
CA ARG A 21 0.65 2.37 1.01
C ARG A 21 0.83 2.08 -0.46
N GLY A 22 1.39 3.04 -1.18
CA GLY A 22 1.75 2.78 -2.56
C GLY A 22 2.82 1.73 -2.65
N GLU A 23 3.67 1.68 -1.64
CA GLU A 23 4.68 0.65 -1.54
C GLU A 23 4.08 -0.60 -0.95
N ASP A 24 3.11 -0.44 -0.07
CA ASP A 24 2.44 -1.55 0.58
C ASP A 24 1.62 -2.32 -0.43
N LEU A 25 1.02 -1.57 -1.33
CA LEU A 25 0.30 -2.13 -2.44
C LEU A 25 1.28 -2.88 -3.32
N LEU A 26 2.45 -2.29 -3.49
CA LEU A 26 3.53 -2.92 -4.21
C LEU A 26 4.06 -4.12 -3.43
N LYS A 27 3.94 -4.08 -2.12
CA LYS A 27 4.27 -5.22 -1.29
C LYS A 27 3.23 -6.31 -1.48
N ALA A 28 2.02 -5.88 -1.77
CA ALA A 28 0.95 -6.79 -2.11
C ALA A 28 1.13 -7.26 -3.54
N GLU A 29 1.85 -6.47 -4.30
CA GLU A 29 2.25 -6.83 -5.65
C GLU A 29 3.36 -7.85 -5.58
N GLU A 30 4.27 -7.62 -4.64
CA GLU A 30 5.27 -8.60 -4.28
C GLU A 30 4.60 -9.86 -3.78
N LEU A 31 3.57 -9.68 -2.97
CA LEU A 31 2.78 -10.81 -2.51
C LEU A 31 2.21 -11.51 -3.71
N ALA A 32 1.62 -10.75 -4.62
CA ALA A 32 1.07 -11.32 -5.83
C ALA A 32 2.14 -12.06 -6.61
N ALA A 33 3.37 -11.55 -6.56
CA ALA A 33 4.50 -12.19 -7.22
C ALA A 33 4.92 -13.46 -6.49
N LYS A 34 4.81 -13.45 -5.16
CA LYS A 34 5.18 -14.58 -4.33
C LYS A 34 4.16 -15.67 -4.47
N TYR A 35 2.93 -15.25 -4.43
CA TYR A 35 1.80 -16.13 -4.56
C TYR A 35 1.78 -16.71 -5.96
N ARG A 36 2.12 -15.87 -6.92
CA ARG A 36 2.39 -16.30 -8.28
C ARG A 36 3.47 -17.37 -8.29
N ALA A 37 4.50 -17.15 -7.49
CA ALA A 37 5.59 -18.10 -7.38
C ALA A 37 5.13 -19.39 -6.73
N THR A 38 4.18 -19.25 -5.81
CA THR A 38 3.56 -20.40 -5.18
C THR A 38 2.67 -21.14 -6.18
N GLY A 39 2.16 -20.38 -7.13
CA GLY A 39 1.26 -20.93 -8.12
C GLY A 39 -0.16 -20.97 -7.62
N THR A 40 -0.46 -20.08 -6.69
CA THR A 40 -1.74 -20.06 -6.02
C THR A 40 -2.18 -18.63 -5.79
N ALA A 41 -3.33 -18.49 -5.15
CA ALA A 41 -3.78 -17.21 -4.64
C ALA A 41 -3.02 -16.91 -3.35
N PRO A 42 -3.41 -15.93 -2.49
CA PRO A 42 -2.77 -15.76 -1.19
C PRO A 42 -3.06 -16.92 -0.25
N LYS A 43 -3.70 -17.94 -0.78
CA LYS A 43 -4.13 -19.11 -0.03
C LYS A 43 -2.94 -19.92 0.46
N LYS A 44 -2.20 -19.29 1.35
CA LYS A 44 -1.03 -19.85 2.00
C LYS A 44 -0.60 -18.94 3.13
N ILE A 45 -0.86 -17.62 3.00
CA ILE A 45 -0.62 -16.66 4.10
C ILE A 45 -1.63 -15.52 4.07
N LEU A 46 -2.16 -15.20 2.89
CA LEU A 46 -3.06 -14.06 2.70
C LEU A 46 -2.50 -12.81 3.37
N GLY A 47 -1.24 -12.54 3.11
CA GLY A 47 -0.51 -11.53 3.87
C GLY A 47 -0.29 -12.00 5.29
N ILE A 48 -1.40 -12.18 5.99
CA ILE A 48 -1.41 -12.77 7.32
C ILE A 48 -2.85 -13.12 7.70
N PHE A 49 -3.21 -14.40 7.49
CA PHE A 49 -4.51 -14.92 7.90
C PHE A 49 -4.84 -14.51 9.33
N ASN A 1 -1.83 30.78 2.80
CA ASN A 1 -2.81 30.81 3.92
C ASN A 1 -2.70 29.54 4.74
N LYS A 2 -2.84 29.71 6.04
CA LYS A 2 -2.48 28.69 6.99
C LYS A 2 -3.37 27.47 6.91
N ILE A 3 -4.66 27.69 6.76
CA ILE A 3 -5.56 26.56 6.66
C ILE A 3 -5.25 25.75 5.42
N ALA A 4 -4.86 26.44 4.36
CA ALA A 4 -4.48 25.79 3.13
C ALA A 4 -3.17 25.06 3.33
N LEU A 5 -2.29 25.67 4.11
CA LEU A 5 -1.03 25.06 4.52
C LEU A 5 -1.30 23.79 5.30
N LEU A 6 -2.32 23.83 6.16
CA LEU A 6 -2.68 22.71 7.01
C LEU A 6 -3.49 21.68 6.25
N HIS A 7 -4.32 22.16 5.35
CA HIS A 7 -5.05 21.28 4.44
C HIS A 7 -4.03 20.55 3.58
N LYS A 8 -2.98 21.26 3.25
CA LYS A 8 -1.86 20.70 2.50
C LYS A 8 -1.03 19.82 3.42
N GLU A 9 -1.01 20.16 4.70
CA GLU A 9 -0.29 19.38 5.69
C GLU A 9 -0.93 18.01 5.80
N ALA A 10 -2.26 18.01 5.88
CA ALA A 10 -3.03 16.78 5.88
C ALA A 10 -2.80 15.97 4.61
N GLU A 11 -2.73 16.67 3.48
CA GLU A 11 -2.53 16.03 2.19
C GLU A 11 -1.08 15.58 2.02
N GLU A 12 -0.17 16.35 2.61
CA GLU A 12 1.24 16.03 2.59
C GLU A 12 1.50 14.82 3.46
N LYS A 13 0.82 14.77 4.60
CA LYS A 13 0.79 13.60 5.43
C LYS A 13 0.23 12.43 4.65
N ARG A 14 -0.90 12.67 3.98
CA ARG A 14 -1.48 11.68 3.09
C ARG A 14 -0.46 11.19 2.08
N ALA A 15 0.34 12.12 1.57
CA ALA A 15 1.36 11.80 0.59
C ALA A 15 2.43 10.90 1.19
N MET A 16 2.77 11.14 2.45
CA MET A 16 3.74 10.29 3.14
C MET A 16 3.08 8.97 3.53
N ILE A 17 1.76 8.97 3.56
CA ILE A 17 0.98 7.75 3.75
C ILE A 17 0.94 6.98 2.45
N GLU A 18 0.74 7.70 1.37
CA GLU A 18 0.78 7.14 0.04
C GLU A 18 2.16 6.66 -0.29
N ALA A 19 3.14 7.20 0.39
CA ALA A 19 4.52 6.73 0.27
C ALA A 19 4.61 5.32 0.81
N LYS A 20 3.85 5.06 1.86
CA LYS A 20 3.70 3.73 2.41
C LYS A 20 2.83 2.90 1.51
N ARG A 21 1.68 3.44 1.12
CA ARG A 21 0.71 2.69 0.34
C ARG A 21 1.24 2.35 -1.03
N GLY A 22 2.03 3.24 -1.60
CA GLY A 22 2.67 2.95 -2.87
C GLY A 22 3.60 1.76 -2.75
N GLU A 23 4.18 1.60 -1.58
CA GLU A 23 5.04 0.47 -1.30
C GLU A 23 4.23 -0.70 -0.80
N ASP A 24 3.07 -0.41 -0.22
CA ASP A 24 2.18 -1.45 0.25
C ASP A 24 1.54 -2.13 -0.94
N LEU A 25 1.16 -1.32 -1.90
CA LEU A 25 0.65 -1.81 -3.16
C LEU A 25 1.71 -2.65 -3.85
N LEU A 26 2.95 -2.20 -3.78
CA LEU A 26 4.07 -2.94 -4.33
C LEU A 26 4.35 -4.20 -3.52
N LYS A 27 4.10 -4.13 -2.22
CA LYS A 27 4.25 -5.28 -1.35
C LYS A 27 3.10 -6.25 -1.59
N ALA A 28 1.97 -5.70 -2.00
CA ALA A 28 0.84 -6.51 -2.39
C ALA A 28 1.08 -7.06 -3.78
N GLU A 29 1.96 -6.38 -4.51
CA GLU A 29 2.43 -6.84 -5.80
C GLU A 29 3.39 -7.99 -5.63
N GLU A 30 4.31 -7.82 -4.70
CA GLU A 30 5.19 -8.90 -4.27
C GLU A 30 4.37 -10.05 -3.77
N LEU A 31 3.40 -9.72 -2.96
CA LEU A 31 2.48 -10.69 -2.43
C LEU A 31 1.78 -11.39 -3.57
N ALA A 32 1.27 -10.61 -4.51
CA ALA A 32 0.56 -11.17 -5.65
C ALA A 32 1.50 -11.78 -6.67
N ALA A 33 2.80 -11.67 -6.41
CA ALA A 33 3.79 -12.34 -7.23
C ALA A 33 4.25 -13.64 -6.58
N LYS A 34 4.55 -13.56 -5.29
CA LYS A 34 5.07 -14.69 -4.54
C LYS A 34 3.98 -15.68 -4.25
N TYR A 35 2.89 -15.15 -3.77
CA TYR A 35 1.74 -15.96 -3.42
C TYR A 35 1.12 -16.53 -4.68
N ARG A 36 1.28 -15.78 -5.76
CA ARG A 36 0.90 -16.25 -7.09
C ARG A 36 1.75 -17.45 -7.49
N ALA A 37 3.01 -17.42 -7.08
CA ALA A 37 3.92 -18.53 -7.34
C ALA A 37 3.45 -19.76 -6.57
N THR A 38 2.90 -19.52 -5.40
CA THR A 38 2.31 -20.57 -4.59
C THR A 38 1.03 -21.07 -5.25
N GLY A 39 0.15 -20.14 -5.62
CA GLY A 39 -1.07 -20.49 -6.35
C GLY A 39 -1.93 -21.47 -5.59
N THR A 40 -2.47 -21.01 -4.47
CA THR A 40 -3.15 -21.89 -3.53
C THR A 40 -4.17 -21.14 -2.68
N ALA A 41 -4.74 -21.87 -1.73
CA ALA A 41 -5.46 -21.33 -0.55
C ALA A 41 -4.66 -20.18 0.12
N PRO A 42 -4.83 -19.89 1.45
CA PRO A 42 -3.85 -19.16 2.28
C PRO A 42 -2.36 -19.30 1.94
N LYS A 43 -2.04 -19.96 0.83
CA LYS A 43 -0.68 -20.11 0.36
C LYS A 43 0.06 -21.00 1.31
N LYS A 44 -0.48 -22.22 1.45
CA LYS A 44 -0.03 -23.22 2.42
C LYS A 44 0.23 -22.60 3.80
N ILE A 45 -0.50 -21.50 4.07
CA ILE A 45 -0.44 -20.80 5.34
C ILE A 45 0.99 -20.39 5.67
N LEU A 46 1.61 -19.75 4.70
CA LEU A 46 2.91 -19.14 4.92
C LEU A 46 2.75 -17.90 5.77
N GLY A 47 1.54 -17.35 5.74
CA GLY A 47 1.22 -16.20 6.54
C GLY A 47 0.24 -16.56 7.64
N ILE A 48 -1.04 -16.53 7.31
CA ILE A 48 -2.09 -16.93 8.24
C ILE A 48 -3.45 -17.00 7.55
N PHE A 49 -3.93 -15.84 7.10
CA PHE A 49 -5.24 -15.75 6.44
C PHE A 49 -6.35 -16.29 7.33
N ASN A 1 -2.57 31.41 4.78
CA ASN A 1 -3.26 31.07 6.06
C ASN A 1 -2.81 29.70 6.54
N LYS A 2 -2.70 29.57 7.86
CA LYS A 2 -2.05 28.45 8.49
C LYS A 2 -2.83 27.17 8.31
N ILE A 3 -4.13 27.26 8.44
CA ILE A 3 -4.97 26.08 8.25
C ILE A 3 -4.80 25.53 6.85
N ALA A 4 -4.63 26.42 5.90
CA ALA A 4 -4.40 26.04 4.52
C ALA A 4 -3.06 25.35 4.38
N LEU A 5 -2.08 25.85 5.14
CA LEU A 5 -0.77 25.23 5.25
C LEU A 5 -0.91 23.84 5.85
N LEU A 6 -1.79 23.70 6.82
CA LEU A 6 -2.04 22.44 7.49
C LEU A 6 -2.87 21.52 6.64
N HIS A 7 -3.75 22.12 5.87
CA HIS A 7 -4.50 21.38 4.85
C HIS A 7 -3.53 20.78 3.86
N LYS A 8 -2.47 21.53 3.61
CA LYS A 8 -1.39 21.08 2.77
C LYS A 8 -0.60 20.00 3.49
N GLU A 9 -0.42 20.19 4.79
CA GLU A 9 0.25 19.21 5.63
C GLU A 9 -0.52 17.90 5.60
N ALA A 10 -1.83 18.02 5.65
CA ALA A 10 -2.74 16.89 5.52
C ALA A 10 -2.60 16.26 4.14
N GLU A 11 -2.35 17.07 3.14
CA GLU A 11 -2.16 16.59 1.78
C GLU A 11 -0.78 15.98 1.62
N GLU A 12 0.19 16.53 2.33
CA GLU A 12 1.52 15.96 2.40
C GLU A 12 1.44 14.61 3.11
N LYS A 13 0.61 14.57 4.13
CA LYS A 13 0.31 13.35 4.84
C LYS A 13 -0.34 12.36 3.90
N ARG A 14 -1.35 12.84 3.18
CA ARG A 14 -1.97 12.06 2.13
C ARG A 14 -0.95 11.48 1.18
N ALA A 15 -0.05 12.31 0.71
CA ALA A 15 0.98 11.91 -0.23
C ALA A 15 1.93 10.92 0.44
N MET A 16 2.15 11.10 1.72
CA MET A 16 2.96 10.20 2.51
C MET A 16 2.21 8.89 2.75
N ILE A 17 0.90 8.99 2.88
CA ILE A 17 0.05 7.84 3.02
C ILE A 17 -0.04 7.08 1.72
N GLU A 18 -0.23 7.81 0.64
CA GLU A 18 -0.29 7.24 -0.69
C GLU A 18 1.06 6.72 -1.12
N ALA A 19 2.10 7.20 -0.45
CA ALA A 19 3.41 6.64 -0.61
C ALA A 19 3.46 5.27 0.04
N LYS A 20 2.99 5.22 1.28
CA LYS A 20 2.86 3.98 2.02
C LYS A 20 1.93 3.02 1.28
N ARG A 21 0.81 3.53 0.79
CA ARG A 21 -0.15 2.72 0.08
C ARG A 21 0.42 2.27 -1.25
N GLY A 22 1.15 3.15 -1.89
CA GLY A 22 1.83 2.78 -3.12
C GLY A 22 2.86 1.69 -2.88
N GLU A 23 3.44 1.71 -1.69
CA GLU A 23 4.37 0.68 -1.28
C GLU A 23 3.64 -0.54 -0.79
N ASP A 24 2.49 -0.31 -0.17
CA ASP A 24 1.66 -1.38 0.33
C ASP A 24 1.13 -2.21 -0.82
N LEU A 25 0.72 -1.50 -1.85
CA LEU A 25 0.38 -2.11 -3.12
C LEU A 25 1.55 -2.93 -3.62
N LEU A 26 2.74 -2.33 -3.57
CA LEU A 26 3.95 -2.99 -3.98
C LEU A 26 4.25 -4.19 -3.08
N LYS A 27 3.83 -4.11 -1.83
CA LYS A 27 3.95 -5.23 -0.91
C LYS A 27 2.97 -6.31 -1.31
N ALA A 28 1.83 -5.89 -1.84
CA ALA A 28 0.84 -6.80 -2.36
C ALA A 28 1.25 -7.28 -3.73
N GLU A 29 2.17 -6.54 -4.34
CA GLU A 29 2.80 -6.94 -5.59
C GLU A 29 3.85 -7.98 -5.30
N GLU A 30 4.60 -7.73 -4.23
CA GLU A 30 5.48 -8.73 -3.67
C GLU A 30 4.70 -9.97 -3.34
N LEU A 31 3.57 -9.77 -2.66
CA LEU A 31 2.70 -10.87 -2.33
C LEU A 31 2.26 -11.55 -3.60
N ALA A 32 1.90 -10.77 -4.61
CA ALA A 32 1.48 -11.35 -5.88
C ALA A 32 2.59 -12.19 -6.48
N ALA A 33 3.83 -11.77 -6.29
CA ALA A 33 4.98 -12.52 -6.79
C ALA A 33 5.22 -13.79 -5.96
N LYS A 34 4.95 -13.69 -4.67
CA LYS A 34 5.17 -14.79 -3.74
C LYS A 34 4.04 -15.79 -3.83
N TYR A 35 2.86 -15.25 -4.01
CA TYR A 35 1.65 -16.02 -4.12
C TYR A 35 1.54 -16.66 -5.47
N ARG A 36 2.13 -16.01 -6.45
CA ARG A 36 2.38 -16.63 -7.74
C ARG A 36 3.29 -17.83 -7.54
N ALA A 37 4.25 -17.69 -6.64
CA ALA A 37 5.12 -18.78 -6.26
C ALA A 37 4.47 -19.58 -5.14
N THR A 38 5.25 -20.40 -4.45
CA THR A 38 4.72 -21.18 -3.34
C THR A 38 5.06 -20.53 -1.99
N GLY A 39 5.75 -19.40 -2.03
CA GLY A 39 6.02 -18.64 -0.83
C GLY A 39 4.81 -17.82 -0.44
N THR A 40 3.70 -18.52 -0.31
CA THR A 40 2.40 -17.91 -0.22
C THR A 40 1.77 -18.09 1.16
N ALA A 41 0.70 -17.37 1.34
CA ALA A 41 -0.41 -17.74 2.22
C ALA A 41 -0.89 -19.19 1.84
N PRO A 42 -2.17 -19.62 2.05
CA PRO A 42 -2.69 -20.92 1.53
C PRO A 42 -2.19 -21.40 0.14
N LYS A 43 -1.44 -20.56 -0.58
CA LYS A 43 -0.82 -20.89 -1.87
C LYS A 43 -1.85 -20.91 -2.98
N LYS A 44 -2.78 -19.98 -2.89
CA LYS A 44 -3.90 -19.91 -3.81
C LYS A 44 -4.73 -18.68 -3.51
N ILE A 45 -4.71 -18.25 -2.26
CA ILE A 45 -5.39 -17.02 -1.85
C ILE A 45 -4.50 -16.27 -0.87
N LEU A 46 -4.91 -15.06 -0.52
CA LEU A 46 -4.13 -14.23 0.38
C LEU A 46 -4.67 -14.35 1.80
N GLY A 47 -3.82 -14.07 2.78
CA GLY A 47 -4.25 -14.16 4.16
C GLY A 47 -4.44 -15.58 4.62
N ILE A 48 -5.68 -15.95 4.85
CA ILE A 48 -6.02 -17.29 5.31
C ILE A 48 -7.54 -17.50 5.32
N PHE A 49 -8.01 -18.40 4.48
CA PHE A 49 -9.44 -18.70 4.40
C PHE A 49 -9.63 -20.20 4.22
N ASN A 1 -2.00 31.26 3.18
CA ASN A 1 -2.99 30.96 4.24
C ASN A 1 -2.58 29.71 5.00
N LYS A 2 -2.50 29.85 6.32
CA LYS A 2 -1.98 28.82 7.17
C LYS A 2 -2.86 27.60 7.19
N ILE A 3 -4.16 27.80 7.23
CA ILE A 3 -5.07 26.67 7.24
C ILE A 3 -4.92 25.87 5.97
N ALA A 4 -4.70 26.56 4.87
CA ALA A 4 -4.48 25.92 3.59
C ALA A 4 -3.15 25.19 3.59
N LEU A 5 -2.18 25.81 4.24
CA LEU A 5 -0.88 25.20 4.46
C LEU A 5 -1.02 23.94 5.29
N LEU A 6 -1.87 23.99 6.30
CA LEU A 6 -2.11 22.85 7.18
C LEU A 6 -2.99 21.82 6.51
N HIS A 7 -3.91 22.29 5.70
CA HIS A 7 -4.70 21.40 4.85
C HIS A 7 -3.75 20.67 3.92
N LYS A 8 -2.70 21.37 3.53
CA LYS A 8 -1.69 20.82 2.68
C LYS A 8 -0.75 19.93 3.49
N GLU A 9 -0.57 20.29 4.75
CA GLU A 9 0.21 19.49 5.67
C GLU A 9 -0.46 18.14 5.81
N ALA A 10 -1.77 18.19 5.95
CA ALA A 10 -2.61 17.01 6.03
C ALA A 10 -2.53 16.21 4.73
N GLU A 11 -2.62 16.91 3.61
CA GLU A 11 -2.67 16.27 2.31
C GLU A 11 -1.28 15.77 1.91
N GLU A 12 -0.24 16.38 2.46
CA GLU A 12 1.12 15.96 2.22
C GLU A 12 1.42 14.73 3.04
N LYS A 13 0.95 14.73 4.29
CA LYS A 13 0.98 13.56 5.12
C LYS A 13 0.22 12.44 4.43
N ARG A 14 -0.97 12.76 3.96
CA ARG A 14 -1.76 11.84 3.16
C ARG A 14 -0.95 11.30 1.99
N ALA A 15 -0.22 12.18 1.34
CA ALA A 15 0.60 11.83 0.20
C ALA A 15 1.73 10.91 0.61
N MET A 16 2.28 11.11 1.80
CA MET A 16 3.33 10.23 2.29
C MET A 16 2.71 8.93 2.80
N ILE A 17 1.42 8.98 3.05
CA ILE A 17 0.66 7.79 3.39
C ILE A 17 0.35 7.02 2.13
N GLU A 18 -0.07 7.73 1.11
CA GLU A 18 -0.28 7.17 -0.20
C GLU A 18 1.01 6.62 -0.77
N ALA A 19 2.11 7.19 -0.33
CA ALA A 19 3.42 6.67 -0.66
C ALA A 19 3.59 5.30 -0.02
N LYS A 20 3.28 5.22 1.27
CA LYS A 20 3.26 3.97 1.99
C LYS A 20 2.28 2.99 1.37
N ARG A 21 1.11 3.47 0.99
CA ARG A 21 0.08 2.62 0.43
C ARG A 21 0.43 2.18 -0.97
N GLY A 22 1.08 3.08 -1.72
CA GLY A 22 1.60 2.70 -3.02
C GLY A 22 2.66 1.63 -2.88
N GLU A 23 3.39 1.68 -1.78
CA GLU A 23 4.38 0.67 -1.46
C GLU A 23 3.73 -0.55 -0.86
N ASP A 24 2.65 -0.32 -0.13
CA ASP A 24 1.87 -1.40 0.46
C ASP A 24 1.27 -2.24 -0.65
N LEU A 25 0.79 -1.53 -1.66
CA LEU A 25 0.37 -2.15 -2.89
C LEU A 25 1.51 -2.96 -3.48
N LEU A 26 2.69 -2.35 -3.52
CA LEU A 26 3.88 -3.02 -4.02
C LEU A 26 4.26 -4.21 -3.15
N LYS A 27 3.90 -4.14 -1.88
CA LYS A 27 4.09 -5.26 -0.97
C LYS A 27 3.09 -6.35 -1.30
N ALA A 28 1.92 -5.93 -1.75
CA ALA A 28 0.92 -6.85 -2.22
C ALA A 28 1.27 -7.33 -3.61
N GLU A 29 2.18 -6.58 -4.24
CA GLU A 29 2.74 -6.95 -5.52
C GLU A 29 3.85 -7.95 -5.31
N GLU A 30 4.62 -7.73 -4.27
CA GLU A 30 5.56 -8.71 -3.77
C GLU A 30 4.83 -9.97 -3.44
N LEU A 31 3.72 -9.83 -2.73
CA LEU A 31 2.89 -10.95 -2.41
C LEU A 31 2.40 -11.58 -3.68
N ALA A 32 1.95 -10.76 -4.62
CA ALA A 32 1.47 -11.26 -5.89
C ALA A 32 2.56 -12.03 -6.63
N ALA A 33 3.81 -11.61 -6.43
CA ALA A 33 4.95 -12.29 -7.04
C ALA A 33 5.23 -13.63 -6.36
N LYS A 34 4.98 -13.67 -5.05
CA LYS A 34 5.20 -14.87 -4.27
C LYS A 34 4.05 -15.82 -4.44
N TYR A 35 2.88 -15.26 -4.28
CA TYR A 35 1.63 -15.97 -4.39
C TYR A 35 1.46 -16.57 -5.76
N ARG A 36 2.04 -15.89 -6.73
CA ARG A 36 2.15 -16.40 -8.08
C ARG A 36 2.79 -17.79 -8.10
N ALA A 37 3.65 -18.05 -7.11
CA ALA A 37 4.32 -19.33 -7.03
C ALA A 37 4.36 -19.87 -5.60
N THR A 38 3.24 -19.80 -4.89
CA THR A 38 3.17 -20.35 -3.54
C THR A 38 2.94 -21.85 -3.57
N GLY A 39 1.90 -22.28 -4.27
CA GLY A 39 1.57 -23.68 -4.34
C GLY A 39 0.77 -24.15 -3.15
N THR A 40 -0.29 -23.41 -2.84
CA THR A 40 -1.12 -23.69 -1.68
C THR A 40 -2.57 -23.29 -1.96
N ALA A 41 -3.40 -23.41 -0.93
CA ALA A 41 -4.76 -22.87 -0.93
C ALA A 41 -4.76 -21.43 -1.48
N PRO A 42 -5.95 -20.85 -1.84
CA PRO A 42 -6.05 -19.58 -2.57
C PRO A 42 -5.39 -18.37 -1.90
N LYS A 43 -4.66 -18.61 -0.82
CA LYS A 43 -3.79 -17.62 -0.23
C LYS A 43 -2.59 -17.38 -1.15
N LYS A 44 -2.90 -17.33 -2.43
CA LYS A 44 -1.94 -17.14 -3.50
C LYS A 44 -2.60 -16.48 -4.71
N ILE A 45 -3.92 -16.26 -4.63
CA ILE A 45 -4.62 -15.54 -5.68
C ILE A 45 -5.28 -14.28 -5.14
N LEU A 46 -5.62 -14.30 -3.85
CA LEU A 46 -6.27 -13.15 -3.23
C LEU A 46 -6.34 -13.30 -1.71
N GLY A 47 -6.26 -14.52 -1.22
CA GLY A 47 -6.29 -14.74 0.22
C GLY A 47 -7.42 -15.64 0.66
N ILE A 48 -7.36 -16.92 0.25
CA ILE A 48 -8.31 -17.97 0.64
C ILE A 48 -9.78 -17.55 0.61
N PHE A 49 -10.11 -16.62 -0.29
CA PHE A 49 -11.49 -16.15 -0.47
C PHE A 49 -12.09 -15.63 0.84
N ASN A 1 -3.03 30.65 2.64
CA ASN A 1 -3.46 30.83 4.04
C ASN A 1 -3.06 29.63 4.88
N LYS A 2 -2.86 29.84 6.18
CA LYS A 2 -2.24 28.83 7.02
C LYS A 2 -3.03 27.54 7.03
N ILE A 3 -4.31 27.63 7.28
CA ILE A 3 -5.14 26.44 7.35
C ILE A 3 -5.06 25.65 6.06
N ALA A 4 -4.97 26.36 4.94
CA ALA A 4 -4.85 25.73 3.64
C ALA A 4 -3.47 25.10 3.51
N LEU A 5 -2.48 25.79 4.07
CA LEU A 5 -1.12 25.28 4.15
C LEU A 5 -1.09 24.00 4.98
N LEU A 6 -1.91 23.98 6.03
CA LEU A 6 -2.02 22.84 6.92
C LEU A 6 -2.88 21.75 6.32
N HIS A 7 -3.89 22.16 5.59
CA HIS A 7 -4.68 21.22 4.79
C HIS A 7 -3.75 20.56 3.80
N LYS A 8 -2.78 21.33 3.36
CA LYS A 8 -1.75 20.86 2.47
C LYS A 8 -0.79 19.95 3.23
N GLU A 9 -0.49 20.33 4.47
CA GLU A 9 0.38 19.54 5.32
C GLU A 9 -0.25 18.18 5.57
N ALA A 10 -1.54 18.21 5.88
CA ALA A 10 -2.34 17.01 6.05
C ALA A 10 -2.37 16.20 4.75
N GLU A 11 -2.43 16.92 3.65
CA GLU A 11 -2.47 16.32 2.33
C GLU A 11 -1.11 15.72 1.98
N GLU A 12 -0.04 16.41 2.35
CA GLU A 12 1.31 15.91 2.18
C GLU A 12 1.52 14.67 3.05
N LYS A 13 0.87 14.68 4.20
CA LYS A 13 0.81 13.53 5.06
C LYS A 13 0.07 12.41 4.36
N ARG A 14 -1.12 12.72 3.87
CA ARG A 14 -1.89 11.77 3.10
C ARG A 14 -1.07 11.21 1.94
N ALA A 15 -0.29 12.08 1.33
CA ALA A 15 0.60 11.71 0.26
C ALA A 15 1.70 10.77 0.75
N MET A 16 2.22 11.04 1.94
CA MET A 16 3.25 10.18 2.52
C MET A 16 2.61 8.89 3.02
N ILE A 17 1.29 8.93 3.22
CA ILE A 17 0.53 7.75 3.55
C ILE A 17 0.30 6.93 2.30
N GLU A 18 -0.04 7.62 1.22
CA GLU A 18 -0.19 6.99 -0.07
C GLU A 18 1.15 6.50 -0.59
N ALA A 19 2.21 7.04 -0.02
CA ALA A 19 3.54 6.54 -0.28
C ALA A 19 3.68 5.18 0.38
N LYS A 20 3.32 5.13 1.66
CA LYS A 20 3.28 3.90 2.42
C LYS A 20 2.33 2.89 1.77
N ARG A 21 1.15 3.36 1.39
CA ARG A 21 0.16 2.49 0.79
C ARG A 21 0.57 2.09 -0.61
N GLY A 22 1.23 2.98 -1.31
CA GLY A 22 1.78 2.64 -2.60
C GLY A 22 2.84 1.58 -2.47
N GLU A 23 3.57 1.62 -1.35
CA GLU A 23 4.54 0.61 -1.04
C GLU A 23 3.87 -0.63 -0.52
N ASP A 24 2.77 -0.44 0.19
CA ASP A 24 1.99 -1.55 0.69
C ASP A 24 1.37 -2.29 -0.46
N LEU A 25 0.95 -1.52 -1.44
CA LEU A 25 0.43 -2.04 -2.69
C LEU A 25 1.54 -2.80 -3.39
N LEU A 26 2.73 -2.24 -3.36
CA LEU A 26 3.91 -2.90 -3.89
C LEU A 26 4.24 -4.15 -3.09
N LYS A 27 3.91 -4.12 -1.80
CA LYS A 27 4.06 -5.31 -0.97
C LYS A 27 3.03 -6.34 -1.36
N ALA A 28 1.90 -5.86 -1.84
CA ALA A 28 0.87 -6.72 -2.38
C ALA A 28 1.24 -7.14 -3.80
N GLU A 29 2.14 -6.37 -4.39
CA GLU A 29 2.72 -6.70 -5.67
C GLU A 29 3.75 -7.79 -5.49
N GLU A 30 4.53 -7.64 -4.43
CA GLU A 30 5.41 -8.70 -3.96
C GLU A 30 4.59 -9.92 -3.63
N LEU A 31 3.47 -9.70 -2.95
CA LEU A 31 2.57 -10.79 -2.67
C LEU A 31 2.11 -11.40 -3.97
N ALA A 32 1.78 -10.56 -4.94
CA ALA A 32 1.37 -11.04 -6.24
C ALA A 32 2.47 -11.87 -6.90
N ALA A 33 3.71 -11.52 -6.59
CA ALA A 33 4.85 -12.28 -7.08
C ALA A 33 5.01 -13.61 -6.34
N LYS A 34 4.76 -13.57 -5.04
CA LYS A 34 4.91 -14.75 -4.19
C LYS A 34 3.77 -15.70 -4.41
N TYR A 35 2.60 -15.11 -4.46
CA TYR A 35 1.37 -15.82 -4.66
C TYR A 35 1.35 -16.48 -6.03
N ARG A 36 1.94 -15.79 -7.00
CA ARG A 36 2.18 -16.35 -8.31
C ARG A 36 2.98 -17.65 -8.20
N ALA A 37 4.02 -17.61 -7.38
CA ALA A 37 4.82 -18.78 -7.10
C ALA A 37 4.34 -19.45 -5.83
N THR A 38 3.13 -19.99 -5.90
CA THR A 38 2.43 -20.51 -4.74
C THR A 38 3.23 -21.59 -4.01
N GLY A 39 3.31 -22.78 -4.60
CA GLY A 39 3.93 -23.91 -3.94
C GLY A 39 3.48 -24.08 -2.49
N THR A 40 2.20 -23.82 -2.25
CA THR A 40 1.64 -23.74 -0.90
C THR A 40 0.12 -23.91 -0.90
N ALA A 41 -0.44 -23.73 0.29
CA ALA A 41 -1.89 -23.53 0.54
C ALA A 41 -2.61 -22.64 -0.52
N PRO A 42 -3.85 -22.11 -0.25
CA PRO A 42 -4.57 -21.14 -1.09
C PRO A 42 -3.69 -20.30 -2.01
N LYS A 43 -2.56 -19.86 -1.47
CA LYS A 43 -1.59 -19.06 -2.20
C LYS A 43 -0.32 -19.05 -1.40
N LYS A 44 -0.58 -19.22 -0.10
CA LYS A 44 0.38 -19.40 0.97
C LYS A 44 -0.39 -19.19 2.27
N ILE A 45 -1.54 -18.52 2.06
CA ILE A 45 -2.64 -18.35 3.04
C ILE A 45 -3.72 -17.51 2.38
N LEU A 46 -3.34 -16.78 1.32
CA LEU A 46 -4.25 -15.93 0.55
C LEU A 46 -5.04 -15.03 1.49
N GLY A 47 -4.46 -13.88 1.79
CA GLY A 47 -4.98 -13.06 2.84
C GLY A 47 -4.63 -13.66 4.18
N ILE A 48 -5.58 -14.38 4.77
CA ILE A 48 -5.35 -15.08 6.03
C ILE A 48 -6.32 -16.26 6.19
N PHE A 49 -6.14 -17.30 5.37
CA PHE A 49 -6.90 -18.54 5.54
C PHE A 49 -6.38 -19.30 6.76
N ASN A 1 -3.60 30.15 0.85
CA ASN A 1 -4.36 30.30 2.12
C ASN A 1 -3.91 29.25 3.11
N LYS A 2 -3.92 29.65 4.38
CA LYS A 2 -3.26 28.92 5.44
C LYS A 2 -3.92 27.60 5.74
N ILE A 3 -5.24 27.59 5.80
CA ILE A 3 -5.93 26.35 6.04
C ILE A 3 -5.66 25.39 4.90
N ALA A 4 -5.56 25.92 3.71
CA ALA A 4 -5.23 25.14 2.53
C ALA A 4 -3.80 24.63 2.66
N LEU A 5 -2.94 25.48 3.21
CA LEU A 5 -1.57 25.12 3.49
C LEU A 5 -1.50 23.98 4.50
N LEU A 6 -2.40 24.02 5.47
CA LEU A 6 -2.48 23.00 6.50
C LEU A 6 -3.19 21.77 5.98
N HIS A 7 -4.18 22.00 5.13
CA HIS A 7 -4.82 20.93 4.39
C HIS A 7 -3.77 20.23 3.56
N LYS A 8 -2.82 21.02 3.12
CA LYS A 8 -1.68 20.53 2.37
C LYS A 8 -0.74 19.78 3.29
N GLU A 9 -0.55 20.31 4.49
CA GLU A 9 0.25 19.67 5.50
C GLU A 9 -0.34 18.30 5.81
N ALA A 10 -1.66 18.26 5.85
CA ALA A 10 -2.40 17.02 6.01
C ALA A 10 -2.23 16.11 4.80
N GLU A 11 -2.21 16.69 3.61
CA GLU A 11 -2.12 15.91 2.39
C GLU A 11 -0.67 15.46 2.15
N GLU A 12 0.27 16.19 2.73
CA GLU A 12 1.67 15.79 2.71
C GLU A 12 1.87 14.61 3.63
N LYS A 13 1.14 14.63 4.72
CA LYS A 13 1.02 13.47 5.59
C LYS A 13 0.39 12.33 4.82
N ARG A 14 -0.73 12.62 4.18
CA ARG A 14 -1.37 11.66 3.30
C ARG A 14 -0.37 11.09 2.31
N ALA A 15 0.42 11.97 1.74
CA ALA A 15 1.43 11.60 0.76
C ALA A 15 2.51 10.71 1.39
N MET A 16 2.85 10.99 2.65
CA MET A 16 3.81 10.14 3.35
C MET A 16 3.14 8.84 3.78
N ILE A 17 1.83 8.87 3.83
CA ILE A 17 1.05 7.67 4.08
C ILE A 17 0.93 6.87 2.81
N GLU A 18 0.73 7.57 1.70
CA GLU A 18 0.74 6.99 0.38
C GLU A 18 2.11 6.42 0.08
N ALA A 19 3.12 6.99 0.72
CA ALA A 19 4.48 6.48 0.61
C ALA A 19 4.56 5.10 1.27
N LYS A 20 3.66 4.87 2.20
CA LYS A 20 3.52 3.57 2.83
C LYS A 20 2.53 2.72 2.06
N ARG A 21 1.36 3.28 1.78
CA ARG A 21 0.27 2.54 1.16
C ARG A 21 0.57 2.18 -0.28
N GLY A 22 1.13 3.11 -1.03
CA GLY A 22 1.49 2.82 -2.40
C GLY A 22 2.54 1.74 -2.47
N GLU A 23 3.37 1.69 -1.46
CA GLU A 23 4.38 0.66 -1.35
C GLU A 23 3.79 -0.59 -0.72
N ASP A 24 2.78 -0.39 0.10
CA ASP A 24 2.07 -1.50 0.72
C ASP A 24 1.29 -2.24 -0.34
N LEU A 25 0.74 -1.46 -1.25
CA LEU A 25 0.10 -1.98 -2.43
C LEU A 25 1.12 -2.76 -3.24
N LEU A 26 2.29 -2.18 -3.35
CA LEU A 26 3.41 -2.84 -4.01
C LEU A 26 3.86 -4.08 -3.23
N LYS A 27 3.60 -4.09 -1.93
CA LYS A 27 3.86 -5.26 -1.13
C LYS A 27 2.83 -6.33 -1.42
N ALA A 28 1.66 -5.89 -1.83
CA ALA A 28 0.61 -6.78 -2.29
C ALA A 28 0.88 -7.17 -3.73
N GLU A 29 1.72 -6.37 -4.38
CA GLU A 29 2.20 -6.66 -5.71
C GLU A 29 3.33 -7.65 -5.64
N GLU A 30 4.19 -7.45 -4.66
CA GLU A 30 5.18 -8.44 -4.29
C GLU A 30 4.49 -9.73 -3.95
N LEU A 31 3.46 -9.62 -3.15
CA LEU A 31 2.66 -10.75 -2.77
C LEU A 31 2.11 -11.40 -4.03
N ALA A 32 1.61 -10.59 -4.95
CA ALA A 32 1.05 -11.12 -6.18
C ALA A 32 2.15 -11.65 -7.09
N ALA A 33 3.38 -11.22 -6.87
CA ALA A 33 4.52 -11.71 -7.64
C ALA A 33 5.06 -13.00 -7.05
N LYS A 34 4.92 -13.14 -5.73
CA LYS A 34 5.37 -14.32 -5.03
C LYS A 34 4.32 -15.40 -5.10
N TYR A 35 3.11 -15.01 -4.76
CA TYR A 35 1.96 -15.89 -4.76
C TYR A 35 1.57 -16.24 -6.18
N ARG A 36 2.06 -15.43 -7.10
CA ARG A 36 2.13 -15.79 -8.51
C ARG A 36 2.65 -17.20 -8.65
N ALA A 37 3.69 -17.51 -7.88
CA ALA A 37 4.17 -18.86 -7.73
C ALA A 37 3.32 -19.57 -6.68
N THR A 38 2.68 -20.65 -7.08
CA THR A 38 1.73 -21.33 -6.23
C THR A 38 2.37 -21.88 -4.95
N GLY A 39 3.69 -21.90 -4.92
CA GLY A 39 4.41 -22.28 -3.72
C GLY A 39 4.37 -21.19 -2.68
N THR A 40 3.16 -20.82 -2.31
CA THR A 40 2.91 -19.75 -1.35
C THR A 40 1.63 -20.03 -0.59
N ALA A 41 1.36 -19.19 0.40
CA ALA A 41 0.09 -19.22 1.10
C ALA A 41 -1.07 -19.10 0.10
N PRO A 42 -2.23 -19.70 0.41
CA PRO A 42 -3.39 -19.72 -0.49
C PRO A 42 -3.98 -18.34 -0.78
N LYS A 43 -3.32 -17.30 -0.31
CA LYS A 43 -3.70 -15.92 -0.59
C LYS A 43 -3.47 -15.61 -2.07
N LYS A 44 -4.11 -16.40 -2.91
CA LYS A 44 -4.01 -16.30 -4.36
C LYS A 44 -4.94 -17.30 -5.04
N ILE A 45 -5.47 -18.26 -4.27
CA ILE A 45 -6.33 -19.29 -4.82
C ILE A 45 -7.76 -18.77 -4.99
N LEU A 46 -8.30 -18.27 -3.90
CA LEU A 46 -9.68 -17.79 -3.85
C LEU A 46 -9.76 -16.65 -2.85
N GLY A 47 -8.68 -15.92 -2.77
CA GLY A 47 -8.50 -14.91 -1.75
C GLY A 47 -7.57 -15.41 -0.69
N ILE A 48 -8.02 -16.41 0.06
CA ILE A 48 -7.21 -17.07 1.08
C ILE A 48 -8.10 -17.99 1.90
N PHE A 49 -7.52 -19.06 2.45
CA PHE A 49 -8.24 -19.95 3.33
C PHE A 49 -7.26 -20.60 4.30
N ASN A 1 -3.92 31.08 2.68
CA ASN A 1 -4.74 30.79 3.89
C ASN A 1 -4.20 29.55 4.59
N LYS A 2 -4.13 29.63 5.91
CA LYS A 2 -3.41 28.64 6.69
C LYS A 2 -4.08 27.29 6.67
N ILE A 3 -5.40 27.28 6.70
CA ILE A 3 -6.11 26.02 6.64
C ILE A 3 -5.77 25.28 5.36
N ALA A 4 -5.59 26.04 4.28
CA ALA A 4 -5.23 25.47 3.00
C ALA A 4 -3.79 24.97 3.07
N LEU A 5 -2.95 25.72 3.76
CA LEU A 5 -1.59 25.31 4.06
C LEU A 5 -1.61 24.00 4.84
N LEU A 6 -2.50 23.91 5.81
CA LEU A 6 -2.62 22.74 6.66
C LEU A 6 -3.29 21.60 5.91
N HIS A 7 -4.19 21.95 5.02
CA HIS A 7 -4.79 20.97 4.10
C HIS A 7 -3.70 20.35 3.27
N LYS A 8 -2.69 21.15 2.99
CA LYS A 8 -1.55 20.72 2.23
C LYS A 8 -0.56 19.99 3.13
N GLU A 9 -0.51 20.40 4.38
CA GLU A 9 0.28 19.73 5.39
C GLU A 9 -0.31 18.35 5.64
N ALA A 10 -1.63 18.29 5.62
CA ALA A 10 -2.36 17.06 5.74
C ALA A 10 -2.14 16.18 4.53
N GLU A 11 -2.06 16.80 3.36
CA GLU A 11 -1.88 16.04 2.14
C GLU A 11 -0.41 15.62 2.00
N GLU A 12 0.47 16.27 2.76
CA GLU A 12 1.85 15.82 2.87
C GLU A 12 1.90 14.56 3.72
N LYS A 13 1.11 14.57 4.78
CA LYS A 13 0.92 13.40 5.60
C LYS A 13 0.29 12.30 4.77
N ARG A 14 -0.78 12.64 4.09
CA ARG A 14 -1.41 11.75 3.13
C ARG A 14 -0.38 11.16 2.18
N ALA A 15 0.48 12.02 1.68
CA ALA A 15 1.51 11.63 0.74
C ALA A 15 2.51 10.67 1.38
N MET A 16 2.76 10.85 2.68
CA MET A 16 3.65 9.93 3.40
C MET A 16 2.89 8.66 3.76
N ILE A 17 1.57 8.76 3.81
CA ILE A 17 0.72 7.61 4.02
C ILE A 17 0.65 6.80 2.74
N GLU A 18 0.49 7.50 1.65
CA GLU A 18 0.48 6.90 0.34
C GLU A 18 1.87 6.45 -0.06
N ALA A 19 2.86 6.99 0.64
CA ALA A 19 4.23 6.53 0.50
C ALA A 19 4.37 5.15 1.13
N LYS A 20 3.53 4.90 2.12
CA LYS A 20 3.45 3.62 2.75
C LYS A 20 2.48 2.71 2.00
N ARG A 21 1.21 3.08 1.99
CA ARG A 21 0.17 2.23 1.44
C ARG A 21 0.32 2.05 -0.07
N GLY A 22 0.91 3.04 -0.73
CA GLY A 22 1.15 2.91 -2.15
C GLY A 22 2.19 1.87 -2.42
N GLU A 23 3.12 1.74 -1.49
CA GLU A 23 4.17 0.75 -1.58
C GLU A 23 3.74 -0.53 -0.91
N ASP A 24 2.74 -0.44 -0.05
CA ASP A 24 2.12 -1.61 0.54
C ASP A 24 1.33 -2.33 -0.53
N LEU A 25 0.74 -1.53 -1.40
CA LEU A 25 0.06 -2.00 -2.58
C LEU A 25 1.07 -2.72 -3.47
N LEU A 26 2.23 -2.13 -3.66
CA LEU A 26 3.32 -2.74 -4.41
C LEU A 26 3.88 -3.94 -3.66
N LYS A 27 3.85 -3.87 -2.35
CA LYS A 27 4.25 -4.96 -1.50
C LYS A 27 3.27 -6.10 -1.69
N ALA A 28 2.01 -5.76 -1.88
CA ALA A 28 0.98 -6.72 -2.16
C ALA A 28 1.10 -7.21 -3.59
N GLU A 29 1.75 -6.40 -4.42
CA GLU A 29 2.09 -6.78 -5.77
C GLU A 29 3.20 -7.81 -5.72
N GLU A 30 4.14 -7.57 -4.84
CA GLU A 30 5.17 -8.54 -4.51
C GLU A 30 4.54 -9.79 -3.98
N LEU A 31 3.57 -9.64 -3.10
CA LEU A 31 2.85 -10.77 -2.57
C LEU A 31 2.17 -11.51 -3.70
N ALA A 32 1.59 -10.74 -4.63
CA ALA A 32 0.93 -11.34 -5.77
C ALA A 32 1.94 -11.92 -6.75
N ALA A 33 3.22 -11.68 -6.50
CA ALA A 33 4.29 -12.30 -7.26
C ALA A 33 4.87 -13.50 -6.52
N LYS A 34 4.95 -13.38 -5.19
CA LYS A 34 5.49 -14.45 -4.35
C LYS A 34 4.49 -15.57 -4.23
N TYR A 35 3.28 -15.17 -3.98
CA TYR A 35 2.18 -16.09 -3.81
C TYR A 35 1.86 -16.72 -5.15
N ARG A 36 2.05 -15.93 -6.19
CA ARG A 36 2.03 -16.43 -7.55
C ARG A 36 3.10 -17.50 -7.73
N ALA A 37 4.28 -17.25 -7.16
CA ALA A 37 5.37 -18.20 -7.21
C ALA A 37 5.06 -19.43 -6.38
N THR A 38 4.12 -19.29 -5.45
CA THR A 38 3.61 -20.40 -4.69
C THR A 38 2.81 -21.34 -5.60
N GLY A 39 2.35 -20.77 -6.71
CA GLY A 39 1.55 -21.52 -7.67
C GLY A 39 0.08 -21.40 -7.35
N THR A 40 -0.26 -20.38 -6.58
CA THR A 40 -1.62 -20.18 -6.10
C THR A 40 -1.91 -18.69 -6.00
N ALA A 41 -3.10 -18.37 -5.53
CA ALA A 41 -3.43 -17.03 -5.11
C ALA A 41 -2.74 -16.77 -3.75
N PRO A 42 -3.11 -15.73 -2.96
CA PRO A 42 -2.72 -15.66 -1.55
C PRO A 42 -3.22 -16.86 -0.75
N LYS A 43 -3.83 -17.81 -1.44
CA LYS A 43 -4.26 -19.06 -0.87
C LYS A 43 -3.06 -19.84 -0.31
N LYS A 44 -2.63 -19.39 0.84
CA LYS A 44 -1.48 -19.91 1.55
C LYS A 44 -1.29 -19.08 2.82
N ILE A 45 -1.88 -17.88 2.82
CA ILE A 45 -2.03 -17.11 4.05
C ILE A 45 -3.47 -16.58 4.15
N LEU A 46 -4.03 -16.24 2.97
CA LEU A 46 -5.34 -15.61 2.83
C LEU A 46 -5.70 -14.72 4.02
N GLY A 47 -5.20 -13.49 3.97
CA GLY A 47 -5.44 -12.57 5.05
C GLY A 47 -4.79 -11.23 4.81
N ILE A 48 -3.47 -11.19 4.87
CA ILE A 48 -2.75 -9.93 4.68
C ILE A 48 -2.04 -9.91 3.32
N PHE A 49 -2.79 -9.53 2.30
CA PHE A 49 -2.23 -9.32 0.97
C PHE A 49 -2.70 -7.98 0.42
N ASN A 1 -3.51 31.63 3.30
CA ASN A 1 -4.33 31.02 4.38
C ASN A 1 -3.61 29.85 4.99
N LYS A 2 -3.47 29.89 6.31
CA LYS A 2 -2.76 28.86 7.04
C LYS A 2 -3.53 27.56 7.05
N ILE A 3 -4.84 27.65 7.11
CA ILE A 3 -5.65 26.45 7.07
C ILE A 3 -5.39 25.67 5.80
N ALA A 4 -5.18 26.39 4.71
CA ALA A 4 -4.89 25.77 3.44
C ALA A 4 -3.50 25.14 3.49
N LEU A 5 -2.58 25.82 4.16
CA LEU A 5 -1.26 25.31 4.42
C LEU A 5 -1.35 24.02 5.24
N LEU A 6 -2.24 24.02 6.22
CA LEU A 6 -2.45 22.87 7.09
C LEU A 6 -3.24 21.79 6.39
N HIS A 7 -4.13 22.20 5.52
CA HIS A 7 -4.84 21.26 4.65
C HIS A 7 -3.83 20.60 3.73
N LYS A 8 -2.78 21.33 3.45
CA LYS A 8 -1.67 20.83 2.67
C LYS A 8 -0.76 19.99 3.56
N GLU A 9 -0.69 20.35 4.82
CA GLU A 9 0.03 19.58 5.81
C GLU A 9 -0.61 18.20 5.90
N ALA A 10 -1.93 18.22 5.88
CA ALA A 10 -2.73 17.01 5.82
C ALA A 10 -2.50 16.25 4.52
N GLU A 11 -2.36 16.98 3.41
CA GLU A 11 -2.20 16.34 2.12
C GLU A 11 -0.79 15.82 1.96
N GLU A 12 0.16 16.41 2.67
CA GLU A 12 1.52 15.91 2.71
C GLU A 12 1.56 14.64 3.54
N LYS A 13 0.75 14.63 4.59
CA LYS A 13 0.54 13.44 5.37
C LYS A 13 -0.05 12.34 4.50
N ARG A 14 -1.09 12.71 3.75
CA ARG A 14 -1.67 11.84 2.76
C ARG A 14 -0.62 11.33 1.78
N ALA A 15 0.26 12.22 1.36
CA ALA A 15 1.32 11.89 0.44
C ALA A 15 2.30 10.93 1.09
N MET A 16 2.52 11.14 2.38
CA MET A 16 3.33 10.24 3.18
C MET A 16 2.64 8.89 3.35
N ILE A 17 1.31 8.92 3.41
CA ILE A 17 0.52 7.71 3.48
C ILE A 17 0.58 6.99 2.15
N GLU A 18 0.36 7.74 1.08
CA GLU A 18 0.44 7.21 -0.27
C GLU A 18 1.86 6.75 -0.58
N ALA A 19 2.82 7.34 0.09
CA ALA A 19 4.19 6.90 -0.02
C ALA A 19 4.30 5.47 0.48
N LYS A 20 3.62 5.21 1.58
CA LYS A 20 3.54 3.89 2.15
C LYS A 20 2.65 3.00 1.30
N ARG A 21 1.44 3.47 0.99
CA ARG A 21 0.46 2.65 0.30
C ARG A 21 0.90 2.29 -1.10
N GLY A 22 1.53 3.23 -1.78
CA GLY A 22 2.05 2.96 -3.11
C GLY A 22 3.07 1.84 -3.10
N GLU A 23 3.77 1.73 -1.98
CA GLU A 23 4.73 0.67 -1.80
C GLU A 23 4.09 -0.54 -1.16
N ASP A 24 3.07 -0.31 -0.35
CA ASP A 24 2.36 -1.38 0.32
C ASP A 24 1.58 -2.18 -0.69
N LEU A 25 1.01 -1.47 -1.63
CA LEU A 25 0.36 -2.05 -2.78
C LEU A 25 1.39 -2.88 -3.54
N LEU A 26 2.59 -2.34 -3.68
CA LEU A 26 3.69 -3.06 -4.30
C LEU A 26 4.12 -4.25 -3.45
N LYS A 27 3.97 -4.12 -2.13
CA LYS A 27 4.27 -5.22 -1.24
C LYS A 27 3.24 -6.31 -1.45
N ALA A 28 2.03 -5.90 -1.74
CA ALA A 28 0.96 -6.81 -2.06
C ALA A 28 1.16 -7.37 -3.46
N GLU A 29 1.89 -6.62 -4.27
CA GLU A 29 2.29 -7.07 -5.60
C GLU A 29 3.36 -8.12 -5.47
N GLU A 30 4.30 -7.86 -4.57
CA GLU A 30 5.30 -8.84 -4.19
C GLU A 30 4.63 -10.08 -3.65
N LEU A 31 3.63 -9.88 -2.80
CA LEU A 31 2.87 -10.99 -2.30
C LEU A 31 2.20 -11.70 -3.45
N ALA A 32 1.62 -10.93 -4.35
CA ALA A 32 0.97 -11.50 -5.51
C ALA A 32 1.97 -12.25 -6.38
N ALA A 33 3.22 -11.81 -6.32
CA ALA A 33 4.30 -12.50 -7.03
C ALA A 33 4.67 -13.80 -6.31
N LYS A 34 4.65 -13.74 -4.98
CA LYS A 34 4.98 -14.89 -4.15
C LYS A 34 3.93 -15.94 -4.26
N TYR A 35 2.71 -15.50 -4.10
CA TYR A 35 1.56 -16.36 -4.15
C TYR A 35 1.27 -16.80 -5.58
N ARG A 36 1.76 -16.03 -6.52
CA ARG A 36 1.83 -16.49 -7.90
C ARG A 36 2.64 -17.79 -7.94
N ALA A 37 3.71 -17.80 -7.17
CA ALA A 37 4.57 -18.97 -7.09
C ALA A 37 3.91 -20.06 -6.26
N THR A 38 3.09 -19.64 -5.30
CA THR A 38 2.27 -20.55 -4.52
C THR A 38 1.36 -21.37 -5.43
N GLY A 39 0.83 -20.71 -6.44
CA GLY A 39 0.00 -21.38 -7.42
C GLY A 39 -1.47 -21.27 -7.10
N THR A 40 -1.79 -21.48 -5.83
CA THR A 40 -3.15 -21.36 -5.34
C THR A 40 -3.45 -19.92 -4.98
N ALA A 41 -4.66 -19.70 -4.47
CA ALA A 41 -5.02 -18.44 -3.85
C ALA A 41 -4.03 -18.15 -2.70
N PRO A 42 -4.06 -16.97 -2.05
CA PRO A 42 -3.14 -16.72 -0.94
C PRO A 42 -3.16 -17.83 0.10
N LYS A 43 -4.38 -18.24 0.50
CA LYS A 43 -4.68 -19.42 1.33
C LYS A 43 -3.75 -19.66 2.53
N LYS A 44 -2.96 -18.66 2.86
CA LYS A 44 -2.03 -18.73 3.96
C LYS A 44 -1.41 -17.36 4.21
N ILE A 45 -1.74 -16.42 3.35
CA ILE A 45 -1.26 -15.05 3.46
C ILE A 45 -1.55 -14.48 4.83
N LEU A 46 -0.52 -13.94 5.44
CA LEU A 46 -0.64 -13.33 6.75
C LEU A 46 -0.50 -11.82 6.62
N GLY A 47 -0.05 -11.39 5.45
CA GLY A 47 0.09 -9.99 5.16
C GLY A 47 -1.25 -9.30 5.07
N ILE A 48 -1.96 -9.52 3.97
CA ILE A 48 -3.26 -8.92 3.77
C ILE A 48 -3.99 -9.59 2.61
N PHE A 49 -5.19 -10.09 2.88
CA PHE A 49 -6.02 -10.72 1.86
C PHE A 49 -6.55 -9.67 0.88
N ASN A 1 -2.50 30.74 3.88
CA ASN A 1 -3.37 30.80 5.08
C ASN A 1 -3.27 29.51 5.88
N LYS A 2 -3.55 29.57 7.18
CA LYS A 2 -3.29 28.46 8.07
C LYS A 2 -4.04 27.21 7.65
N ILE A 3 -5.34 27.34 7.46
CA ILE A 3 -6.15 26.18 7.11
C ILE A 3 -5.63 25.53 5.85
N ALA A 4 -5.18 26.34 4.91
CA ALA A 4 -4.62 25.84 3.67
C ALA A 4 -3.28 25.18 3.95
N LEU A 5 -2.51 25.78 4.84
CA LEU A 5 -1.27 25.21 5.33
C LEU A 5 -1.52 23.83 5.92
N LEU A 6 -2.59 23.73 6.69
CA LEU A 6 -2.95 22.49 7.35
C LEU A 6 -3.60 21.52 6.38
N HIS A 7 -4.37 22.06 5.46
CA HIS A 7 -4.91 21.26 4.37
C HIS A 7 -3.76 20.64 3.61
N LYS A 8 -2.73 21.43 3.43
CA LYS A 8 -1.52 21.00 2.75
C LYS A 8 -0.73 20.06 3.64
N GLU A 9 -0.80 20.28 4.95
CA GLU A 9 -0.18 19.41 5.91
C GLU A 9 -0.80 18.04 5.82
N ALA A 10 -2.12 18.01 5.78
CA ALA A 10 -2.87 16.79 5.60
C ALA A 10 -2.53 16.13 4.28
N GLU A 11 -2.30 16.95 3.25
CA GLU A 11 -1.96 16.46 1.93
C GLU A 11 -0.53 15.93 1.91
N GLU A 12 0.35 16.59 2.66
CA GLU A 12 1.72 16.13 2.79
C GLU A 12 1.75 14.79 3.52
N LYS A 13 0.95 14.69 4.55
CA LYS A 13 0.75 13.46 5.27
C LYS A 13 0.15 12.41 4.35
N ARG A 14 -0.84 12.82 3.57
CA ARG A 14 -1.41 11.96 2.55
C ARG A 14 -0.33 11.44 1.62
N ALA A 15 0.56 12.33 1.21
CA ALA A 15 1.66 11.99 0.33
C ALA A 15 2.60 11.01 1.00
N MET A 16 2.72 11.14 2.31
CA MET A 16 3.50 10.20 3.12
C MET A 16 2.77 8.87 3.19
N ILE A 17 1.46 8.93 3.31
CA ILE A 17 0.63 7.74 3.35
C ILE A 17 0.63 7.05 2.01
N GLU A 18 0.50 7.84 0.96
CA GLU A 18 0.53 7.32 -0.40
C GLU A 18 1.90 6.81 -0.74
N ALA A 19 2.91 7.28 -0.03
CA ALA A 19 4.24 6.75 -0.15
C ALA A 19 4.24 5.32 0.35
N LYS A 20 3.68 5.13 1.53
CA LYS A 20 3.52 3.83 2.13
C LYS A 20 2.59 2.96 1.28
N ARG A 21 1.47 3.53 0.86
CA ARG A 21 0.48 2.78 0.09
C ARG A 21 1.00 2.44 -1.29
N GLY A 22 1.79 3.33 -1.87
CA GLY A 22 2.42 3.03 -3.14
C GLY A 22 3.37 1.87 -3.04
N GLU A 23 3.97 1.73 -1.88
CA GLU A 23 4.84 0.62 -1.59
C GLU A 23 4.04 -0.57 -1.10
N ASP A 24 2.94 -0.30 -0.44
CA ASP A 24 2.05 -1.34 0.07
C ASP A 24 1.40 -2.07 -1.08
N LEU A 25 1.04 -1.30 -2.09
CA LEU A 25 0.54 -1.82 -3.34
C LEU A 25 1.61 -2.72 -3.95
N LEU A 26 2.85 -2.29 -3.88
CA LEU A 26 3.97 -3.08 -4.35
C LEU A 26 4.18 -4.30 -3.45
N LYS A 27 3.86 -4.15 -2.18
CA LYS A 27 3.92 -5.26 -1.24
C LYS A 27 2.86 -6.27 -1.59
N ALA A 28 1.73 -5.78 -2.06
CA ALA A 28 0.65 -6.64 -2.50
C ALA A 28 1.00 -7.25 -3.85
N GLU A 29 1.93 -6.60 -4.53
CA GLU A 29 2.48 -7.10 -5.77
C GLU A 29 3.51 -8.17 -5.47
N GLU A 30 4.27 -7.94 -4.42
CA GLU A 30 5.13 -8.95 -3.86
C GLU A 30 4.31 -10.13 -3.40
N LEU A 31 3.19 -9.82 -2.73
CA LEU A 31 2.27 -10.85 -2.34
C LEU A 31 1.81 -11.59 -3.58
N ALA A 32 1.47 -10.84 -4.62
CA ALA A 32 1.04 -11.44 -5.87
C ALA A 32 2.15 -12.29 -6.49
N ALA A 33 3.39 -11.95 -6.18
CA ALA A 33 4.54 -12.71 -6.66
C ALA A 33 4.77 -13.97 -5.82
N LYS A 34 4.49 -13.87 -4.53
CA LYS A 34 4.70 -14.95 -3.60
C LYS A 34 3.53 -15.91 -3.63
N TYR A 35 2.37 -15.32 -3.73
CA TYR A 35 1.13 -16.05 -3.78
C TYR A 35 0.95 -16.65 -5.17
N ARG A 36 1.67 -16.08 -6.12
CA ARG A 36 1.84 -16.70 -7.42
C ARG A 36 2.47 -18.07 -7.23
N ALA A 37 3.38 -18.15 -6.26
CA ALA A 37 3.90 -19.42 -5.81
C ALA A 37 2.93 -19.99 -4.77
N THR A 38 1.80 -20.46 -5.27
CA THR A 38 0.68 -20.86 -4.44
C THR A 38 0.90 -22.21 -3.75
N GLY A 39 2.16 -22.56 -3.54
CA GLY A 39 2.47 -23.77 -2.80
C GLY A 39 1.79 -23.77 -1.46
N THR A 40 2.07 -22.74 -0.68
CA THR A 40 1.31 -22.45 0.52
C THR A 40 1.55 -21.01 0.95
N ALA A 41 0.61 -20.16 0.56
CA ALA A 41 0.66 -18.75 0.87
C ALA A 41 -0.48 -18.39 1.82
N PRO A 42 -0.39 -17.25 2.55
CA PRO A 42 -1.52 -16.75 3.34
C PRO A 42 -2.78 -16.52 2.52
N LYS A 43 -2.62 -16.62 1.20
CA LYS A 43 -3.72 -16.57 0.26
C LYS A 43 -4.78 -17.63 0.61
N LYS A 44 -4.35 -18.60 1.39
CA LYS A 44 -5.20 -19.74 1.73
C LYS A 44 -5.70 -19.66 3.16
N ILE A 45 -5.19 -18.71 3.93
CA ILE A 45 -5.49 -18.70 5.36
C ILE A 45 -5.92 -17.35 5.91
N LEU A 46 -5.33 -16.27 5.41
CA LEU A 46 -5.54 -14.96 6.05
C LEU A 46 -6.35 -14.03 5.17
N GLY A 47 -6.86 -14.56 4.09
CA GLY A 47 -7.50 -13.72 3.10
C GLY A 47 -6.47 -12.87 2.40
N ILE A 48 -5.56 -13.57 1.72
CA ILE A 48 -4.32 -12.99 1.15
C ILE A 48 -3.38 -12.53 2.27
N PHE A 49 -3.84 -11.65 3.14
CA PHE A 49 -3.06 -11.17 4.28
C PHE A 49 -3.82 -10.07 5.00
N ASN A 1 -3.50 30.58 1.53
CA ASN A 1 -3.96 30.78 2.93
C ASN A 1 -3.40 29.71 3.85
N LYS A 2 -3.30 30.00 5.13
CA LYS A 2 -2.63 29.11 6.06
C LYS A 2 -3.33 27.77 6.15
N ILE A 3 -4.63 27.80 6.35
CA ILE A 3 -5.39 26.57 6.47
C ILE A 3 -5.20 25.70 5.23
N ALA A 4 -5.12 26.34 4.07
CA ALA A 4 -4.92 25.64 2.83
C ALA A 4 -3.52 25.06 2.77
N LEU A 5 -2.58 25.80 3.33
CA LEU A 5 -1.21 25.35 3.52
C LEU A 5 -1.19 24.11 4.42
N LEU A 6 -2.00 24.15 5.47
CA LEU A 6 -2.10 23.06 6.42
C LEU A 6 -2.93 21.91 5.87
N HIS A 7 -3.90 22.26 5.05
CA HIS A 7 -4.66 21.25 4.31
C HIS A 7 -3.71 20.52 3.40
N LYS A 8 -2.68 21.23 2.97
CA LYS A 8 -1.65 20.67 2.14
C LYS A 8 -0.65 19.92 3.00
N GLU A 9 -0.42 20.42 4.20
CA GLU A 9 0.43 19.75 5.16
C GLU A 9 -0.18 18.40 5.51
N ALA A 10 -1.49 18.44 5.70
CA ALA A 10 -2.28 17.25 5.95
C ALA A 10 -2.22 16.29 4.78
N GLU A 11 -2.26 16.83 3.57
CA GLU A 11 -2.29 16.00 2.38
C GLU A 11 -0.89 15.52 2.01
N GLU A 12 0.14 16.22 2.49
CA GLU A 12 1.51 15.74 2.37
C GLU A 12 1.73 14.59 3.34
N LYS A 13 1.16 14.74 4.52
CA LYS A 13 1.10 13.66 5.50
C LYS A 13 0.35 12.49 4.89
N ARG A 14 -0.78 12.80 4.29
CA ARG A 14 -1.55 11.81 3.53
C ARG A 14 -0.70 11.15 2.48
N ALA A 15 0.13 11.94 1.82
CA ALA A 15 1.04 11.43 0.80
C ALA A 15 2.08 10.53 1.42
N MET A 16 2.45 10.85 2.66
CA MET A 16 3.32 10.01 3.44
C MET A 16 2.63 8.71 3.81
N ILE A 17 1.32 8.80 4.01
CA ILE A 17 0.49 7.64 4.27
C ILE A 17 0.34 6.83 2.99
N GLU A 18 0.03 7.52 1.91
CA GLU A 18 -0.08 6.91 0.60
C GLU A 18 1.25 6.37 0.13
N ALA A 19 2.31 6.83 0.78
CA ALA A 19 3.61 6.26 0.55
C ALA A 19 3.65 4.87 1.16
N LYS A 20 3.24 4.77 2.42
CA LYS A 20 3.10 3.49 3.09
C LYS A 20 2.12 2.59 2.36
N ARG A 21 0.97 3.14 2.02
CA ARG A 21 -0.08 2.37 1.35
C ARG A 21 0.33 2.01 -0.06
N GLY A 22 0.95 2.95 -0.75
CA GLY A 22 1.44 2.68 -2.09
C GLY A 22 2.52 1.63 -2.07
N GLU A 23 3.27 1.60 -1.00
CA GLU A 23 4.28 0.59 -0.79
C GLU A 23 3.62 -0.70 -0.36
N ASP A 24 2.59 -0.59 0.46
CA ASP A 24 1.87 -1.76 0.96
C ASP A 24 1.17 -2.45 -0.18
N LEU A 25 0.64 -1.64 -1.06
CA LEU A 25 0.04 -2.10 -2.29
C LEU A 25 1.10 -2.81 -3.12
N LEU A 26 2.27 -2.21 -3.17
CA LEU A 26 3.40 -2.80 -3.86
C LEU A 26 3.89 -4.05 -3.13
N LYS A 27 3.66 -4.11 -1.82
CA LYS A 27 3.95 -5.31 -1.07
C LYS A 27 3.00 -6.39 -1.50
N ALA A 28 1.79 -5.99 -1.80
CA ALA A 28 0.77 -6.91 -2.30
C ALA A 28 1.05 -7.23 -3.77
N GLU A 29 1.80 -6.35 -4.41
CA GLU A 29 2.26 -6.57 -5.76
C GLU A 29 3.40 -7.57 -5.75
N GLU A 30 4.28 -7.39 -4.77
CA GLU A 30 5.29 -8.37 -4.47
C GLU A 30 4.66 -9.70 -4.17
N LEU A 31 3.64 -9.66 -3.33
CA LEU A 31 2.89 -10.86 -3.01
C LEU A 31 2.33 -11.44 -4.28
N ALA A 32 1.75 -10.59 -5.11
CA ALA A 32 1.19 -11.04 -6.38
C ALA A 32 2.26 -11.70 -7.24
N ALA A 33 3.49 -11.23 -7.12
CA ALA A 33 4.60 -11.81 -7.86
C ALA A 33 5.05 -13.13 -7.24
N LYS A 34 5.11 -13.17 -5.92
CA LYS A 34 5.58 -14.33 -5.18
C LYS A 34 4.56 -15.43 -5.24
N TYR A 35 3.33 -15.01 -5.12
CA TYR A 35 2.20 -15.91 -5.12
C TYR A 35 1.95 -16.44 -6.52
N ARG A 36 2.16 -15.58 -7.50
CA ARG A 36 2.15 -16.01 -8.90
C ARG A 36 3.24 -17.06 -9.11
N ALA A 37 4.41 -16.81 -8.53
CA ALA A 37 5.51 -17.76 -8.60
C ALA A 37 5.50 -18.65 -7.37
N THR A 38 4.31 -19.11 -7.01
CA THR A 38 4.10 -19.83 -5.76
C THR A 38 5.06 -21.01 -5.58
N GLY A 39 4.88 -22.07 -6.35
CA GLY A 39 5.66 -23.29 -6.15
C GLY A 39 5.71 -23.70 -4.69
N THR A 40 4.61 -23.47 -3.99
CA THR A 40 4.56 -23.64 -2.54
C THR A 40 3.17 -24.08 -2.08
N ALA A 41 3.03 -24.19 -0.77
CA ALA A 41 1.74 -24.41 -0.12
C ALA A 41 0.80 -23.20 -0.38
N PRO A 42 -0.29 -22.97 0.40
CA PRO A 42 -1.07 -21.73 0.34
C PRO A 42 -0.26 -20.44 0.43
N LYS A 43 1.07 -20.52 0.44
CA LYS A 43 1.91 -19.35 0.32
C LYS A 43 1.76 -18.75 -1.07
N LYS A 44 0.57 -18.23 -1.28
CA LYS A 44 0.12 -17.69 -2.53
C LYS A 44 -1.28 -17.12 -2.35
N ILE A 45 -1.90 -17.52 -1.22
CA ILE A 45 -3.11 -16.92 -0.67
C ILE A 45 -4.01 -16.27 -1.72
N LEU A 46 -4.96 -17.05 -2.21
CA LEU A 46 -5.89 -16.58 -3.23
C LEU A 46 -7.07 -15.88 -2.59
N GLY A 47 -6.77 -15.08 -1.59
CA GLY A 47 -7.79 -14.39 -0.84
C GLY A 47 -7.55 -14.50 0.64
N ILE A 48 -7.78 -15.69 1.19
CA ILE A 48 -7.52 -15.93 2.61
C ILE A 48 -7.25 -17.42 2.89
N PHE A 49 -6.05 -17.68 3.35
CA PHE A 49 -5.65 -19.03 3.76
C PHE A 49 -5.07 -18.98 5.17
N ASN A 1 -5.03 30.12 2.08
CA ASN A 1 -4.61 30.65 3.40
C ASN A 1 -3.91 29.58 4.21
N LYS A 2 -3.44 29.93 5.40
CA LYS A 2 -2.60 29.05 6.20
C LYS A 2 -3.26 27.73 6.47
N ILE A 3 -4.51 27.75 6.88
CA ILE A 3 -5.21 26.53 7.18
C ILE A 3 -5.30 25.65 5.96
N ALA A 4 -5.47 26.26 4.79
CA ALA A 4 -5.50 25.53 3.55
C ALA A 4 -4.13 24.94 3.26
N LEU A 5 -3.10 25.73 3.55
CA LEU A 5 -1.72 25.30 3.47
C LEU A 5 -1.48 24.10 4.39
N LEU A 6 -2.07 24.16 5.58
CA LEU A 6 -1.93 23.09 6.56
C LEU A 6 -2.80 21.92 6.21
N HIS A 7 -3.95 22.20 5.62
CA HIS A 7 -4.80 21.17 5.06
C HIS A 7 -4.04 20.43 3.99
N LYS A 8 -3.19 21.18 3.30
CA LYS A 8 -2.34 20.64 2.29
C LYS A 8 -1.15 19.93 2.93
N GLU A 9 -0.69 20.46 4.05
CA GLU A 9 0.37 19.82 4.82
C GLU A 9 -0.12 18.47 5.29
N ALA A 10 -1.39 18.44 5.68
CA ALA A 10 -2.07 17.23 6.07
C ALA A 10 -2.15 16.25 4.91
N GLU A 11 -2.51 16.75 3.73
CA GLU A 11 -2.69 15.89 2.59
C GLU A 11 -1.34 15.47 2.01
N GLU A 12 -0.30 16.25 2.30
CA GLU A 12 1.06 15.85 1.98
C GLU A 12 1.50 14.72 2.88
N LYS A 13 1.13 14.84 4.15
CA LYS A 13 1.33 13.77 5.11
C LYS A 13 0.59 12.53 4.65
N ARG A 14 -0.67 12.72 4.29
CA ARG A 14 -1.47 11.68 3.69
C ARG A 14 -0.78 11.08 2.47
N ALA A 15 -0.20 11.93 1.66
CA ALA A 15 0.51 11.51 0.46
C ALA A 15 1.74 10.70 0.84
N MET A 16 2.34 11.06 1.96
CA MET A 16 3.45 10.33 2.51
C MET A 16 2.96 9.00 3.10
N ILE A 17 1.73 9.01 3.57
CA ILE A 17 1.08 7.78 4.00
C ILE A 17 0.78 6.91 2.80
N GLU A 18 0.23 7.54 1.77
CA GLU A 18 -0.07 6.87 0.52
C GLU A 18 1.20 6.39 -0.16
N ALA A 19 2.31 6.98 0.22
CA ALA A 19 3.60 6.52 -0.23
C ALA A 19 3.89 5.17 0.41
N LYS A 20 3.70 5.11 1.73
CA LYS A 20 3.81 3.87 2.48
C LYS A 20 2.79 2.85 1.98
N ARG A 21 1.58 3.31 1.73
CA ARG A 21 0.54 2.44 1.22
C ARG A 21 0.86 2.01 -0.19
N GLY A 22 1.50 2.89 -0.93
CA GLY A 22 2.02 2.52 -2.24
C GLY A 22 3.08 1.45 -2.14
N GLU A 23 3.82 1.47 -1.04
CA GLU A 23 4.81 0.46 -0.76
C GLU A 23 4.13 -0.80 -0.27
N ASP A 24 3.05 -0.61 0.49
CA ASP A 24 2.25 -1.70 0.99
C ASP A 24 1.57 -2.40 -0.16
N LEU A 25 1.12 -1.59 -1.09
CA LEU A 25 0.54 -2.05 -2.33
C LEU A 25 1.58 -2.83 -3.10
N LEU A 26 2.78 -2.29 -3.14
CA LEU A 26 3.91 -2.96 -3.76
C LEU A 26 4.25 -4.25 -3.01
N LYS A 27 3.96 -4.29 -1.73
CA LYS A 27 4.12 -5.51 -0.96
C LYS A 27 3.04 -6.50 -1.33
N ALA A 28 1.89 -5.97 -1.70
CA ALA A 28 0.80 -6.80 -2.20
C ALA A 28 1.12 -7.22 -3.62
N GLU A 29 1.96 -6.42 -4.27
CA GLU A 29 2.47 -6.73 -5.58
C GLU A 29 3.50 -7.83 -5.48
N GLU A 30 4.36 -7.71 -4.48
CA GLU A 30 5.29 -8.75 -4.12
C GLU A 30 4.55 -10.02 -3.78
N LEU A 31 3.51 -9.89 -2.98
CA LEU A 31 2.69 -11.04 -2.62
C LEU A 31 2.11 -11.63 -3.88
N ALA A 32 1.68 -10.77 -4.78
CA ALA A 32 1.14 -11.22 -6.05
C ALA A 32 2.22 -11.93 -6.88
N ALA A 33 3.45 -11.47 -6.72
CA ALA A 33 4.59 -12.07 -7.40
C ALA A 33 5.14 -13.26 -6.61
N LYS A 34 4.52 -13.54 -5.48
CA LYS A 34 4.82 -14.74 -4.73
C LYS A 34 3.77 -15.79 -4.98
N TYR A 35 2.54 -15.38 -4.71
CA TYR A 35 1.38 -16.23 -4.85
C TYR A 35 1.38 -16.96 -6.18
N ARG A 36 1.17 -16.23 -7.25
CA ARG A 36 1.27 -16.80 -8.58
C ARG A 36 2.69 -16.72 -9.09
N ALA A 37 3.48 -15.88 -8.42
CA ALA A 37 4.83 -15.55 -8.86
C ALA A 37 4.82 -14.87 -10.21
N THR A 38 3.66 -14.30 -10.53
CA THR A 38 3.46 -13.61 -11.79
C THR A 38 3.57 -12.11 -11.62
N GLY A 39 2.69 -11.59 -10.78
CA GLY A 39 2.57 -10.16 -10.60
C GLY A 39 1.19 -9.80 -10.12
N THR A 40 0.24 -10.69 -10.38
CA THR A 40 -1.06 -10.61 -9.77
C THR A 40 -1.35 -11.89 -9.00
N ALA A 41 -1.95 -11.73 -7.84
CA ALA A 41 -2.26 -12.84 -6.97
C ALA A 41 -3.58 -13.47 -7.40
N PRO A 42 -3.87 -14.72 -6.98
CA PRO A 42 -5.17 -15.35 -7.25
C PRO A 42 -6.33 -14.59 -6.58
N LYS A 43 -6.00 -13.47 -5.96
CA LYS A 43 -6.99 -12.56 -5.46
C LYS A 43 -7.84 -12.05 -6.61
N LYS A 44 -7.20 -11.96 -7.77
CA LYS A 44 -7.90 -11.58 -8.98
C LYS A 44 -8.83 -12.70 -9.44
N ILE A 45 -8.66 -13.89 -8.89
CA ILE A 45 -9.53 -15.01 -9.21
C ILE A 45 -10.69 -15.05 -8.21
N LEU A 46 -10.33 -15.13 -6.94
CA LEU A 46 -11.31 -15.23 -5.86
C LEU A 46 -10.67 -15.03 -4.49
N GLY A 47 -9.35 -15.02 -4.45
CA GLY A 47 -8.66 -14.85 -3.19
C GLY A 47 -7.33 -15.57 -3.18
N ILE A 48 -7.35 -16.87 -2.97
CA ILE A 48 -6.13 -17.64 -2.90
C ILE A 48 -6.40 -19.11 -3.23
N PHE A 49 -5.40 -19.76 -3.80
CA PHE A 49 -5.47 -21.18 -4.13
C PHE A 49 -4.53 -21.96 -3.25
N ASN A 1 -1.52 31.02 2.74
CA ASN A 1 -2.25 31.05 4.03
C ASN A 1 -1.93 29.80 4.83
N LYS A 2 -1.92 29.97 6.15
CA LYS A 2 -1.37 28.99 7.05
C LYS A 2 -2.24 27.76 7.14
N ILE A 3 -3.53 27.95 7.26
CA ILE A 3 -4.43 26.82 7.33
C ILE A 3 -4.38 26.01 6.05
N ALA A 4 -4.21 26.70 4.94
CA ALA A 4 -4.07 26.05 3.65
C ALA A 4 -2.74 25.30 3.61
N LEU A 5 -1.74 25.90 4.23
CA LEU A 5 -0.43 25.29 4.41
C LEU A 5 -0.55 24.02 5.26
N LEU A 6 -1.38 24.08 6.28
CA LEU A 6 -1.61 22.95 7.17
C LEU A 6 -2.55 21.93 6.56
N HIS A 7 -3.50 22.43 5.80
CA HIS A 7 -4.34 21.57 4.98
C HIS A 7 -3.46 20.81 4.01
N LYS A 8 -2.42 21.49 3.58
CA LYS A 8 -1.42 20.91 2.71
C LYS A 8 -0.56 19.94 3.51
N GLU A 9 -0.24 20.31 4.74
CA GLU A 9 0.53 19.45 5.63
C GLU A 9 -0.23 18.15 5.86
N ALA A 10 -1.53 18.29 6.00
CA ALA A 10 -2.42 17.15 6.10
C ALA A 10 -2.42 16.34 4.82
N GLU A 11 -2.42 17.02 3.68
CA GLU A 11 -2.48 16.35 2.40
C GLU A 11 -1.12 15.76 2.03
N GLU A 12 -0.06 16.31 2.62
CA GLU A 12 1.27 15.76 2.46
C GLU A 12 1.41 14.52 3.33
N LYS A 13 0.78 14.56 4.49
CA LYS A 13 0.68 13.40 5.34
C LYS A 13 -0.15 12.33 4.63
N ARG A 14 -1.25 12.77 4.04
CA ARG A 14 -2.06 11.91 3.19
C ARG A 14 -1.22 11.34 2.07
N ALA A 15 -0.43 12.20 1.44
CA ALA A 15 0.44 11.79 0.35
C ALA A 15 1.50 10.82 0.84
N MET A 16 1.90 11.01 2.09
CA MET A 16 2.81 10.10 2.75
C MET A 16 2.11 8.77 3.02
N ILE A 17 0.83 8.85 3.33
CA ILE A 17 0.01 7.67 3.53
C ILE A 17 -0.19 6.96 2.20
N GLU A 18 -0.52 7.74 1.18
CA GLU A 18 -0.69 7.24 -0.17
C GLU A 18 0.61 6.71 -0.71
N ALA A 19 1.70 7.20 -0.17
CA ALA A 19 3.01 6.67 -0.50
C ALA A 19 3.11 5.25 0.03
N LYS A 20 2.70 5.09 1.28
CA LYS A 20 2.66 3.78 1.90
C LYS A 20 1.65 2.88 1.19
N ARG A 21 0.50 3.43 0.87
CA ARG A 21 -0.55 2.66 0.20
C ARG A 21 -0.13 2.29 -1.21
N GLY A 22 0.53 3.21 -1.88
CA GLY A 22 1.08 2.92 -3.19
C GLY A 22 2.13 1.83 -3.12
N GLU A 23 2.84 1.79 -2.02
CA GLU A 23 3.81 0.75 -1.78
C GLU A 23 3.12 -0.49 -1.26
N ASP A 24 2.00 -0.31 -0.57
CA ASP A 24 1.22 -1.42 -0.04
C ASP A 24 0.69 -2.27 -1.16
N LEU A 25 0.23 -1.59 -2.19
CA LEU A 25 -0.16 -2.23 -3.43
C LEU A 25 1.03 -3.00 -3.99
N LEU A 26 2.20 -2.39 -3.95
CA LEU A 26 3.42 -3.02 -4.39
C LEU A 26 3.83 -4.14 -3.44
N LYS A 27 3.42 -4.04 -2.18
CA LYS A 27 3.68 -5.09 -1.22
C LYS A 27 2.80 -6.28 -1.51
N ALA A 28 1.64 -6.00 -2.06
CA ALA A 28 0.75 -7.04 -2.52
C ALA A 28 1.26 -7.58 -3.84
N GLU A 29 2.03 -6.75 -4.54
CA GLU A 29 2.73 -7.16 -5.74
C GLU A 29 3.86 -8.08 -5.36
N GLU A 30 4.58 -7.70 -4.32
CA GLU A 30 5.58 -8.54 -3.71
C GLU A 30 4.96 -9.86 -3.31
N LEU A 31 3.81 -9.79 -2.65
CA LEU A 31 3.10 -10.97 -2.26
C LEU A 31 2.74 -11.77 -3.50
N ALA A 32 2.28 -11.09 -4.52
CA ALA A 32 1.92 -11.75 -5.76
C ALA A 32 3.16 -12.22 -6.52
N ALA A 33 4.33 -11.86 -6.02
CA ALA A 33 5.58 -12.36 -6.55
C ALA A 33 6.07 -13.57 -5.73
N LYS A 34 5.85 -13.50 -4.42
CA LYS A 34 6.25 -14.55 -3.50
C LYS A 34 5.32 -15.73 -3.63
N TYR A 35 4.06 -15.39 -3.55
CA TYR A 35 2.98 -16.36 -3.61
C TYR A 35 2.95 -16.99 -4.98
N ARG A 36 3.30 -16.18 -5.97
CA ARG A 36 3.56 -16.66 -7.32
C ARG A 36 4.63 -17.74 -7.30
N ALA A 37 5.69 -17.50 -6.54
CA ALA A 37 6.79 -18.45 -6.44
C ALA A 37 6.36 -19.66 -5.64
N THR A 38 5.42 -19.46 -4.72
CA THR A 38 4.84 -20.54 -3.96
C THR A 38 4.12 -21.51 -4.88
N GLY A 39 3.36 -20.97 -5.82
CA GLY A 39 2.66 -21.79 -6.80
C GLY A 39 1.25 -22.09 -6.35
N THR A 40 1.13 -22.47 -5.09
CA THR A 40 -0.15 -22.75 -4.47
C THR A 40 -0.82 -21.47 -4.03
N ALA A 41 -1.96 -21.62 -3.33
CA ALA A 41 -2.56 -20.51 -2.58
C ALA A 41 -1.46 -19.67 -1.90
N PRO A 42 -1.74 -18.39 -1.53
CA PRO A 42 -0.73 -17.43 -1.04
C PRO A 42 0.50 -18.07 -0.41
N LYS A 43 0.26 -18.95 0.51
CA LYS A 43 1.26 -19.88 0.98
C LYS A 43 0.59 -21.23 1.01
N LYS A 44 -0.61 -21.14 1.57
CA LYS A 44 -1.54 -22.25 1.74
C LYS A 44 -2.73 -21.71 2.50
N ILE A 45 -2.88 -20.38 2.41
CA ILE A 45 -3.80 -19.65 3.28
C ILE A 45 -5.16 -19.49 2.63
N LEU A 46 -5.19 -19.78 1.32
CA LEU A 46 -6.40 -19.75 0.49
C LEU A 46 -7.25 -18.48 0.65
N GLY A 47 -6.62 -17.41 1.11
CA GLY A 47 -7.33 -16.17 1.36
C GLY A 47 -7.10 -15.11 0.31
N ILE A 48 -6.78 -15.55 -0.91
CA ILE A 48 -6.55 -14.66 -2.07
C ILE A 48 -5.82 -13.36 -1.71
N PHE A 49 -4.68 -13.50 -1.06
CA PHE A 49 -3.89 -12.34 -0.64
C PHE A 49 -2.98 -11.91 -1.79
N ASN A 1 -1.87 30.78 4.18
CA ASN A 1 -2.93 30.79 5.22
C ASN A 1 -2.93 29.48 5.99
N LYS A 2 -3.27 29.55 7.26
CA LYS A 2 -3.10 28.42 8.16
C LYS A 2 -3.85 27.20 7.67
N ILE A 3 -5.15 27.35 7.51
CA ILE A 3 -5.97 26.22 7.13
C ILE A 3 -5.49 25.60 5.83
N ALA A 4 -5.01 26.45 4.95
CA ALA A 4 -4.53 25.99 3.65
C ALA A 4 -3.24 25.20 3.82
N LEU A 5 -2.34 25.67 4.67
CA LEU A 5 -1.10 24.95 4.92
C LEU A 5 -1.36 23.70 5.75
N LEU A 6 -2.49 23.69 6.44
CA LEU A 6 -2.94 22.53 7.18
C LEU A 6 -3.65 21.55 6.28
N HIS A 7 -4.38 22.08 5.32
CA HIS A 7 -4.96 21.27 4.26
C HIS A 7 -3.85 20.60 3.48
N LYS A 8 -2.75 21.33 3.39
CA LYS A 8 -1.56 20.83 2.74
C LYS A 8 -0.77 19.95 3.71
N GLU A 9 -0.92 20.21 5.00
CA GLU A 9 -0.34 19.36 6.03
C GLU A 9 -0.98 17.99 5.93
N ALA A 10 -2.30 18.01 5.81
CA ALA A 10 -3.08 16.81 5.59
C ALA A 10 -2.67 16.12 4.29
N GLU A 11 -2.29 16.91 3.30
CA GLU A 11 -1.93 16.36 2.01
C GLU A 11 -0.48 15.89 2.00
N GLU A 12 0.37 16.51 2.81
CA GLU A 12 1.73 16.04 2.98
C GLU A 12 1.72 14.74 3.75
N LYS A 13 0.79 14.65 4.69
CA LYS A 13 0.49 13.40 5.35
C LYS A 13 0.04 12.38 4.32
N ARG A 14 -0.97 12.75 3.53
CA ARG A 14 -1.43 11.91 2.43
C ARG A 14 -0.29 11.47 1.55
N ALA A 15 0.59 12.40 1.22
CA ALA A 15 1.73 12.12 0.37
C ALA A 15 2.66 11.12 1.02
N MET A 16 2.85 11.24 2.33
CA MET A 16 3.70 10.31 3.05
C MET A 16 2.96 8.99 3.29
N ILE A 17 1.63 9.05 3.18
CA ILE A 17 0.80 7.86 3.24
C ILE A 17 0.82 7.15 1.90
N GLU A 18 0.70 7.94 0.84
CA GLU A 18 0.80 7.43 -0.51
C GLU A 18 2.18 6.87 -0.79
N ALA A 19 3.13 7.34 -0.01
CA ALA A 19 4.47 6.77 -0.03
C ALA A 19 4.41 5.33 0.46
N LYS A 20 3.72 5.16 1.58
CA LYS A 20 3.45 3.85 2.15
C LYS A 20 2.57 3.03 1.23
N ARG A 21 1.52 3.64 0.69
CA ARG A 21 0.59 2.95 -0.17
C ARG A 21 1.25 2.53 -1.46
N GLY A 22 2.11 3.39 -1.99
CA GLY A 22 2.89 3.03 -3.15
C GLY A 22 3.74 1.81 -2.90
N GLU A 23 4.14 1.64 -1.66
CA GLU A 23 4.88 0.47 -1.24
C GLU A 23 3.93 -0.66 -0.88
N ASP A 24 2.78 -0.31 -0.34
CA ASP A 24 1.77 -1.27 0.04
C ASP A 24 1.26 -1.99 -1.18
N LEU A 25 1.09 -1.21 -2.24
CA LEU A 25 0.75 -1.72 -3.54
C LEU A 25 1.85 -2.65 -4.03
N LEU A 26 3.09 -2.25 -3.82
CA LEU A 26 4.25 -3.06 -4.18
C LEU A 26 4.29 -4.33 -3.34
N LYS A 27 3.91 -4.21 -2.09
CA LYS A 27 3.82 -5.35 -1.21
C LYS A 27 2.66 -6.24 -1.61
N ALA A 28 1.63 -5.62 -2.15
CA ALA A 28 0.51 -6.36 -2.70
C ALA A 28 0.93 -7.02 -4.01
N GLU A 29 1.93 -6.43 -4.63
CA GLU A 29 2.56 -6.99 -5.81
C GLU A 29 3.38 -8.20 -5.41
N GLU A 30 4.07 -8.07 -4.29
CA GLU A 30 4.76 -9.20 -3.68
C GLU A 30 3.76 -10.25 -3.26
N LEU A 31 2.64 -9.81 -2.69
CA LEU A 31 1.60 -10.72 -2.28
C LEU A 31 0.95 -11.37 -3.49
N ALA A 32 1.20 -10.79 -4.65
CA ALA A 32 0.78 -11.40 -5.89
C ALA A 32 1.87 -12.28 -6.46
N ALA A 33 3.10 -11.80 -6.40
CA ALA A 33 4.23 -12.48 -7.05
C ALA A 33 4.66 -13.74 -6.30
N LYS A 34 4.73 -13.64 -4.98
CA LYS A 34 5.23 -14.74 -4.16
C LYS A 34 4.17 -15.77 -3.97
N TYR A 35 2.96 -15.26 -3.88
CA TYR A 35 1.80 -16.06 -3.63
C TYR A 35 1.33 -16.70 -4.93
N ARG A 36 1.74 -16.08 -6.04
CA ARG A 36 1.64 -16.69 -7.35
C ARG A 36 2.37 -18.03 -7.34
N ALA A 37 3.51 -18.05 -6.69
CA ALA A 37 4.31 -19.25 -6.54
C ALA A 37 3.78 -20.10 -5.39
N THR A 38 4.37 -21.26 -5.19
CA THR A 38 3.97 -22.13 -4.10
C THR A 38 4.05 -21.39 -2.77
N GLY A 39 5.19 -20.77 -2.52
CA GLY A 39 5.33 -19.92 -1.35
C GLY A 39 4.98 -20.61 -0.05
N THR A 40 5.72 -21.69 0.24
CA THR A 40 5.49 -22.60 1.40
C THR A 40 4.11 -22.51 2.08
N ALA A 41 4.02 -23.13 3.25
CA ALA A 41 2.88 -22.96 4.16
C ALA A 41 2.37 -21.51 4.10
N PRO A 42 1.03 -21.30 4.26
CA PRO A 42 0.18 -20.13 3.83
C PRO A 42 0.80 -18.74 3.56
N LYS A 43 2.09 -18.59 3.54
CA LYS A 43 2.74 -17.40 3.00
C LYS A 43 2.49 -17.32 1.48
N LYS A 44 1.25 -17.56 1.13
CA LYS A 44 0.77 -17.61 -0.23
C LYS A 44 -0.75 -17.54 -0.21
N ILE A 45 -1.24 -16.97 0.91
CA ILE A 45 -2.65 -16.69 1.15
C ILE A 45 -3.41 -16.40 -0.14
N LEU A 46 -4.33 -17.30 -0.46
CA LEU A 46 -5.19 -17.16 -1.63
C LEU A 46 -6.43 -16.32 -1.29
N GLY A 47 -6.47 -15.90 -0.05
CA GLY A 47 -7.59 -15.14 0.47
C GLY A 47 -7.56 -15.14 1.97
N ILE A 48 -7.77 -16.32 2.54
CA ILE A 48 -7.56 -16.53 3.97
C ILE A 48 -7.57 -18.02 4.30
N PHE A 49 -6.59 -18.44 5.07
CA PHE A 49 -6.52 -19.83 5.55
C PHE A 49 -7.07 -19.92 6.96
N ASN A 1 -3.86 31.21 2.81
CA ASN A 1 -4.72 30.64 3.87
C ASN A 1 -3.98 29.56 4.63
N LYS A 2 -4.04 29.65 5.95
CA LYS A 2 -3.32 28.75 6.82
C LYS A 2 -3.99 27.40 6.85
N ILE A 3 -5.30 27.40 6.85
CA ILE A 3 -6.06 26.18 6.79
C ILE A 3 -5.70 25.39 5.54
N ALA A 4 -5.45 26.11 4.46
CA ALA A 4 -5.05 25.50 3.21
C ALA A 4 -3.65 24.94 3.33
N LEU A 5 -2.81 25.66 4.07
CA LEU A 5 -1.48 25.21 4.40
C LEU A 5 -1.54 23.92 5.24
N LEU A 6 -2.52 23.88 6.14
CA LEU A 6 -2.73 22.72 6.99
C LEU A 6 -3.41 21.61 6.25
N HIS A 7 -4.29 21.97 5.33
CA HIS A 7 -4.89 21.03 4.42
C HIS A 7 -3.82 20.41 3.56
N LYS A 8 -2.80 21.21 3.30
CA LYS A 8 -1.63 20.77 2.57
C LYS A 8 -0.77 19.91 3.48
N GLU A 9 -0.75 20.24 4.75
CA GLU A 9 -0.02 19.49 5.74
C GLU A 9 -0.63 18.09 5.85
N ALA A 10 -1.95 18.06 5.94
CA ALA A 10 -2.71 16.82 5.95
C ALA A 10 -2.49 16.06 4.65
N GLU A 11 -2.44 16.81 3.57
CA GLU A 11 -2.27 16.25 2.23
C GLU A 11 -0.85 15.76 2.02
N GLU A 12 0.10 16.47 2.60
CA GLU A 12 1.49 16.09 2.57
C GLU A 12 1.69 14.83 3.41
N LYS A 13 0.96 14.76 4.50
CA LYS A 13 0.89 13.55 5.30
C LYS A 13 0.31 12.43 4.47
N ARG A 14 -0.79 12.73 3.80
CA ARG A 14 -1.42 11.78 2.89
C ARG A 14 -0.42 11.26 1.87
N ALA A 15 0.35 12.17 1.31
CA ALA A 15 1.37 11.82 0.33
C ALA A 15 2.44 10.95 0.97
N MET A 16 2.75 11.25 2.22
CA MET A 16 3.66 10.44 3.01
C MET A 16 3.05 9.06 3.25
N ILE A 17 1.74 9.04 3.42
CA ILE A 17 1.01 7.81 3.59
C ILE A 17 0.98 7.04 2.28
N GLU A 18 0.69 7.74 1.21
CA GLU A 18 0.69 7.16 -0.12
C GLU A 18 2.08 6.69 -0.52
N ALA A 19 3.08 7.32 0.06
CA ALA A 19 4.45 6.91 -0.13
C ALA A 19 4.64 5.52 0.47
N LYS A 20 4.01 5.31 1.61
CA LYS A 20 4.00 4.00 2.24
C LYS A 20 3.06 3.06 1.51
N ARG A 21 1.84 3.52 1.26
CA ARG A 21 0.81 2.66 0.69
C ARG A 21 1.15 2.25 -0.71
N GLY A 22 1.76 3.12 -1.48
CA GLY A 22 2.20 2.76 -2.82
C GLY A 22 3.21 1.63 -2.77
N GLU A 23 4.00 1.63 -1.71
CA GLU A 23 4.99 0.59 -1.48
C GLU A 23 4.33 -0.62 -0.86
N ASP A 24 3.36 -0.37 0.00
CA ASP A 24 2.61 -1.41 0.66
C ASP A 24 1.80 -2.18 -0.37
N LEU A 25 1.25 -1.43 -1.29
CA LEU A 25 0.52 -1.99 -2.40
C LEU A 25 1.47 -2.77 -3.27
N LEU A 26 2.66 -2.23 -3.47
CA LEU A 26 3.72 -2.92 -4.19
C LEU A 26 4.11 -4.19 -3.46
N LYS A 27 4.03 -4.16 -2.14
CA LYS A 27 4.26 -5.34 -1.32
C LYS A 27 3.13 -6.32 -1.51
N ALA A 28 1.93 -5.79 -1.67
CA ALA A 28 0.77 -6.62 -1.94
C ALA A 28 0.83 -7.11 -3.38
N GLU A 29 1.60 -6.38 -4.18
CA GLU A 29 1.91 -6.78 -5.55
C GLU A 29 2.91 -7.91 -5.54
N GLU A 30 3.90 -7.76 -4.67
CA GLU A 30 4.84 -8.82 -4.39
C GLU A 30 4.11 -10.03 -3.89
N LEU A 31 3.19 -9.82 -2.97
CA LEU A 31 2.37 -10.90 -2.46
C LEU A 31 1.52 -11.47 -3.59
N ALA A 32 1.10 -10.58 -4.48
CA ALA A 32 0.34 -11.00 -5.65
C ALA A 32 1.23 -11.72 -6.65
N ALA A 33 2.50 -11.87 -6.30
CA ALA A 33 3.38 -12.76 -7.04
C ALA A 33 3.78 -13.96 -6.16
N LYS A 34 4.36 -13.67 -5.00
CA LYS A 34 5.02 -14.64 -4.14
C LYS A 34 4.23 -15.92 -3.95
N TYR A 35 2.98 -15.72 -3.64
CA TYR A 35 2.07 -16.78 -3.29
C TYR A 35 2.25 -18.03 -4.15
N ARG A 36 2.25 -17.84 -5.45
CA ARG A 36 2.58 -18.93 -6.35
C ARG A 36 4.09 -18.95 -6.63
N ALA A 37 4.61 -17.77 -6.87
CA ALA A 37 6.00 -17.57 -7.26
C ALA A 37 6.14 -16.10 -7.61
N THR A 38 7.23 -15.48 -7.18
CA THR A 38 7.35 -14.03 -7.27
C THR A 38 7.49 -13.51 -8.71
N GLY A 39 6.99 -14.29 -9.65
CA GLY A 39 6.91 -13.87 -11.03
C GLY A 39 5.60 -14.32 -11.66
N THR A 40 4.53 -14.31 -10.86
CA THR A 40 3.22 -14.73 -11.35
C THR A 40 2.14 -13.73 -10.97
N ALA A 41 1.13 -13.64 -11.83
CA ALA A 41 -0.03 -12.78 -11.60
C ALA A 41 -0.83 -13.24 -10.38
N PRO A 42 -1.60 -12.33 -9.74
CA PRO A 42 -2.40 -12.60 -8.53
C PRO A 42 -3.36 -13.79 -8.60
N LYS A 43 -3.29 -14.55 -9.69
CA LYS A 43 -4.02 -15.80 -9.84
C LYS A 43 -3.55 -16.83 -8.81
N LYS A 44 -3.76 -16.50 -7.54
CA LYS A 44 -3.36 -17.34 -6.41
C LYS A 44 -3.57 -16.61 -5.07
N ILE A 45 -3.93 -15.33 -5.10
CA ILE A 45 -4.13 -14.60 -3.85
C ILE A 45 -5.59 -14.64 -3.40
N LEU A 46 -6.49 -14.73 -4.36
CA LEU A 46 -7.93 -14.74 -4.11
C LEU A 46 -8.66 -15.05 -5.41
N GLY A 47 -7.95 -15.75 -6.26
CA GLY A 47 -8.38 -15.92 -7.62
C GLY A 47 -7.70 -14.92 -8.52
N ILE A 48 -8.12 -13.67 -8.41
CA ILE A 48 -7.50 -12.57 -9.13
C ILE A 48 -8.32 -11.30 -8.90
N PHE A 49 -7.70 -10.14 -9.13
CA PHE A 49 -8.39 -8.87 -9.01
C PHE A 49 -9.42 -8.70 -10.11
N ASN A 1 -3.15 31.21 3.97
CA ASN A 1 -3.91 30.92 5.22
C ASN A 1 -3.45 29.60 5.82
N LYS A 2 -3.48 29.53 7.14
CA LYS A 2 -2.85 28.46 7.88
C LYS A 2 -3.58 27.15 7.72
N ILE A 3 -4.89 27.20 7.75
CA ILE A 3 -5.67 25.99 7.59
C ILE A 3 -5.39 25.37 6.24
N ALA A 4 -5.18 26.21 5.24
CA ALA A 4 -4.87 25.74 3.90
C ALA A 4 -3.47 25.13 3.90
N LEU A 5 -2.58 25.76 4.66
CA LEU A 5 -1.24 25.24 4.89
C LEU A 5 -1.31 23.89 5.58
N LEU A 6 -2.27 23.74 6.48
CA LEU A 6 -2.46 22.51 7.22
C LEU A 6 -3.20 21.49 6.38
N HIS A 7 -4.07 21.97 5.52
CA HIS A 7 -4.70 21.12 4.52
C HIS A 7 -3.63 20.55 3.62
N LYS A 8 -2.62 21.37 3.41
CA LYS A 8 -1.44 20.99 2.66
C LYS A 8 -0.63 20.00 3.48
N GLU A 9 -0.53 20.26 4.77
CA GLU A 9 0.17 19.36 5.68
C GLU A 9 -0.52 18.01 5.67
N ALA A 10 -1.84 18.05 5.73
CA ALA A 10 -2.66 16.85 5.65
C ALA A 10 -2.47 16.14 4.33
N GLU A 11 -2.29 16.93 3.29
CA GLU A 11 -2.13 16.42 1.95
C GLU A 11 -0.71 15.88 1.74
N GLU A 12 0.25 16.51 2.38
CA GLU A 12 1.62 16.02 2.42
C GLU A 12 1.67 14.74 3.24
N LYS A 13 0.91 14.75 4.31
CA LYS A 13 0.70 13.55 5.11
C LYS A 13 0.12 12.46 4.24
N ARG A 14 -0.96 12.79 3.54
CA ARG A 14 -1.54 11.88 2.56
C ARG A 14 -0.48 11.38 1.60
N ALA A 15 0.38 12.28 1.17
CA ALA A 15 1.44 11.94 0.24
C ALA A 15 2.42 10.96 0.87
N MET A 16 2.69 11.12 2.17
CA MET A 16 3.56 10.20 2.86
C MET A 16 2.80 8.93 3.23
N ILE A 17 1.48 9.01 3.18
CA ILE A 17 0.64 7.84 3.34
C ILE A 17 0.56 7.07 2.04
N GLU A 18 0.46 7.83 0.95
CA GLU A 18 0.51 7.27 -0.38
C GLU A 18 1.87 6.67 -0.66
N ALA A 19 2.86 7.17 0.05
CA ALA A 19 4.18 6.58 0.00
C ALA A 19 4.12 5.18 0.58
N LYS A 20 3.38 5.06 1.67
CA LYS A 20 3.13 3.79 2.30
C LYS A 20 2.21 2.93 1.46
N ARG A 21 1.14 3.54 0.94
CA ARG A 21 0.16 2.82 0.14
C ARG A 21 0.73 2.36 -1.17
N GLY A 22 1.52 3.23 -1.80
CA GLY A 22 2.20 2.83 -3.02
C GLY A 22 3.13 1.66 -2.78
N GLU A 23 3.67 1.61 -1.58
CA GLU A 23 4.50 0.51 -1.15
C GLU A 23 3.65 -0.66 -0.73
N ASP A 24 2.52 -0.38 -0.12
CA ASP A 24 1.60 -1.42 0.33
C ASP A 24 1.03 -2.13 -0.87
N LEU A 25 0.76 -1.35 -1.90
CA LEU A 25 0.35 -1.85 -3.18
C LEU A 25 1.45 -2.74 -3.74
N LEU A 26 2.67 -2.23 -3.68
CA LEU A 26 3.83 -2.97 -4.11
C LEU A 26 4.06 -4.20 -3.23
N LYS A 27 3.63 -4.12 -1.99
CA LYS A 27 3.69 -5.27 -1.10
C LYS A 27 2.67 -6.28 -1.52
N ALA A 28 1.53 -5.80 -1.99
CA ALA A 28 0.50 -6.67 -2.52
C ALA A 28 0.94 -7.20 -3.88
N GLU A 29 1.86 -6.47 -4.49
CA GLU A 29 2.50 -6.87 -5.73
C GLU A 29 3.55 -7.92 -5.44
N GLU A 30 4.28 -7.69 -4.36
CA GLU A 30 5.16 -8.70 -3.81
C GLU A 30 4.38 -9.94 -3.47
N LEU A 31 3.25 -9.75 -2.83
CA LEU A 31 2.39 -10.86 -2.51
C LEU A 31 1.97 -11.54 -3.78
N ALA A 32 1.60 -10.76 -4.78
CA ALA A 32 1.19 -11.32 -6.05
C ALA A 32 2.37 -11.90 -6.81
N ALA A 33 3.57 -11.67 -6.30
CA ALA A 33 4.77 -12.27 -6.86
C ALA A 33 5.19 -13.50 -6.07
N LYS A 34 5.11 -13.40 -4.75
CA LYS A 34 5.50 -14.47 -3.86
C LYS A 34 4.48 -15.57 -3.86
N TYR A 35 3.24 -15.14 -3.77
CA TYR A 35 2.11 -16.04 -3.73
C TYR A 35 1.87 -16.62 -5.10
N ARG A 36 2.33 -15.90 -6.11
CA ARG A 36 2.40 -16.41 -7.47
C ARG A 36 3.32 -17.63 -7.49
N ALA A 37 4.43 -17.53 -6.78
CA ALA A 37 5.33 -18.65 -6.60
C ALA A 37 5.05 -19.30 -5.25
N THR A 38 3.79 -19.72 -5.09
CA THR A 38 3.20 -20.09 -3.80
C THR A 38 4.17 -20.85 -2.90
N GLY A 39 4.44 -22.11 -3.25
CA GLY A 39 5.27 -22.97 -2.40
C GLY A 39 4.85 -22.93 -0.94
N THR A 40 3.56 -22.75 -0.68
CA THR A 40 3.06 -22.51 0.66
C THR A 40 1.62 -22.99 0.80
N ALA A 41 1.07 -22.77 1.99
CA ALA A 41 -0.33 -23.01 2.29
C ALA A 41 -1.24 -22.09 1.44
N PRO A 42 -2.56 -21.93 1.76
CA PRO A 42 -3.43 -20.90 1.14
C PRO A 42 -2.87 -19.47 1.17
N LYS A 43 -1.62 -19.33 1.61
CA LYS A 43 -0.88 -18.08 1.57
C LYS A 43 -0.72 -17.60 0.12
N LYS A 44 -1.85 -17.29 -0.49
CA LYS A 44 -1.92 -16.89 -1.89
C LYS A 44 -3.35 -16.55 -2.30
N ILE A 45 -4.33 -17.06 -1.55
CA ILE A 45 -5.72 -16.72 -1.82
C ILE A 45 -6.26 -15.82 -0.71
N LEU A 46 -5.51 -15.77 0.37
CA LEU A 46 -5.79 -14.93 1.51
C LEU A 46 -4.60 -14.99 2.43
N GLY A 47 -4.68 -14.40 3.61
CA GLY A 47 -3.63 -14.55 4.60
C GLY A 47 -3.29 -16.01 4.82
N ILE A 48 -4.30 -16.77 5.22
CA ILE A 48 -4.17 -18.22 5.39
C ILE A 48 -5.43 -18.76 6.05
N PHE A 49 -5.73 -20.04 5.83
CA PHE A 49 -6.85 -20.68 6.51
C PHE A 49 -6.43 -21.08 7.91
N ASN A 1 -2.18 30.39 2.82
CA ASN A 1 -3.08 30.63 3.98
C ASN A 1 -2.99 29.46 4.95
N LYS A 2 -3.11 29.73 6.23
CA LYS A 2 -2.81 28.77 7.26
C LYS A 2 -3.58 27.48 7.09
N ILE A 3 -4.88 27.59 6.93
CA ILE A 3 -5.71 26.41 6.77
C ILE A 3 -5.28 25.60 5.57
N ALA A 4 -4.86 26.29 4.52
CA ALA A 4 -4.38 25.64 3.31
C ALA A 4 -3.02 25.02 3.56
N LEU A 5 -2.24 25.68 4.40
CA LEU A 5 -0.96 25.19 4.86
C LEU A 5 -1.15 23.91 5.67
N LEU A 6 -2.25 23.88 6.42
CA LEU A 6 -2.60 22.72 7.23
C LEU A 6 -3.27 21.65 6.40
N HIS A 7 -4.07 22.08 5.45
CA HIS A 7 -4.63 21.18 4.46
C HIS A 7 -3.50 20.53 3.70
N LYS A 8 -2.42 21.29 3.57
CA LYS A 8 -1.21 20.81 2.95
C LYS A 8 -0.49 19.87 3.89
N GLU A 9 -0.48 20.23 5.17
CA GLU A 9 0.14 19.40 6.18
C GLU A 9 -0.57 18.05 6.23
N ALA A 10 -1.88 18.11 6.07
CA ALA A 10 -2.71 16.94 5.95
C ALA A 10 -2.41 16.17 4.67
N GLU A 11 -2.19 16.90 3.58
CA GLU A 11 -1.96 16.29 2.30
C GLU A 11 -0.53 15.74 2.22
N GLU A 12 0.33 16.25 3.10
CA GLU A 12 1.68 15.72 3.23
C GLU A 12 1.63 14.41 3.97
N LYS A 13 0.76 14.33 4.95
CA LYS A 13 0.46 13.08 5.62
C LYS A 13 -0.18 12.14 4.63
N ARG A 14 -1.11 12.67 3.84
CA ARG A 14 -1.69 11.94 2.73
C ARG A 14 -0.61 11.44 1.80
N ALA A 15 0.33 12.29 1.49
CA ALA A 15 1.44 11.97 0.59
C ALA A 15 2.31 10.89 1.22
N MET A 16 2.45 10.96 2.53
CA MET A 16 3.13 9.94 3.30
C MET A 16 2.36 8.63 3.23
N ILE A 17 1.03 8.75 3.24
CA ILE A 17 0.16 7.62 3.07
C ILE A 17 0.24 7.08 1.65
N GLU A 18 0.24 7.99 0.70
CA GLU A 18 0.36 7.65 -0.70
C GLU A 18 1.71 7.01 -0.98
N ALA A 19 2.68 7.36 -0.16
CA ALA A 19 3.97 6.73 -0.22
C ALA A 19 3.84 5.28 0.23
N LYS A 20 3.13 5.11 1.34
CA LYS A 20 2.84 3.79 1.87
C LYS A 20 1.95 3.01 0.92
N ARG A 21 0.95 3.66 0.35
CA ARG A 21 0.01 3.02 -0.54
C ARG A 21 0.67 2.65 -1.86
N GLY A 22 1.48 3.55 -2.39
CA GLY A 22 2.22 3.25 -3.59
C GLY A 22 3.13 2.06 -3.40
N GLU A 23 3.59 1.89 -2.17
CA GLU A 23 4.39 0.75 -1.81
C GLU A 23 3.49 -0.42 -1.45
N ASP A 24 2.36 -0.13 -0.86
CA ASP A 24 1.41 -1.14 -0.41
C ASP A 24 0.88 -1.92 -1.59
N LEU A 25 0.65 -1.19 -2.66
CA LEU A 25 0.28 -1.76 -3.92
C LEU A 25 1.40 -2.69 -4.38
N LEU A 26 2.63 -2.24 -4.25
CA LEU A 26 3.79 -3.02 -4.60
C LEU A 26 4.00 -4.16 -3.61
N LYS A 27 3.56 -3.97 -2.38
CA LYS A 27 3.61 -5.01 -1.38
C LYS A 27 2.66 -6.12 -1.77
N ALA A 28 1.54 -5.71 -2.33
CA ALA A 28 0.56 -6.65 -2.83
C ALA A 28 1.06 -7.28 -4.11
N GLU A 29 2.02 -6.61 -4.74
CA GLU A 29 2.70 -7.13 -5.90
C GLU A 29 3.73 -8.14 -5.48
N GLU A 30 4.49 -7.78 -4.46
CA GLU A 30 5.40 -8.71 -3.80
C GLU A 30 4.65 -9.93 -3.35
N LEU A 31 3.55 -9.70 -2.66
CA LEU A 31 2.73 -10.80 -2.19
C LEU A 31 2.24 -11.61 -3.37
N ALA A 32 1.89 -10.94 -4.45
CA ALA A 32 1.42 -11.63 -5.64
C ALA A 32 2.55 -12.36 -6.33
N ALA A 33 3.79 -11.99 -6.01
CA ALA A 33 4.96 -12.66 -6.55
C ALA A 33 5.38 -13.83 -5.66
N LYS A 34 5.13 -13.69 -4.37
CA LYS A 34 5.47 -14.71 -3.40
C LYS A 34 4.37 -15.73 -3.34
N TYR A 35 3.19 -15.20 -3.09
CA TYR A 35 1.98 -16.00 -2.92
C TYR A 35 1.58 -16.62 -4.23
N ARG A 36 2.20 -16.14 -5.30
CA ARG A 36 2.19 -16.84 -6.57
C ARG A 36 2.52 -18.31 -6.35
N ALA A 37 3.31 -18.56 -5.30
CA ALA A 37 3.60 -19.90 -4.86
C ALA A 37 3.45 -20.01 -3.33
N THR A 38 2.21 -20.06 -2.83
CA THR A 38 2.00 -20.14 -1.40
C THR A 38 1.93 -21.57 -0.89
N GLY A 39 0.86 -22.28 -1.22
CA GLY A 39 0.56 -23.52 -0.54
C GLY A 39 0.37 -23.24 0.94
N THR A 40 1.29 -23.75 1.74
CA THR A 40 1.53 -23.40 3.16
C THR A 40 0.47 -22.48 3.86
N ALA A 41 0.96 -21.85 4.93
CA ALA A 41 0.31 -20.73 5.65
C ALA A 41 -0.60 -19.81 4.77
N PRO A 42 -0.58 -18.45 4.94
CA PRO A 42 -1.76 -17.59 5.13
C PRO A 42 -3.15 -18.18 4.91
N LYS A 43 -3.41 -18.80 3.77
CA LYS A 43 -4.70 -19.42 3.55
C LYS A 43 -4.63 -20.32 2.36
N LYS A 44 -3.42 -20.77 2.09
CA LYS A 44 -3.10 -21.50 0.89
C LYS A 44 -3.48 -20.64 -0.30
N ILE A 45 -2.69 -19.61 -0.51
CA ILE A 45 -2.97 -18.64 -1.55
C ILE A 45 -2.37 -19.11 -2.86
N LEU A 46 -2.95 -20.17 -3.40
CA LEU A 46 -2.50 -20.82 -4.63
C LEU A 46 -1.01 -21.22 -4.57
N GLY A 47 -0.58 -22.02 -5.53
CA GLY A 47 0.83 -22.38 -5.62
C GLY A 47 1.31 -23.16 -4.42
N ILE A 48 2.61 -23.11 -4.16
CA ILE A 48 3.19 -23.73 -2.98
C ILE A 48 4.67 -23.34 -2.83
N PHE A 49 5.01 -22.76 -1.67
CA PHE A 49 6.40 -22.42 -1.35
C PHE A 49 7.24 -23.69 -1.23
N ASN A 1 -5.10 30.54 1.52
CA ASN A 1 -5.69 30.48 2.87
C ASN A 1 -5.08 29.36 3.68
N LYS A 2 -4.96 29.62 4.98
CA LYS A 2 -4.18 28.81 5.90
C LYS A 2 -4.67 27.39 5.99
N ILE A 3 -5.98 27.23 6.00
CA ILE A 3 -6.54 25.91 6.11
C ILE A 3 -6.14 25.07 4.91
N ALA A 4 -6.06 25.70 3.75
CA ALA A 4 -5.62 25.01 2.55
C ALA A 4 -4.16 24.62 2.68
N LEU A 5 -3.39 25.50 3.30
CA LEU A 5 -2.00 25.25 3.61
C LEU A 5 -1.87 24.04 4.53
N LEU A 6 -2.77 23.96 5.50
CA LEU A 6 -2.80 22.86 6.45
C LEU A 6 -3.37 21.60 5.83
N HIS A 7 -4.36 21.79 4.98
CA HIS A 7 -4.90 20.71 4.19
C HIS A 7 -3.81 20.14 3.31
N LYS A 8 -2.90 21.02 2.94
CA LYS A 8 -1.73 20.64 2.18
C LYS A 8 -0.76 19.88 3.07
N GLU A 9 -0.60 20.36 4.29
CA GLU A 9 0.24 19.69 5.26
C GLU A 9 -0.29 18.28 5.52
N ALA A 10 -1.61 18.21 5.63
CA ALA A 10 -2.30 16.95 5.79
C ALA A 10 -2.13 16.06 4.57
N GLU A 11 -2.17 16.66 3.38
CA GLU A 11 -2.09 15.89 2.16
C GLU A 11 -0.66 15.44 1.88
N GLU A 12 0.30 16.18 2.42
CA GLU A 12 1.70 15.81 2.31
C GLU A 12 2.00 14.70 3.31
N LYS A 13 1.35 14.80 4.45
CA LYS A 13 1.33 13.73 5.43
C LYS A 13 0.72 12.49 4.80
N ARG A 14 -0.47 12.67 4.23
CA ARG A 14 -1.12 11.61 3.49
C ARG A 14 -0.19 11.04 2.44
N ALA A 15 0.54 11.92 1.78
CA ALA A 15 1.47 11.53 0.73
C ALA A 15 2.63 10.73 1.28
N MET A 16 3.05 11.04 2.51
CA MET A 16 4.12 10.29 3.14
C MET A 16 3.55 9.01 3.74
N ILE A 17 2.24 8.98 3.92
CA ILE A 17 1.54 7.78 4.33
C ILE A 17 1.32 6.89 3.13
N GLU A 18 0.88 7.50 2.05
CA GLU A 18 0.71 6.82 0.79
C GLU A 18 2.05 6.45 0.18
N ALA A 19 3.10 6.99 0.75
CA ALA A 19 4.43 6.54 0.43
C ALA A 19 4.62 5.13 0.98
N LYS A 20 4.16 4.95 2.20
CA LYS A 20 4.18 3.66 2.86
C LYS A 20 3.10 2.74 2.29
N ARG A 21 1.88 3.26 2.18
CA ARG A 21 0.77 2.47 1.68
C ARG A 21 0.93 2.16 0.21
N GLY A 22 1.60 3.06 -0.51
CA GLY A 22 1.94 2.78 -1.89
C GLY A 22 2.91 1.64 -1.98
N GLU A 23 3.74 1.53 -0.97
CA GLU A 23 4.66 0.43 -0.85
C GLU A 23 3.97 -0.80 -0.30
N ASP A 24 3.01 -0.58 0.60
CA ASP A 24 2.21 -1.66 1.15
C ASP A 24 1.42 -2.33 0.05
N LEU A 25 0.83 -1.50 -0.78
CA LEU A 25 0.15 -1.93 -1.97
C LEU A 25 1.14 -2.66 -2.88
N LEU A 26 2.35 -2.13 -2.97
CA LEU A 26 3.42 -2.76 -3.73
C LEU A 26 3.84 -4.08 -3.08
N LYS A 27 3.74 -4.15 -1.76
CA LYS A 27 4.04 -5.38 -1.05
C LYS A 27 2.99 -6.41 -1.39
N ALA A 28 1.76 -5.94 -1.57
CA ALA A 28 0.68 -6.81 -1.99
C ALA A 28 0.85 -7.15 -3.47
N GLU A 29 1.53 -6.27 -4.18
CA GLU A 29 1.90 -6.51 -5.56
C GLU A 29 3.00 -7.54 -5.61
N GLU A 30 3.94 -7.37 -4.69
CA GLU A 30 5.01 -8.31 -4.49
C GLU A 30 4.45 -9.66 -4.12
N LEU A 31 3.44 -9.65 -3.26
CA LEU A 31 2.77 -10.87 -2.90
C LEU A 31 2.11 -11.42 -4.14
N ALA A 32 1.48 -10.56 -4.92
CA ALA A 32 0.84 -10.99 -6.15
C ALA A 32 1.88 -11.47 -7.16
N ALA A 33 3.13 -11.07 -6.98
CA ALA A 33 4.23 -11.57 -7.78
C ALA A 33 4.71 -12.93 -7.29
N LYS A 34 4.60 -13.15 -5.98
CA LYS A 34 4.97 -14.42 -5.37
C LYS A 34 3.91 -15.44 -5.63
N TYR A 35 2.71 -15.05 -5.29
CA TYR A 35 1.52 -15.86 -5.45
C TYR A 35 1.17 -16.04 -6.91
N ARG A 36 1.73 -15.16 -7.74
CA ARG A 36 1.70 -15.34 -9.18
C ARG A 36 2.22 -16.74 -9.52
N ALA A 37 3.19 -17.18 -8.73
CA ALA A 37 3.62 -18.56 -8.78
C ALA A 37 2.60 -19.41 -8.04
N THR A 38 1.96 -20.32 -8.76
CA THR A 38 0.82 -21.07 -8.25
C THR A 38 1.23 -22.15 -7.25
N GLY A 39 2.39 -21.99 -6.65
CA GLY A 39 2.79 -22.86 -5.57
C GLY A 39 2.47 -22.21 -4.23
N THR A 40 1.52 -21.30 -4.29
CA THR A 40 1.15 -20.49 -3.15
C THR A 40 -0.32 -20.68 -2.81
N ALA A 41 -0.77 -19.96 -1.80
CA ALA A 41 -2.18 -19.91 -1.47
C ALA A 41 -2.95 -19.16 -2.57
N PRO A 42 -4.29 -19.35 -2.64
CA PRO A 42 -5.16 -18.60 -3.57
C PRO A 42 -5.15 -17.09 -3.35
N LYS A 43 -4.27 -16.63 -2.47
CA LYS A 43 -4.07 -15.21 -2.22
C LYS A 43 -3.46 -14.53 -3.45
N LYS A 44 -4.20 -14.62 -4.55
CA LYS A 44 -3.82 -14.08 -5.84
C LYS A 44 -4.97 -14.23 -6.83
N ILE A 45 -5.96 -15.05 -6.46
CA ILE A 45 -7.15 -15.19 -7.29
C ILE A 45 -8.37 -14.60 -6.61
N LEU A 46 -8.51 -14.85 -5.31
CA LEU A 46 -9.62 -14.31 -4.54
C LEU A 46 -9.36 -14.44 -3.04
N GLY A 47 -8.09 -14.51 -2.69
CA GLY A 47 -7.70 -14.58 -1.29
C GLY A 47 -7.80 -15.98 -0.72
N ILE A 48 -9.00 -16.51 -0.72
CA ILE A 48 -9.25 -17.82 -0.15
C ILE A 48 -10.12 -18.64 -1.11
N PHE A 49 -9.59 -19.78 -1.53
CA PHE A 49 -10.24 -20.61 -2.52
C PHE A 49 -9.76 -22.05 -2.36
N ASN A 1 -1.05 30.78 2.67
CA ASN A 1 -1.74 31.04 3.96
C ASN A 1 -1.62 29.83 4.87
N LYS A 2 -1.62 30.05 6.17
CA LYS A 2 -1.29 29.00 7.11
C LYS A 2 -2.25 27.84 7.02
N ILE A 3 -3.53 28.13 7.05
CA ILE A 3 -4.54 27.09 6.99
C ILE A 3 -4.36 26.26 5.73
N ALA A 4 -3.99 26.92 4.65
CA ALA A 4 -3.78 26.23 3.38
C ALA A 4 -2.50 25.40 3.46
N LEU A 5 -1.51 25.95 4.16
CA LEU A 5 -0.29 25.24 4.46
C LEU A 5 -0.58 23.99 5.28
N LEU A 6 -1.48 24.12 6.23
CA LEU A 6 -1.85 23.03 7.12
C LEU A 6 -2.78 22.07 6.42
N HIS A 7 -3.63 22.61 5.56
CA HIS A 7 -4.45 21.79 4.69
C HIS A 7 -3.55 20.96 3.81
N LYS A 8 -2.46 21.58 3.40
CA LYS A 8 -1.46 20.93 2.60
C LYS A 8 -0.66 19.96 3.46
N GLU A 9 -0.51 20.30 4.73
CA GLU A 9 0.16 19.44 5.68
C GLU A 9 -0.61 18.13 5.80
N ALA A 10 -1.92 18.27 5.93
CA ALA A 10 -2.82 17.13 5.97
C ALA A 10 -2.76 16.32 4.68
N GLU A 11 -2.62 17.03 3.56
CA GLU A 11 -2.56 16.40 2.25
C GLU A 11 -1.18 15.81 1.99
N GLU A 12 -0.17 16.44 2.56
CA GLU A 12 1.19 15.98 2.48
C GLU A 12 1.35 14.71 3.30
N LYS A 13 0.69 14.69 4.44
CA LYS A 13 0.55 13.50 5.24
C LYS A 13 -0.17 12.43 4.45
N ARG A 14 -1.31 12.79 3.90
CA ARG A 14 -2.06 11.90 3.03
C ARG A 14 -1.17 11.33 1.93
N ALA A 15 -0.32 12.20 1.39
CA ALA A 15 0.61 11.82 0.34
C ALA A 15 1.62 10.82 0.84
N MET A 16 2.10 11.00 2.07
CA MET A 16 3.05 10.06 2.65
C MET A 16 2.32 8.79 3.06
N ILE A 17 1.01 8.90 3.24
CA ILE A 17 0.18 7.75 3.49
C ILE A 17 -0.03 6.97 2.20
N GLU A 18 -0.35 7.71 1.16
CA GLU A 18 -0.49 7.13 -0.17
C GLU A 18 0.82 6.56 -0.65
N ALA A 19 1.91 7.08 -0.11
CA ALA A 19 3.22 6.51 -0.36
C ALA A 19 3.29 5.13 0.26
N LYS A 20 2.99 5.08 1.55
CA LYS A 20 2.92 3.82 2.28
C LYS A 20 1.94 2.85 1.63
N ARG A 21 0.77 3.35 1.29
CA ARG A 21 -0.26 2.51 0.72
C ARG A 21 0.14 2.03 -0.66
N GLY A 22 0.79 2.90 -1.42
CA GLY A 22 1.32 2.50 -2.71
C GLY A 22 2.40 1.46 -2.57
N GLU A 23 3.15 1.55 -1.49
CA GLU A 23 4.16 0.57 -1.17
C GLU A 23 3.52 -0.70 -0.65
N ASP A 24 2.47 -0.53 0.12
CA ASP A 24 1.71 -1.65 0.66
C ASP A 24 1.07 -2.42 -0.48
N LEU A 25 0.61 -1.67 -1.46
CA LEU A 25 0.05 -2.25 -2.65
C LEU A 25 1.15 -2.98 -3.40
N LEU A 26 2.31 -2.37 -3.47
CA LEU A 26 3.46 -2.97 -4.10
C LEU A 26 3.95 -4.17 -3.30
N LYS A 27 3.72 -4.16 -2.00
CA LYS A 27 4.02 -5.32 -1.17
C LYS A 27 3.06 -6.42 -1.49
N ALA A 28 1.84 -6.05 -1.83
CA ALA A 28 0.86 -7.02 -2.29
C ALA A 28 1.20 -7.47 -3.69
N GLU A 29 1.92 -6.62 -4.39
CA GLU A 29 2.44 -6.93 -5.71
C GLU A 29 3.59 -7.90 -5.57
N GLU A 30 4.45 -7.63 -4.61
CA GLU A 30 5.48 -8.56 -4.21
C GLU A 30 4.87 -9.87 -3.81
N LEU A 31 3.82 -9.80 -3.02
CA LEU A 31 3.11 -11.00 -2.62
C LEU A 31 2.60 -11.69 -3.87
N ALA A 32 2.04 -10.93 -4.79
CA ALA A 32 1.54 -11.49 -6.02
C ALA A 32 2.66 -12.08 -6.87
N ALA A 33 3.88 -11.60 -6.65
CA ALA A 33 5.04 -12.11 -7.35
C ALA A 33 5.62 -13.35 -6.65
N LYS A 34 5.55 -13.36 -5.33
CA LYS A 34 6.05 -14.47 -4.54
C LYS A 34 5.07 -15.62 -4.57
N TYR A 35 3.84 -15.26 -4.34
CA TYR A 35 2.74 -16.19 -4.29
C TYR A 35 2.48 -16.75 -5.68
N ARG A 36 2.85 -15.95 -6.67
CA ARG A 36 2.96 -16.40 -8.05
C ARG A 36 3.77 -17.68 -8.12
N ALA A 37 4.92 -17.65 -7.47
CA ALA A 37 5.77 -18.81 -7.35
C ALA A 37 5.58 -19.43 -5.98
N THR A 38 4.35 -19.92 -5.76
CA THR A 38 3.85 -20.30 -4.45
C THR A 38 4.88 -21.05 -3.61
N GLY A 39 5.18 -22.29 -3.98
CA GLY A 39 6.06 -23.12 -3.17
C GLY A 39 5.64 -23.18 -1.72
N THR A 40 4.33 -23.09 -1.49
CA THR A 40 3.78 -22.96 -0.15
C THR A 40 2.33 -23.45 -0.11
N ALA A 41 1.71 -23.31 1.06
CA ALA A 41 0.29 -23.55 1.25
C ALA A 41 -0.55 -22.65 0.32
N PRO A 42 -1.90 -22.74 0.36
CA PRO A 42 -2.82 -21.76 -0.26
C PRO A 42 -2.53 -20.29 0.05
N LYS A 43 -1.41 -20.02 0.71
CA LYS A 43 -0.91 -18.67 0.91
C LYS A 43 -0.63 -18.00 -0.45
N LYS A 44 -1.71 -17.77 -1.18
CA LYS A 44 -1.67 -17.23 -2.53
C LYS A 44 -3.06 -17.21 -3.15
N ILE A 45 -3.99 -18.00 -2.59
CA ILE A 45 -5.33 -18.09 -3.15
C ILE A 45 -6.16 -16.86 -2.78
N LEU A 46 -6.35 -16.69 -1.48
CA LEU A 46 -7.20 -15.63 -0.97
C LEU A 46 -6.59 -15.08 0.31
N GLY A 47 -5.37 -15.48 0.55
CA GLY A 47 -4.70 -15.20 1.80
C GLY A 47 -4.00 -16.44 2.29
N ILE A 48 -4.72 -17.25 3.05
CA ILE A 48 -4.21 -18.51 3.56
C ILE A 48 -5.28 -19.21 4.38
N PHE A 49 -5.41 -20.51 4.19
CA PHE A 49 -6.37 -21.30 4.94
C PHE A 49 -5.90 -22.75 5.04
N ASN A 1 -3.27 30.71 2.37
CA ASN A 1 -3.78 30.84 3.75
C ASN A 1 -3.40 29.62 4.56
N LYS A 2 -3.22 29.78 5.87
CA LYS A 2 -2.63 28.73 6.68
C LYS A 2 -3.43 27.45 6.63
N ILE A 3 -4.74 27.58 6.79
CA ILE A 3 -5.59 26.41 6.77
C ILE A 3 -5.43 25.64 5.46
N ALA A 4 -5.26 26.37 4.38
CA ALA A 4 -5.08 25.75 3.07
C ALA A 4 -3.71 25.10 3.00
N LEU A 5 -2.74 25.74 3.64
CA LEU A 5 -1.41 25.18 3.82
C LEU A 5 -1.50 23.89 4.62
N LEU A 6 -2.34 23.90 5.64
CA LEU A 6 -2.54 22.75 6.51
C LEU A 6 -3.37 21.69 5.83
N HIS A 7 -4.28 22.12 4.98
CA HIS A 7 -5.02 21.20 4.12
C HIS A 7 -4.05 20.47 3.22
N LYS A 8 -2.96 21.15 2.93
CA LYS A 8 -1.90 20.60 2.14
C LYS A 8 -0.95 19.80 3.02
N GLU A 9 -0.79 20.23 4.27
CA GLU A 9 -0.02 19.49 5.25
C GLU A 9 -0.67 18.14 5.44
N ALA A 10 -1.99 18.16 5.52
CA ALA A 10 -2.79 16.96 5.62
C ALA A 10 -2.55 16.05 4.42
N GLU A 11 -2.41 16.66 3.25
CA GLU A 11 -2.24 15.90 2.03
C GLU A 11 -0.78 15.49 1.84
N GLU A 12 0.14 16.20 2.50
CA GLU A 12 1.54 15.82 2.54
C GLU A 12 1.71 14.66 3.49
N LYS A 13 1.00 14.74 4.60
CA LYS A 13 0.87 13.63 5.53
C LYS A 13 0.26 12.44 4.82
N ARG A 14 -0.81 12.72 4.09
CA ARG A 14 -1.44 11.73 3.23
C ARG A 14 -0.41 11.13 2.28
N ALA A 15 0.38 12.00 1.67
CA ALA A 15 1.40 11.58 0.73
C ALA A 15 2.48 10.77 1.44
N MET A 16 2.70 11.10 2.70
CA MET A 16 3.60 10.34 3.54
C MET A 16 3.01 8.97 3.82
N ILE A 17 1.69 8.93 3.99
CA ILE A 17 0.99 7.69 4.16
C ILE A 17 0.96 6.89 2.87
N GLU A 18 0.76 7.60 1.77
CA GLU A 18 0.79 7.02 0.44
C GLU A 18 2.18 6.49 0.13
N ALA A 19 3.18 7.06 0.79
CA ALA A 19 4.54 6.59 0.65
C ALA A 19 4.67 5.20 1.26
N LYS A 20 3.87 4.95 2.28
CA LYS A 20 3.79 3.65 2.88
C LYS A 20 2.80 2.77 2.13
N ARG A 21 1.60 3.29 1.89
CA ARG A 21 0.55 2.51 1.28
C ARG A 21 0.86 2.14 -0.15
N GLY A 22 1.50 3.05 -0.88
CA GLY A 22 1.90 2.74 -2.23
C GLY A 22 2.92 1.64 -2.27
N GLU A 23 3.72 1.57 -1.23
CA GLU A 23 4.72 0.53 -1.09
C GLU A 23 4.11 -0.71 -0.49
N ASP A 24 3.12 -0.52 0.37
CA ASP A 24 2.39 -1.63 0.94
C ASP A 24 1.60 -2.32 -0.14
N LEU A 25 1.09 -1.49 -1.05
CA LEU A 25 0.41 -1.95 -2.22
C LEU A 25 1.39 -2.73 -3.08
N LEU A 26 2.59 -2.18 -3.24
CA LEU A 26 3.65 -2.83 -3.99
C LEU A 26 4.10 -4.12 -3.29
N LYS A 27 4.07 -4.11 -1.97
CA LYS A 27 4.37 -5.32 -1.21
C LYS A 27 3.28 -6.34 -1.44
N ALA A 28 2.07 -5.86 -1.66
CA ALA A 28 0.96 -6.72 -2.01
C ALA A 28 1.05 -7.09 -3.49
N GLU A 29 1.79 -6.28 -4.24
CA GLU A 29 2.10 -6.58 -5.62
C GLU A 29 3.16 -7.65 -5.68
N GLU A 30 4.11 -7.52 -4.79
CA GLU A 30 5.09 -8.56 -4.55
C GLU A 30 4.39 -9.83 -4.16
N LEU A 31 3.45 -9.70 -3.24
CA LEU A 31 2.66 -10.83 -2.84
C LEU A 31 1.94 -11.38 -4.05
N ALA A 32 1.39 -10.49 -4.85
CA ALA A 32 0.69 -10.90 -6.05
C ALA A 32 1.62 -11.64 -7.01
N ALA A 33 2.90 -11.27 -6.99
CA ALA A 33 3.90 -11.92 -7.81
C ALA A 33 4.35 -13.26 -7.22
N LYS A 34 4.48 -13.29 -5.89
CA LYS A 34 4.92 -14.49 -5.18
C LYS A 34 3.83 -15.51 -5.16
N TYR A 35 2.65 -15.02 -4.92
CA TYR A 35 1.46 -15.83 -4.85
C TYR A 35 1.09 -16.32 -6.23
N ARG A 36 1.32 -15.47 -7.23
CA ARG A 36 1.18 -15.86 -8.62
C ARG A 36 2.02 -17.11 -8.88
N ALA A 37 3.18 -17.16 -8.23
CA ALA A 37 3.98 -18.35 -8.22
C ALA A 37 3.32 -19.37 -7.29
N THR A 38 2.57 -20.29 -7.88
CA THR A 38 1.71 -21.19 -7.13
C THR A 38 2.49 -22.27 -6.38
N GLY A 39 3.75 -21.98 -6.10
CA GLY A 39 4.51 -22.81 -5.19
C GLY A 39 4.23 -22.41 -3.76
N THR A 40 3.22 -21.57 -3.63
CA THR A 40 2.78 -21.05 -2.35
C THR A 40 1.58 -21.84 -1.83
N ALA A 41 1.09 -21.43 -0.68
CA ALA A 41 -0.14 -21.97 -0.12
C ALA A 41 -1.34 -21.30 -0.79
N PRO A 42 -2.60 -21.68 -0.47
CA PRO A 42 -3.79 -20.94 -0.91
C PRO A 42 -3.77 -19.48 -0.45
N LYS A 43 -2.68 -19.08 0.18
CA LYS A 43 -2.41 -17.69 0.48
C LYS A 43 -2.57 -16.83 -0.78
N LYS A 44 -2.40 -17.48 -1.91
CA LYS A 44 -2.51 -16.83 -3.21
C LYS A 44 -3.96 -16.59 -3.62
N ILE A 45 -4.92 -17.14 -2.89
CA ILE A 45 -6.34 -16.91 -3.19
C ILE A 45 -7.13 -16.58 -1.94
N LEU A 46 -8.03 -15.60 -2.11
CA LEU A 46 -8.95 -15.14 -1.06
C LEU A 46 -8.32 -15.07 0.32
N GLY A 47 -7.06 -14.70 0.36
CA GLY A 47 -6.33 -14.65 1.60
C GLY A 47 -5.63 -15.95 1.89
N ILE A 48 -6.42 -17.00 2.13
CA ILE A 48 -5.91 -18.33 2.41
C ILE A 48 -7.07 -19.22 2.87
N PHE A 49 -6.86 -20.53 2.84
CA PHE A 49 -7.85 -21.47 3.37
C PHE A 49 -7.60 -21.69 4.85
N ASN A 1 -1.46 31.52 3.79
CA ASN A 1 -2.48 31.23 4.82
C ASN A 1 -2.13 29.93 5.54
N LYS A 2 -2.20 30.01 6.86
CA LYS A 2 -1.79 28.93 7.73
C LYS A 2 -2.67 27.71 7.55
N ILE A 3 -3.95 27.93 7.40
CA ILE A 3 -4.88 26.84 7.24
C ILE A 3 -4.58 26.09 5.95
N ALA A 4 -4.19 26.83 4.93
CA ALA A 4 -3.82 26.25 3.66
C ALA A 4 -2.53 25.47 3.82
N LEU A 5 -1.64 26.02 4.64
CA LEU A 5 -0.41 25.36 5.02
C LEU A 5 -0.71 24.04 5.73
N LEU A 6 -1.66 24.07 6.65
CA LEU A 6 -2.04 22.89 7.41
C LEU A 6 -2.84 21.93 6.56
N HIS A 7 -3.70 22.47 5.74
CA HIS A 7 -4.43 21.68 4.75
C HIS A 7 -3.45 20.97 3.84
N LYS A 8 -2.31 21.61 3.67
CA LYS A 8 -1.23 21.04 2.90
C LYS A 8 -0.48 20.01 3.73
N GLU A 9 -0.32 20.29 5.02
CA GLU A 9 0.31 19.35 5.94
C GLU A 9 -0.49 18.07 5.96
N ALA A 10 -1.80 18.23 6.00
CA ALA A 10 -2.74 17.13 5.94
C ALA A 10 -2.63 16.39 4.61
N GLU A 11 -2.46 17.12 3.53
CA GLU A 11 -2.41 16.53 2.21
C GLU A 11 -1.05 15.87 1.98
N GLU A 12 -0.02 16.35 2.68
CA GLU A 12 1.28 15.72 2.65
C GLU A 12 1.22 14.41 3.40
N LYS A 13 0.45 14.40 4.47
CA LYS A 13 0.17 13.19 5.20
C LYS A 13 -0.54 12.21 4.29
N ARG A 14 -1.56 12.69 3.60
CA ARG A 14 -2.24 11.90 2.59
C ARG A 14 -1.24 11.35 1.59
N ALA A 15 -0.35 12.21 1.14
CA ALA A 15 0.65 11.84 0.17
C ALA A 15 1.60 10.79 0.74
N MET A 16 1.94 10.92 2.02
CA MET A 16 2.81 9.95 2.67
C MET A 16 2.04 8.65 2.93
N ILE A 17 0.72 8.77 2.99
CA ILE A 17 -0.15 7.63 3.13
C ILE A 17 -0.25 6.91 1.81
N GLU A 18 -0.46 7.68 0.76
CA GLU A 18 -0.50 7.15 -0.59
C GLU A 18 0.87 6.66 -1.00
N ALA A 19 1.89 7.17 -0.32
CA ALA A 19 3.23 6.65 -0.48
C ALA A 19 3.30 5.27 0.11
N LYS A 20 2.81 5.14 1.34
CA LYS A 20 2.68 3.87 2.01
C LYS A 20 1.84 2.91 1.19
N ARG A 21 0.67 3.38 0.77
CA ARG A 21 -0.26 2.54 0.04
C ARG A 21 0.30 2.17 -1.33
N GLY A 22 0.95 3.12 -1.98
CA GLY A 22 1.60 2.82 -3.23
C GLY A 22 2.67 1.76 -3.08
N GLU A 23 3.30 1.75 -1.91
CA GLU A 23 4.29 0.75 -1.60
C GLU A 23 3.63 -0.51 -1.06
N ASP A 24 2.52 -0.33 -0.39
CA ASP A 24 1.78 -1.45 0.17
C ASP A 24 1.20 -2.27 -0.95
N LEU A 25 0.79 -1.57 -1.98
CA LEU A 25 0.36 -2.15 -3.23
C LEU A 25 1.52 -2.90 -3.86
N LEU A 26 2.70 -2.30 -3.83
CA LEU A 26 3.91 -2.92 -4.32
C LEU A 26 4.27 -4.14 -3.48
N LYS A 27 4.02 -4.05 -2.19
CA LYS A 27 4.23 -5.17 -1.29
C LYS A 27 3.19 -6.23 -1.55
N ALA A 28 2.04 -5.82 -2.04
CA ALA A 28 1.01 -6.76 -2.45
C ALA A 28 1.36 -7.32 -3.81
N GLU A 29 2.17 -6.58 -4.55
CA GLU A 29 2.74 -7.05 -5.80
C GLU A 29 3.79 -8.09 -5.50
N GLU A 30 4.59 -7.79 -4.49
CA GLU A 30 5.49 -8.76 -3.90
C GLU A 30 4.71 -9.99 -3.49
N LEU A 31 3.60 -9.77 -2.81
CA LEU A 31 2.74 -10.84 -2.39
C LEU A 31 2.28 -11.62 -3.60
N ALA A 32 1.88 -10.91 -4.64
CA ALA A 32 1.44 -11.57 -5.86
C ALA A 32 2.58 -12.36 -6.48
N ALA A 33 3.81 -11.91 -6.27
CA ALA A 33 4.98 -12.60 -6.78
C ALA A 33 5.36 -13.78 -5.88
N LYS A 34 5.04 -13.68 -4.60
CA LYS A 34 5.36 -14.70 -3.63
C LYS A 34 4.31 -15.78 -3.64
N TYR A 35 3.09 -15.32 -3.73
CA TYR A 35 1.92 -16.17 -3.75
C TYR A 35 1.80 -16.85 -5.09
N ARG A 36 2.44 -16.25 -6.09
CA ARG A 36 2.68 -16.90 -7.36
C ARG A 36 3.49 -18.18 -7.12
N ALA A 37 4.41 -18.09 -6.18
CA ALA A 37 5.12 -19.25 -5.68
C ALA A 37 4.37 -19.77 -4.46
N THR A 38 5.08 -20.31 -3.49
CA THR A 38 4.43 -20.67 -2.25
C THR A 38 4.69 -19.62 -1.17
N GLY A 39 5.92 -19.55 -0.68
CA GLY A 39 6.29 -18.59 0.32
C GLY A 39 5.69 -18.87 1.70
N THR A 40 4.38 -19.01 1.73
CA THR A 40 3.63 -19.13 2.96
C THR A 40 2.59 -20.24 2.88
N ALA A 41 1.81 -20.36 3.96
CA ALA A 41 0.64 -21.24 4.03
C ALA A 41 -0.37 -20.93 2.88
N PRO A 42 -1.65 -21.40 2.92
CA PRO A 42 -2.66 -21.01 1.91
C PRO A 42 -2.76 -19.50 1.67
N LYS A 43 -2.02 -18.70 2.43
CA LYS A 43 -1.85 -17.30 2.15
C LYS A 43 -1.08 -17.14 0.83
N LYS A 44 -1.76 -17.51 -0.24
CA LYS A 44 -1.21 -17.51 -1.59
C LYS A 44 -2.24 -18.06 -2.58
N ILE A 45 -3.26 -18.75 -2.04
CA ILE A 45 -4.38 -19.20 -2.86
C ILE A 45 -5.64 -18.45 -2.44
N LEU A 46 -5.54 -17.80 -1.31
CA LEU A 46 -6.60 -16.97 -0.76
C LEU A 46 -6.08 -16.36 0.54
N GLY A 47 -6.93 -15.65 1.27
CA GLY A 47 -6.52 -15.08 2.54
C GLY A 47 -6.37 -16.12 3.64
N ILE A 48 -5.49 -17.10 3.38
CA ILE A 48 -5.18 -18.20 4.32
C ILE A 48 -6.45 -18.78 4.98
N PHE A 49 -7.47 -19.00 4.16
CA PHE A 49 -8.76 -19.52 4.62
C PHE A 49 -9.34 -18.63 5.73
#